data_6TZI
#
_entry.id   6TZI
#
_cell.length_a   88.928
_cell.length_b   81.103
_cell.length_c   105.938
_cell.angle_alpha   90.000
_cell.angle_beta   113.060
_cell.angle_gamma   90.000
#
_symmetry.space_group_name_H-M   'P 1 21 1'
#
loop_
_entity.id
_entity.type
_entity.pdbx_description
1 polymer Beta-lactamase
2 non-polymer 'phosphonooxy-[[4-[[2,2,2-tris(fluoranyl)ethylsulfonylamino]methyl]-1,2,3-triazol-1-yl]methyl]borinic acid'
3 water water
#
_entity_poly.entity_id   1
_entity_poly.type   'polypeptide(L)'
_entity_poly.pdbx_seq_one_letter_code
;MDNTPKDQEIKKLVDQNFKPLLEKYDVPGMAVGVIQNNKKYEMYYGLQSVQDKKAVNSNTIFELGSVSKLFTATAGGYAK
NKGKISFDDTPGKYWKELKNTPIDQVNLLQLATYTSGNLALQFPDEVQTDQQVLTFFKDWKPKNPIGEYRQYSNPSIGLF
GKVVALSMNKPFDQVLEKTIFPALGLKHSYVNVPKTQMQNYAFGYNQENQPIRVNPGPLDAPAYGVKSTLPDMLSFIHAN
LNPQKYPTDIQRAINETHQGRYQVNTMYQALGWEEFSYPATLQTLLDSNSEQIVMKPNKVTAISKEPSVKMYHKTGSTSG
FGTYVVFIPKENIGLVMLTNKRIPNEERIKAAYVVLNAIKK
;
_entity_poly.pdbx_strand_id   A,B,C,D
#
loop_
_chem_comp.id
_chem_comp.type
_chem_comp.name
_chem_comp.formula
P1K non-polymer 'phosphonooxy-[[4-[[2,2,2-tris(fluoranyl)ethylsulfonylamino]methyl]-1,2,3-triazol-1-yl]methyl]borinic acid' 'C6 H11 B F3 N4 O7 P S'
#
# COMPACT_ATOMS: atom_id res chain seq x y z
N LYS A 6 7.45 10.06 -10.82
CA LYS A 6 6.70 10.29 -9.53
C LYS A 6 7.26 11.49 -8.78
N ASP A 7 8.60 11.66 -8.84
CA ASP A 7 9.29 12.74 -8.15
C ASP A 7 8.80 14.08 -8.68
N GLN A 8 8.38 14.09 -9.96
CA GLN A 8 7.95 15.31 -10.62
C GLN A 8 6.53 15.67 -10.20
N GLU A 9 6.03 15.02 -9.15
CA GLU A 9 4.71 15.32 -8.61
C GLU A 9 4.83 16.09 -7.29
N ILE A 10 6.01 16.05 -6.64
CA ILE A 10 6.14 16.70 -5.34
C ILE A 10 5.81 18.21 -5.45
N LYS A 11 6.45 18.93 -6.38
CA LYS A 11 6.14 20.35 -6.56
C LYS A 11 4.65 20.57 -6.81
N LYS A 12 4.06 19.79 -7.72
CA LYS A 12 2.67 19.95 -8.10
C LYS A 12 1.80 19.86 -6.85
N LEU A 13 1.97 18.78 -6.08
CA LEU A 13 1.16 18.58 -4.88
C LEU A 13 1.34 19.72 -3.88
N VAL A 14 2.59 20.15 -3.68
CA VAL A 14 2.78 21.25 -2.74
C VAL A 14 2.09 22.50 -3.26
N ASP A 15 2.18 22.76 -4.57
CA ASP A 15 1.46 23.89 -5.17
C ASP A 15 -0.04 23.78 -4.93
N GLN A 16 -0.61 22.58 -5.10
CA GLN A 16 -2.06 22.40 -4.98
C GLN A 16 -2.54 22.64 -3.56
N ASN A 17 -1.73 22.33 -2.54
CA ASN A 17 -2.21 22.19 -1.17
C ASN A 17 -1.74 23.32 -0.25
N PHE A 18 -0.55 23.85 -0.52
CA PHE A 18 0.03 24.91 0.30
C PHE A 18 -0.14 26.28 -0.35
N LYS A 19 0.07 26.37 -1.67
CA LYS A 19 0.09 27.64 -2.36
C LYS A 19 -1.20 28.43 -2.12
N PRO A 20 -2.41 27.83 -2.19
CA PRO A 20 -3.64 28.63 -2.02
C PRO A 20 -3.74 29.32 -0.66
N LEU A 21 -2.99 28.85 0.33
CA LEU A 21 -3.13 29.39 1.67
C LEU A 21 -2.59 30.83 1.75
N LEU A 22 -1.71 31.21 0.82
CA LEU A 22 -1.12 32.56 0.81
C LEU A 22 -2.22 33.60 0.57
N GLU A 23 -3.04 33.38 -0.47
CA GLU A 23 -4.17 34.24 -0.78
C GLU A 23 -5.28 34.15 0.26
N LYS A 24 -5.59 32.93 0.72
CA LYS A 24 -6.66 32.74 1.70
C LYS A 24 -6.39 33.50 3.00
N TYR A 25 -5.14 33.52 3.48
CA TYR A 25 -4.82 34.15 4.75
C TYR A 25 -3.96 35.41 4.59
N ASP A 26 -3.75 35.87 3.35
CA ASP A 26 -2.90 37.03 3.06
C ASP A 26 -1.53 36.86 3.71
N VAL A 27 -0.88 35.71 3.42
CA VAL A 27 0.44 35.42 3.98
C VAL A 27 1.48 35.94 3.00
N PRO A 28 2.42 36.82 3.40
CA PRO A 28 3.39 37.37 2.46
C PRO A 28 4.33 36.29 1.89
N GLY A 29 4.79 35.36 2.75
CA GLY A 29 5.83 34.41 2.32
C GLY A 29 5.73 33.04 3.00
N MET A 30 6.27 32.00 2.34
CA MET A 30 6.11 30.63 2.81
C MET A 30 7.22 29.77 2.23
N ALA A 31 7.75 28.85 3.05
CA ALA A 31 8.71 27.84 2.61
C ALA A 31 8.18 26.47 3.04
N VAL A 32 8.05 25.59 2.04
CA VAL A 32 7.61 24.22 2.28
C VAL A 32 8.68 23.25 1.77
N GLY A 33 9.13 22.39 2.67
CA GLY A 33 10.14 21.39 2.38
C GLY A 33 9.55 19.99 2.51
N VAL A 34 9.95 19.10 1.58
CA VAL A 34 9.60 17.71 1.72
C VAL A 34 10.90 16.93 1.60
N ILE A 35 11.02 15.91 2.43
CA ILE A 35 12.11 14.97 2.27
C ILE A 35 11.53 13.58 2.08
N GLN A 36 12.09 12.84 1.11
CA GLN A 36 11.55 11.54 0.84
C GLN A 36 12.70 10.68 0.35
N ASN A 37 13.01 9.60 1.08
CA ASN A 37 14.07 8.67 0.70
C ASN A 37 15.39 9.42 0.55
N ASN A 38 15.68 10.29 1.51
CA ASN A 38 16.93 11.02 1.60
C ASN A 38 17.06 12.12 0.54
N LYS A 39 16.00 12.37 -0.26
CA LYS A 39 16.01 13.42 -1.27
C LYS A 39 15.19 14.63 -0.81
N LYS A 40 15.74 15.85 -0.91
CA LYS A 40 15.06 17.03 -0.39
C LYS A 40 14.41 17.84 -1.49
N TYR A 41 13.24 18.44 -1.17
CA TYR A 41 12.55 19.30 -2.11
C TYR A 41 12.20 20.58 -1.38
N GLU A 42 12.58 21.73 -1.95
CA GLU A 42 12.26 23.02 -1.35
C GLU A 42 11.37 23.85 -2.28
N MET A 43 10.28 24.37 -1.69
CA MET A 43 9.28 25.13 -2.40
C MET A 43 9.16 26.49 -1.71
N TYR A 44 9.50 27.55 -2.44
CA TYR A 44 9.48 28.90 -1.89
C TYR A 44 8.41 29.73 -2.59
N TYR A 45 7.75 30.61 -1.82
CA TYR A 45 6.63 31.41 -2.26
C TYR A 45 6.68 32.80 -1.62
N GLY A 46 6.49 33.83 -2.45
CA GLY A 46 6.22 35.15 -1.93
C GLY A 46 7.47 35.74 -1.25
N LEU A 47 7.26 36.60 -0.25
CA LEU A 47 8.26 37.55 0.20
C LEU A 47 8.58 37.30 1.67
N GLN A 48 9.88 37.40 2.00
CA GLN A 48 10.30 37.41 3.39
C GLN A 48 10.12 38.80 4.01
N SER A 49 10.17 39.86 3.18
CA SER A 49 9.90 41.22 3.63
C SER A 49 9.04 41.92 2.59
N VAL A 50 7.83 42.36 2.98
CA VAL A 50 6.92 43.06 2.08
C VAL A 50 7.55 44.40 1.68
N GLN A 51 8.02 45.14 2.68
CA GLN A 51 8.51 46.51 2.44
C GLN A 51 9.73 46.48 1.54
N ASP A 52 10.57 45.44 1.67
CA ASP A 52 11.84 45.35 0.94
C ASP A 52 11.68 44.58 -0.37
N LYS A 53 10.51 43.98 -0.64
CA LYS A 53 10.29 43.19 -1.85
C LYS A 53 11.32 42.09 -1.98
N LYS A 54 11.67 41.50 -0.84
CA LYS A 54 12.68 40.47 -0.76
C LYS A 54 12.00 39.11 -0.72
N ALA A 55 12.37 38.25 -1.67
CA ALA A 55 11.77 36.94 -1.87
C ALA A 55 12.21 35.95 -0.79
N VAL A 56 11.31 35.02 -0.44
CA VAL A 56 11.71 33.87 0.35
C VAL A 56 12.63 33.00 -0.50
N ASN A 57 13.72 32.56 0.14
CA ASN A 57 14.70 31.70 -0.50
C ASN A 57 15.35 30.81 0.55
N SER A 58 16.36 30.02 0.14
CA SER A 58 16.96 29.05 1.03
C SER A 58 17.73 29.74 2.17
N ASN A 59 17.95 31.07 2.08
CA ASN A 59 18.65 31.80 3.12
C ASN A 59 17.68 32.42 4.14
N THR A 60 16.38 32.38 3.83
CA THR A 60 15.38 33.03 4.68
C THR A 60 15.30 32.35 6.05
N ILE A 61 15.45 33.18 7.11
CA ILE A 61 15.38 32.75 8.51
C ILE A 61 13.98 33.05 9.04
N PHE A 62 13.27 32.01 9.51
CA PHE A 62 11.95 32.16 10.12
C PHE A 62 11.98 31.84 11.63
N GLU A 63 11.07 32.43 12.41
CA GLU A 63 10.92 32.06 13.82
C GLU A 63 10.15 30.75 13.93
N LEU A 64 10.66 29.79 14.70
CA LEU A 64 9.99 28.49 14.74
C LEU A 64 8.93 28.43 15.83
N GLY A 65 8.91 29.40 16.74
CA GLY A 65 7.99 29.31 17.88
C GLY A 65 8.14 27.99 18.66
N SER A 66 7.02 27.31 18.90
CA SER A 66 6.99 26.15 19.80
C SER A 66 7.77 24.99 19.20
N VAL A 67 8.07 25.08 17.91
CA VAL A 67 8.94 24.05 17.33
C VAL A 67 10.35 24.06 17.94
N SER A 68 10.76 25.19 18.52
CA SER A 68 11.96 25.29 19.34
C SER A 68 11.98 24.22 20.44
N LYS A 69 10.81 23.87 20.97
CA LYS A 69 10.67 22.88 22.03
C LYS A 69 11.30 21.56 21.60
N LEU A 70 11.32 21.27 20.28
CA LEU A 70 11.98 20.04 19.82
C LEU A 70 13.50 20.06 20.04
N PHE A 71 14.09 21.25 19.91
CA PHE A 71 15.51 21.43 20.14
C PHE A 71 15.84 21.33 21.63
N THR A 72 14.97 21.90 22.45
CA THR A 72 15.13 21.80 23.90
C THR A 72 15.11 20.33 24.34
N ALA A 73 14.15 19.57 23.80
CA ALA A 73 14.00 18.15 24.12
C ALA A 73 15.22 17.35 23.66
N THR A 74 15.70 17.64 22.45
CA THR A 74 16.89 16.98 21.93
C THR A 74 18.07 17.30 22.82
N ALA A 75 18.14 18.56 23.29
CA ALA A 75 19.24 18.99 24.15
C ALA A 75 19.15 18.24 25.49
N GLY A 76 17.92 17.97 25.95
CA GLY A 76 17.72 17.18 27.16
C GLY A 76 18.21 15.74 26.95
N GLY A 77 17.80 15.15 25.83
CA GLY A 77 18.19 13.80 25.43
C GLY A 77 19.72 13.64 25.33
N TYR A 78 20.39 14.69 24.86
CA TYR A 78 21.84 14.67 24.72
C TYR A 78 22.47 14.69 26.11
N ALA A 79 21.87 15.48 27.01
CA ALA A 79 22.44 15.68 28.33
C ALA A 79 22.22 14.41 29.17
N LYS A 80 21.07 13.75 28.97
CA LYS A 80 20.82 12.52 29.69
C LYS A 80 21.82 11.44 29.25
N ASN A 81 22.11 11.38 27.96
CA ASN A 81 22.90 10.27 27.46
C ASN A 81 24.40 10.50 27.69
N LYS A 82 24.78 11.76 27.97
CA LYS A 82 26.15 12.06 28.38
C LYS A 82 26.29 11.95 29.89
N GLY A 83 25.21 11.52 30.56
CA GLY A 83 25.16 11.29 31.99
C GLY A 83 24.99 12.54 32.84
N LYS A 84 24.66 13.68 32.22
CA LYS A 84 24.71 14.96 32.92
C LYS A 84 23.44 15.17 33.74
N ILE A 85 22.34 14.54 33.34
CA ILE A 85 21.08 14.62 34.06
C ILE A 85 20.42 13.26 33.99
N SER A 86 19.43 13.05 34.89
CA SER A 86 18.51 11.93 34.82
C SER A 86 17.10 12.50 34.79
N PHE A 87 16.20 11.85 34.07
CA PHE A 87 14.84 12.36 33.94
C PHE A 87 14.09 12.22 35.26
N ASP A 88 14.71 11.48 36.20
CA ASP A 88 14.22 11.27 37.55
C ASP A 88 14.64 12.39 38.50
N ASP A 89 15.71 13.12 38.17
CA ASP A 89 16.16 14.24 38.99
C ASP A 89 15.06 15.29 39.09
N THR A 90 15.19 16.15 40.10
CA THR A 90 14.29 17.28 40.32
C THR A 90 15.09 18.55 40.02
N PRO A 91 14.47 19.69 39.63
CA PRO A 91 15.24 20.85 39.20
C PRO A 91 16.21 21.34 40.29
N GLY A 92 15.82 21.07 41.55
CA GLY A 92 16.53 21.56 42.72
C GLY A 92 17.95 21.04 42.81
N LYS A 93 18.20 19.87 42.21
CA LYS A 93 19.55 19.32 42.14
C LYS A 93 20.45 20.25 41.31
N TYR A 94 19.87 21.00 40.35
CA TYR A 94 20.68 21.82 39.46
C TYR A 94 20.47 23.30 39.75
N TRP A 95 19.20 23.69 39.93
CA TRP A 95 18.93 25.07 40.35
C TRP A 95 18.83 25.06 41.88
N LYS A 96 20.02 25.15 42.50
CA LYS A 96 20.21 25.26 43.94
C LYS A 96 19.62 26.60 44.40
N GLU A 97 18.37 26.53 44.88
CA GLU A 97 17.60 27.71 45.23
C GLU A 97 16.13 27.32 45.17
N LEU A 98 15.84 26.29 44.35
CA LEU A 98 14.49 25.78 44.26
C LEU A 98 14.32 24.58 45.20
N LYS A 99 15.44 24.18 45.83
CA LYS A 99 15.43 23.15 46.87
C LYS A 99 14.29 23.35 47.86
N ASN A 100 13.66 22.23 48.22
CA ASN A 100 12.69 22.14 49.29
C ASN A 100 11.44 22.96 48.99
N THR A 101 11.34 23.49 47.76
CA THR A 101 10.12 24.17 47.34
C THR A 101 9.20 23.14 46.70
N PRO A 102 7.88 23.37 46.72
CA PRO A 102 6.93 22.44 46.09
C PRO A 102 7.21 22.07 44.63
N ILE A 103 7.93 22.93 43.89
CA ILE A 103 8.34 22.62 42.52
C ILE A 103 9.35 21.46 42.53
N ASP A 104 10.18 21.37 43.58
CA ASP A 104 11.27 20.41 43.64
C ASP A 104 10.78 19.02 44.00
N GLN A 105 9.47 18.80 43.92
CA GLN A 105 8.89 17.47 43.93
C GLN A 105 8.51 17.08 42.50
N VAL A 106 8.75 18.00 41.55
CA VAL A 106 8.48 17.67 40.16
C VAL A 106 9.80 17.24 39.52
N ASN A 107 9.75 16.18 38.73
CA ASN A 107 11.01 15.72 38.14
C ASN A 107 11.14 16.28 36.73
N LEU A 108 12.29 16.02 36.09
CA LEU A 108 12.64 16.72 34.88
C LEU A 108 11.74 16.30 33.73
N LEU A 109 11.30 15.03 33.73
CA LEU A 109 10.45 14.48 32.70
C LEU A 109 9.08 15.14 32.74
N GLN A 110 8.60 15.33 33.97
CA GLN A 110 7.26 15.85 34.21
C GLN A 110 7.16 17.27 33.66
N LEU A 111 8.22 18.04 33.86
CA LEU A 111 8.32 19.41 33.36
C LEU A 111 8.33 19.45 31.82
N ALA A 112 9.16 18.57 31.24
CA ALA A 112 9.36 18.50 29.81
C ALA A 112 8.05 18.14 29.14
N THR A 113 7.21 17.38 29.85
CA THR A 113 6.01 16.79 29.30
C THR A 113 4.73 17.35 29.94
N TYR A 114 4.88 18.48 30.63
CA TYR A 114 3.82 19.42 30.98
C TYR A 114 2.92 18.92 32.12
N THR A 115 3.45 18.13 33.06
CA THR A 115 2.52 17.43 33.96
C THR A 115 2.76 17.76 35.43
N SER A 116 3.40 18.90 35.70
CA SER A 116 3.51 19.51 37.01
C SER A 116 2.16 19.64 37.72
N GLY A 117 1.05 19.79 36.97
CA GLY A 117 -0.27 19.92 37.55
C GLY A 117 -0.70 21.34 37.92
N ASN A 118 0.23 22.31 37.81
CA ASN A 118 -0.09 23.72 38.01
C ASN A 118 0.80 24.64 37.18
N LEU A 119 0.88 24.42 35.87
CA LEU A 119 1.56 25.41 35.04
C LEU A 119 0.74 25.69 33.80
N ALA A 120 0.61 27.00 33.49
CA ALA A 120 -0.27 27.49 32.44
C ALA A 120 0.52 27.62 31.13
N LEU A 121 -0.18 27.87 30.01
CA LEU A 121 0.51 28.14 28.76
C LEU A 121 1.58 29.22 28.92
N GLN A 122 1.28 30.32 29.61
CA GLN A 122 2.30 31.35 29.75
C GLN A 122 2.54 31.70 31.21
N PHE A 123 3.75 32.20 31.48
CA PHE A 123 4.10 32.95 32.67
C PHE A 123 3.18 34.18 32.76
N PRO A 124 2.98 34.77 33.95
CA PRO A 124 2.25 36.05 34.06
C PRO A 124 3.04 37.21 33.45
N ASP A 125 2.35 38.16 32.79
CA ASP A 125 3.00 39.20 31.99
C ASP A 125 4.00 39.96 32.84
N GLU A 126 3.68 40.07 34.15
CA GLU A 126 4.45 40.79 35.14
C GLU A 126 5.84 40.19 35.33
N VAL A 127 6.01 38.89 35.01
CA VAL A 127 7.27 38.18 35.16
C VAL A 127 8.15 38.41 33.94
N GLN A 128 9.37 38.92 34.16
CA GLN A 128 10.24 39.34 33.07
C GLN A 128 11.70 39.08 33.42
N THR A 129 12.10 39.45 34.63
CA THR A 129 13.49 39.39 35.04
C THR A 129 13.82 37.95 35.42
N ASP A 130 15.13 37.62 35.39
CA ASP A 130 15.67 36.41 35.98
C ASP A 130 15.14 36.26 37.40
N GLN A 131 14.95 37.41 38.06
CA GLN A 131 14.62 37.49 39.47
C GLN A 131 13.14 37.16 39.68
N GLN A 132 12.28 37.60 38.74
CA GLN A 132 10.84 37.33 38.85
C GLN A 132 10.58 35.86 38.53
N VAL A 133 11.46 35.27 37.72
CA VAL A 133 11.35 33.89 37.27
C VAL A 133 11.59 32.98 38.46
N LEU A 134 12.73 33.19 39.14
CA LEU A 134 13.10 32.49 40.35
C LEU A 134 12.00 32.58 41.43
N THR A 135 11.37 33.75 41.54
CA THR A 135 10.32 33.99 42.52
C THR A 135 9.08 33.17 42.17
N PHE A 136 8.71 33.16 40.88
CA PHE A 136 7.49 32.50 40.44
C PHE A 136 7.52 31.04 40.87
N PHE A 137 8.73 30.44 40.80
CA PHE A 137 8.94 29.00 40.95
C PHE A 137 8.96 28.63 42.43
N LYS A 138 9.66 29.42 43.24
CA LYS A 138 9.71 29.25 44.68
C LYS A 138 8.31 29.30 45.28
N ASP A 139 7.47 30.23 44.79
CA ASP A 139 6.15 30.47 45.34
C ASP A 139 5.17 29.44 44.82
N TRP A 140 5.58 28.68 43.80
CA TRP A 140 4.74 27.71 43.12
C TRP A 140 4.22 26.66 44.11
N LYS A 141 2.95 26.28 43.96
CA LYS A 141 2.33 25.25 44.77
C LYS A 141 1.59 24.28 43.85
N PRO A 142 1.37 23.02 44.25
CA PRO A 142 0.68 22.04 43.40
C PRO A 142 -0.81 22.31 43.33
N LYS A 143 -1.47 21.81 42.28
CA LYS A 143 -2.93 21.91 42.23
C LYS A 143 -3.52 20.54 41.91
N ASN A 144 -3.21 20.03 40.71
CA ASN A 144 -3.55 18.67 40.37
C ASN A 144 -2.47 17.76 40.94
N PRO A 145 -2.72 16.45 41.18
CA PRO A 145 -1.67 15.53 41.62
C PRO A 145 -0.62 15.49 40.50
N ILE A 146 0.61 15.87 40.86
CA ILE A 146 1.80 15.82 40.01
C ILE A 146 1.78 14.55 39.17
N GLY A 147 1.88 14.72 37.85
CA GLY A 147 2.16 13.67 36.90
C GLY A 147 0.86 13.22 36.24
N GLU A 148 -0.26 13.69 36.82
CA GLU A 148 -1.56 13.14 36.48
C GLU A 148 -2.21 13.88 35.31
N TYR A 149 -1.97 15.20 35.22
CA TYR A 149 -2.66 16.07 34.27
C TYR A 149 -1.67 16.79 33.33
N ARG A 150 -1.98 16.74 32.04
CA ARG A 150 -1.21 17.53 31.09
C ARG A 150 -1.90 18.87 30.87
N GLN A 151 -1.17 19.95 31.15
CA GLN A 151 -1.48 21.26 30.57
C GLN A 151 -0.27 21.86 29.82
N TYR A 152 -0.36 21.95 28.49
CA TYR A 152 0.71 22.53 27.70
C TYR A 152 1.13 23.90 28.25
N SER A 153 2.44 24.08 28.45
CA SER A 153 3.02 25.19 29.20
C SER A 153 4.44 25.56 28.75
N ASN A 154 4.65 26.85 28.41
CA ASN A 154 5.98 27.39 28.15
C ASN A 154 6.86 27.46 29.39
N PRO A 155 6.34 27.86 30.56
CA PRO A 155 7.14 27.73 31.78
C PRO A 155 7.61 26.29 32.11
N SER A 156 6.76 25.27 31.90
CA SER A 156 7.07 23.90 32.26
C SER A 156 8.34 23.44 31.54
N ILE A 157 8.30 23.46 30.20
CA ILE A 157 9.46 23.00 29.44
C ILE A 157 10.58 24.04 29.51
N GLY A 158 10.21 25.30 29.70
CA GLY A 158 11.23 26.32 29.83
C GLY A 158 12.12 26.07 31.04
N LEU A 159 11.52 25.60 32.14
CA LEU A 159 12.37 25.35 33.30
C LEU A 159 13.25 24.13 33.04
N PHE A 160 12.67 23.11 32.41
CA PHE A 160 13.41 21.92 31.97
C PHE A 160 14.62 22.36 31.15
N GLY A 161 14.35 23.25 30.19
CA GLY A 161 15.38 23.85 29.37
C GLY A 161 16.52 24.46 30.18
N LYS A 162 16.18 25.31 31.16
CA LYS A 162 17.19 26.04 31.92
C LYS A 162 18.03 25.05 32.73
N VAL A 163 17.38 23.98 33.20
CA VAL A 163 18.00 22.94 34.01
C VAL A 163 18.99 22.16 33.15
N VAL A 164 18.59 21.84 31.92
CA VAL A 164 19.48 21.14 30.99
C VAL A 164 20.75 21.95 30.76
N ALA A 165 20.61 23.28 30.73
CA ALA A 165 21.78 24.15 30.53
C ALA A 165 22.72 24.11 31.72
N LEU A 166 22.18 24.28 32.94
CA LEU A 166 23.03 24.26 34.13
C LEU A 166 23.85 22.96 34.19
N SER A 167 23.22 21.85 33.81
CA SER A 167 23.80 20.53 33.82
C SER A 167 24.98 20.43 32.85
N MET A 168 24.99 21.31 31.83
CA MET A 168 26.04 21.32 30.85
C MET A 168 26.99 22.52 31.06
N ASN A 169 26.76 23.28 32.14
CA ASN A 169 27.61 24.42 32.51
C ASN A 169 27.80 25.37 31.32
N LYS A 170 26.70 25.66 30.63
CA LYS A 170 26.65 26.67 29.58
C LYS A 170 25.24 27.25 29.55
N PRO A 171 25.07 28.54 29.24
CA PRO A 171 23.73 29.14 29.19
C PRO A 171 22.99 28.49 28.02
N PHE A 172 21.66 28.44 28.08
CA PHE A 172 20.92 27.62 27.14
C PHE A 172 21.35 27.92 25.70
N ASP A 173 21.64 29.18 25.40
CA ASP A 173 21.86 29.61 24.03
C ASP A 173 23.10 28.94 23.44
N GLN A 174 24.15 28.80 24.26
CA GLN A 174 25.40 28.19 23.82
C GLN A 174 25.24 26.68 23.68
N VAL A 175 24.33 26.09 24.47
CA VAL A 175 24.05 24.66 24.36
C VAL A 175 23.56 24.35 22.95
N LEU A 176 22.61 25.15 22.45
CA LEU A 176 22.11 24.94 21.09
C LEU A 176 23.13 25.39 20.05
N GLU A 177 23.65 26.63 20.16
CA GLU A 177 24.45 27.17 19.09
C GLU A 177 25.83 26.49 19.00
N LYS A 178 26.41 26.07 20.14
CA LYS A 178 27.78 25.54 20.14
C LYS A 178 27.81 24.01 20.16
N THR A 179 26.74 23.38 20.63
CA THR A 179 26.72 21.94 20.80
C THR A 179 25.66 21.27 19.93
N ILE A 180 24.39 21.61 20.12
CA ILE A 180 23.32 20.86 19.48
C ILE A 180 23.29 21.11 17.96
N PHE A 181 23.26 22.38 17.55
CA PHE A 181 23.08 22.70 16.13
C PHE A 181 24.22 22.12 15.29
N PRO A 182 25.50 22.27 15.72
CA PRO A 182 26.62 21.71 14.96
C PRO A 182 26.53 20.19 14.81
N ALA A 183 26.15 19.52 15.90
CA ALA A 183 26.01 18.06 15.88
C ALA A 183 24.94 17.64 14.87
N LEU A 184 23.90 18.46 14.67
CA LEU A 184 22.82 18.16 13.73
C LEU A 184 23.19 18.67 12.32
N GLY A 185 24.34 19.33 12.19
CA GLY A 185 24.77 19.83 10.89
C GLY A 185 23.96 21.02 10.40
N LEU A 186 23.43 21.82 11.32
CA LEU A 186 22.64 22.96 10.88
C LEU A 186 23.58 24.16 10.71
N LYS A 187 23.38 24.96 9.65
CA LYS A 187 24.35 26.02 9.38
C LYS A 187 23.76 27.39 9.70
N HIS A 188 22.42 27.48 9.75
CA HIS A 188 21.75 28.76 9.91
C HIS A 188 20.58 28.69 10.89
N SER A 189 20.83 28.10 12.06
CA SER A 189 19.84 28.04 13.13
C SER A 189 20.41 28.76 14.35
N TYR A 190 19.57 29.59 14.99
CA TYR A 190 20.04 30.53 15.98
C TYR A 190 19.02 30.65 17.10
N VAL A 191 19.56 30.86 18.31
CA VAL A 191 18.82 31.45 19.40
C VAL A 191 18.87 32.97 19.23
N ASN A 192 20.06 33.51 18.92
CA ASN A 192 20.27 34.94 18.66
C ASN A 192 20.82 35.11 17.24
N VAL A 193 19.99 35.68 16.36
CA VAL A 193 20.40 35.92 14.99
C VAL A 193 21.50 36.97 14.98
N PRO A 194 22.72 36.64 14.54
CA PRO A 194 23.83 37.59 14.54
C PRO A 194 23.69 38.65 13.45
N LYS A 195 24.49 39.73 13.57
CA LYS A 195 24.40 40.91 12.73
C LYS A 195 24.50 40.55 11.24
N THR A 196 25.36 39.57 10.91
CA THR A 196 25.63 39.28 9.51
C THR A 196 24.47 38.52 8.86
N GLN A 197 23.49 38.10 9.67
CA GLN A 197 22.35 37.35 9.17
C GLN A 197 21.06 38.16 9.25
N MET A 198 21.10 39.34 9.88
CA MET A 198 19.89 40.13 10.06
C MET A 198 19.15 40.38 8.73
N GLN A 199 19.90 40.58 7.63
CA GLN A 199 19.30 40.79 6.32
C GLN A 199 18.55 39.56 5.82
N ASN A 200 18.81 38.38 6.41
CA ASN A 200 18.14 37.14 6.00
C ASN A 200 16.96 36.83 6.90
N TYR A 201 16.80 37.61 7.97
CA TYR A 201 15.75 37.39 8.95
C TYR A 201 14.47 38.03 8.42
N ALA A 202 13.47 37.18 8.13
CA ALA A 202 12.15 37.63 7.70
C ALA A 202 11.55 38.57 8.73
N PHE A 203 10.74 39.52 8.22
CA PHE A 203 9.72 40.09 9.05
C PHE A 203 8.62 39.06 9.20
N GLY A 204 8.13 38.94 10.43
CA GLY A 204 6.84 38.31 10.63
C GLY A 204 5.79 39.38 10.42
N TYR A 205 4.53 38.95 10.29
CA TYR A 205 3.43 39.88 10.05
C TYR A 205 2.24 39.48 10.90
N ASN A 206 1.69 40.44 11.67
CA ASN A 206 0.66 40.15 12.64
C ASN A 206 -0.67 40.01 11.90
N GLN A 207 -1.77 39.91 12.64
CA GLN A 207 -3.06 39.80 11.97
C GLN A 207 -3.47 41.15 11.36
N GLU A 208 -2.68 42.21 11.62
CA GLU A 208 -2.93 43.50 11.00
C GLU A 208 -1.95 43.77 9.85
N ASN A 209 -1.21 42.72 9.45
CA ASN A 209 -0.14 42.77 8.46
C ASN A 209 0.93 43.81 8.79
N GLN A 210 1.16 44.06 10.09
CA GLN A 210 2.28 44.89 10.50
C GLN A 210 3.51 43.98 10.59
N PRO A 211 4.70 44.45 10.18
CA PRO A 211 5.95 43.69 10.36
C PRO A 211 6.36 43.67 11.83
N ILE A 212 6.73 42.48 12.33
CA ILE A 212 7.06 42.25 13.73
C ILE A 212 8.00 41.06 13.80
N ARG A 213 8.77 41.05 14.89
CA ARG A 213 9.62 39.95 15.25
C ARG A 213 9.38 39.68 16.74
N VAL A 214 9.84 38.51 17.21
CA VAL A 214 9.51 38.03 18.54
C VAL A 214 10.18 38.95 19.58
N ASN A 215 9.44 39.24 20.66
CA ASN A 215 9.97 40.03 21.76
C ASN A 215 10.70 39.14 22.77
N PRO A 216 11.85 39.59 23.32
CA PRO A 216 12.48 38.93 24.48
C PRO A 216 11.46 38.62 25.57
N GLY A 217 11.57 37.44 26.19
CA GLY A 217 10.65 37.01 27.25
C GLY A 217 11.31 36.04 28.23
N PRO A 218 10.71 35.77 29.41
CA PRO A 218 11.33 34.86 30.39
C PRO A 218 11.32 33.42 29.85
N LEU A 219 12.49 32.79 29.91
CA LEU A 219 12.78 31.43 29.44
C LEU A 219 12.16 31.21 28.06
N ASP A 220 12.32 32.22 27.19
CA ASP A 220 11.83 32.22 25.83
C ASP A 220 12.63 31.26 24.93
N ALA A 221 13.96 31.27 25.03
CA ALA A 221 14.79 30.47 24.14
C ALA A 221 14.36 29.00 24.14
N PRO A 222 14.39 28.30 25.31
CA PRO A 222 13.91 26.91 25.35
C PRO A 222 12.46 26.63 24.98
N ALA A 223 11.58 27.64 25.08
CA ALA A 223 10.15 27.45 24.87
C ALA A 223 9.70 27.79 23.43
N TYR A 224 10.28 28.83 22.81
CA TYR A 224 9.83 29.30 21.51
C TYR A 224 10.85 30.24 20.84
N GLY A 225 12.12 30.20 21.25
CA GLY A 225 13.07 31.21 20.80
C GLY A 225 14.05 30.83 19.69
N VAL A 226 13.78 29.76 18.90
CA VAL A 226 14.74 29.37 17.88
C VAL A 226 14.27 29.88 16.50
N LYS A 227 15.25 30.27 15.68
CA LYS A 227 15.01 30.69 14.31
C LYS A 227 15.86 29.81 13.41
N SER A 228 15.34 29.49 12.21
CA SER A 228 15.98 28.55 11.31
C SER A 228 15.56 28.76 9.85
N THR A 229 16.23 28.08 8.92
CA THR A 229 15.97 28.19 7.49
C THR A 229 15.26 26.92 7.05
N LEU A 230 14.74 26.85 5.82
CA LEU A 230 14.07 25.64 5.35
C LEU A 230 15.10 24.52 5.16
N PRO A 231 16.31 24.78 4.61
CA PRO A 231 17.33 23.74 4.51
C PRO A 231 17.70 23.12 5.87
N ASP A 232 17.88 23.97 6.86
CA ASP A 232 18.22 23.50 8.19
C ASP A 232 17.09 22.62 8.73
N MET A 233 15.83 23.06 8.55
CA MET A 233 14.76 22.28 9.13
C MET A 233 14.62 20.92 8.43
N LEU A 234 14.88 20.87 7.12
CA LEU A 234 14.90 19.60 6.40
C LEU A 234 16.02 18.67 6.89
N SER A 235 17.18 19.26 7.20
CA SER A 235 18.27 18.52 7.82
C SER A 235 17.85 17.99 9.19
N PHE A 236 17.11 18.80 9.96
CA PHE A 236 16.63 18.35 11.26
C PHE A 236 15.67 17.17 11.08
N ILE A 237 14.81 17.23 10.04
CA ILE A 237 13.88 16.13 9.83
C ILE A 237 14.66 14.89 9.37
N HIS A 238 15.61 15.10 8.48
CA HIS A 238 16.48 13.99 8.07
C HIS A 238 17.10 13.27 9.27
N ALA A 239 17.67 14.01 10.21
CA ALA A 239 18.27 13.43 11.42
C ALA A 239 17.22 12.61 12.17
N ASN A 240 16.00 13.16 12.28
CA ASN A 240 14.92 12.44 12.93
C ASN A 240 14.54 11.15 12.20
N LEU A 241 14.61 11.19 10.88
CA LEU A 241 14.13 10.06 10.10
C LEU A 241 15.20 8.96 10.05
N ASN A 242 16.47 9.39 10.04
CA ASN A 242 17.58 8.58 9.60
C ASN A 242 18.78 8.91 10.47
N PRO A 243 18.70 8.65 11.81
CA PRO A 243 19.69 9.14 12.77
C PRO A 243 21.02 8.38 12.77
N GLN A 244 20.99 7.10 12.37
CA GLN A 244 22.12 6.20 12.53
C GLN A 244 23.40 6.78 11.93
N LYS A 245 23.29 7.87 11.16
CA LYS A 245 24.38 8.49 10.44
C LYS A 245 25.10 9.54 11.28
N TYR A 246 24.40 10.05 12.30
CA TYR A 246 24.87 11.16 13.11
C TYR A 246 25.77 10.64 14.24
N PRO A 247 26.60 11.51 14.87
CA PRO A 247 27.44 11.07 15.99
C PRO A 247 26.57 10.30 16.97
N THR A 248 27.15 9.30 17.64
CA THR A 248 26.41 8.47 18.57
C THR A 248 25.76 9.34 19.65
N ASP A 249 26.43 10.42 20.05
CA ASP A 249 25.92 11.35 21.05
C ASP A 249 24.49 11.76 20.66
N ILE A 250 24.35 12.19 19.40
CA ILE A 250 23.17 12.88 18.96
C ILE A 250 22.14 11.86 18.47
N GLN A 251 22.57 10.68 18.01
CA GLN A 251 21.65 9.58 17.73
C GLN A 251 20.84 9.24 18.97
N ARG A 252 21.53 9.09 20.11
CA ARG A 252 20.93 8.85 21.41
C ARG A 252 19.95 9.96 21.77
N ALA A 253 20.34 11.22 21.58
CA ALA A 253 19.48 12.34 21.94
C ALA A 253 18.18 12.30 21.15
N ILE A 254 18.28 12.00 19.85
CA ILE A 254 17.12 11.92 18.95
C ILE A 254 16.22 10.75 19.31
N ASN A 255 16.79 9.57 19.53
CA ASN A 255 16.02 8.39 19.96
C ASN A 255 15.15 8.73 21.18
N GLU A 256 15.74 9.46 22.13
CA GLU A 256 15.12 9.80 23.40
C GLU A 256 13.87 10.64 23.14
N THR A 257 13.92 11.52 22.13
CA THR A 257 12.80 12.41 21.86
C THR A 257 11.67 11.62 21.21
N HIS A 258 11.97 10.41 20.71
CA HIS A 258 10.94 9.64 20.00
C HIS A 258 10.13 8.71 20.91
N GLN A 259 10.47 8.60 22.19
CA GLN A 259 9.86 7.59 23.03
C GLN A 259 8.63 8.20 23.67
N GLY A 260 7.47 7.58 23.46
CA GLY A 260 6.23 8.06 24.06
C GLY A 260 6.26 7.88 25.59
N ARG A 261 5.71 8.85 26.31
CA ARG A 261 5.83 8.88 27.77
C ARG A 261 4.48 8.54 28.40
N TYR A 262 3.40 9.09 27.82
CA TYR A 262 2.02 8.92 28.26
C TYR A 262 1.10 9.19 27.08
N GLN A 263 -0.19 8.87 27.25
CA GLN A 263 -1.15 9.29 26.23
C GLN A 263 -2.24 10.20 26.79
N VAL A 264 -2.93 10.82 25.82
CA VAL A 264 -4.23 11.47 25.91
C VAL A 264 -5.06 11.04 24.69
N ASN A 265 -6.01 10.13 24.92
CA ASN A 265 -6.61 9.28 23.88
C ASN A 265 -5.57 9.02 22.80
N THR A 266 -5.78 9.54 21.57
CA THR A 266 -5.00 9.16 20.41
C THR A 266 -3.67 9.92 20.26
N MET A 267 -3.32 10.81 21.20
CA MET A 267 -2.05 11.54 21.14
C MET A 267 -1.09 11.01 22.20
N TYR A 268 0.12 10.61 21.78
CA TYR A 268 1.15 10.19 22.71
C TYR A 268 2.12 11.35 22.91
N GLN A 269 2.44 11.66 24.16
CA GLN A 269 3.40 12.72 24.42
C GLN A 269 4.80 12.10 24.47
N ALA A 270 5.63 12.47 23.50
CA ALA A 270 7.04 12.16 23.65
C ALA A 270 7.72 13.42 24.16
N LEU A 271 9.04 13.46 24.06
CA LEU A 271 9.83 14.60 24.49
C LEU A 271 9.84 15.66 23.38
N GLY A 272 9.03 16.70 23.57
CA GLY A 272 8.85 17.72 22.55
C GLY A 272 7.87 17.27 21.48
N TRP A 273 8.20 16.18 20.78
CA TRP A 273 7.34 15.67 19.72
C TRP A 273 6.03 15.14 20.28
N GLU A 274 4.97 15.31 19.47
CA GLU A 274 3.73 14.58 19.59
C GLU A 274 3.84 13.33 18.71
N GLU A 275 3.39 12.19 19.24
CA GLU A 275 3.49 10.90 18.57
C GLU A 275 2.11 10.30 18.36
N PHE A 276 1.92 9.63 17.22
CA PHE A 276 0.66 9.02 16.84
C PHE A 276 0.93 7.69 16.18
N SER A 277 -0.08 6.81 16.23
CA SER A 277 -0.02 5.58 15.46
C SER A 277 -0.23 5.88 13.98
N TYR A 278 0.54 5.24 13.11
CA TYR A 278 0.47 5.51 11.70
C TYR A 278 -0.10 4.31 10.96
N PRO A 279 -1.03 4.47 9.98
CA PRO A 279 -1.51 5.78 9.54
C PRO A 279 -2.43 6.38 10.59
N ALA A 280 -2.43 7.71 10.68
CA ALA A 280 -3.37 8.41 11.55
C ALA A 280 -4.49 9.01 10.72
N THR A 281 -5.68 9.10 11.32
CA THR A 281 -6.76 9.81 10.65
C THR A 281 -6.48 11.31 10.74
N LEU A 282 -7.01 12.05 9.77
CA LEU A 282 -6.87 13.50 9.76
C LEU A 282 -7.29 14.08 11.12
N GLN A 283 -8.44 13.63 11.62
CA GLN A 283 -8.98 14.22 12.86
C GLN A 283 -8.12 13.88 14.07
N THR A 284 -7.45 12.72 14.06
CA THR A 284 -6.49 12.45 15.11
C THR A 284 -5.42 13.54 15.17
N LEU A 285 -4.90 13.93 13.99
CA LEU A 285 -3.83 14.91 13.94
C LEU A 285 -4.36 16.28 14.36
N LEU A 286 -5.58 16.57 13.91
CA LEU A 286 -6.22 17.86 14.19
C LEU A 286 -6.49 18.01 15.69
N ASP A 287 -6.99 16.95 16.35
CA ASP A 287 -7.30 16.89 17.78
C ASP A 287 -6.13 17.25 18.65
N SER A 288 -4.91 16.81 18.27
CA SER A 288 -3.73 17.17 19.04
C SER A 288 -3.63 18.69 19.18
N ASN A 289 -4.33 19.43 18.29
CA ASN A 289 -4.16 20.86 18.32
C ASN A 289 -5.46 21.58 18.70
N SER A 290 -6.44 20.80 19.19
CA SER A 290 -7.75 21.30 19.58
C SER A 290 -7.63 22.13 20.86
N GLU A 291 -8.66 22.96 21.13
CA GLU A 291 -8.68 23.78 22.32
C GLU A 291 -8.56 22.88 23.56
N GLN A 292 -9.30 21.76 23.54
CA GLN A 292 -9.34 20.84 24.67
C GLN A 292 -7.91 20.43 25.04
N ILE A 293 -7.13 20.08 24.01
CA ILE A 293 -5.79 19.54 24.24
C ILE A 293 -4.80 20.66 24.57
N VAL A 294 -4.83 21.76 23.79
CA VAL A 294 -3.78 22.77 23.85
C VAL A 294 -3.97 23.67 25.08
N MET A 295 -5.25 23.96 25.38
CA MET A 295 -5.63 25.12 26.20
C MET A 295 -6.11 24.71 27.59
N LYS A 296 -6.53 23.45 27.76
CA LYS A 296 -7.19 22.97 28.98
C LYS A 296 -6.37 21.84 29.61
N PRO A 297 -6.34 21.69 30.97
CA PRO A 297 -5.82 20.46 31.61
C PRO A 297 -6.54 19.21 31.14
N ASN A 298 -5.76 18.14 30.95
CA ASN A 298 -6.33 16.85 30.63
C ASN A 298 -5.60 15.80 31.46
N LYS A 299 -6.38 14.87 32.03
CA LYS A 299 -5.81 13.74 32.72
C LYS A 299 -5.21 12.78 31.70
N VAL A 300 -3.97 12.33 31.99
CA VAL A 300 -3.28 11.41 31.11
C VAL A 300 -3.57 9.96 31.50
N THR A 301 -3.13 9.01 30.66
CA THR A 301 -3.12 7.61 31.02
C THR A 301 -1.76 7.07 30.58
N ALA A 302 -1.34 5.93 31.17
CA ALA A 302 -0.17 5.21 30.70
C ALA A 302 -0.39 4.83 29.25
N ILE A 303 0.71 4.58 28.52
CA ILE A 303 0.55 4.04 27.19
C ILE A 303 0.02 2.63 27.35
N SER A 304 -1.07 2.33 26.63
CA SER A 304 -1.63 1.00 26.58
C SER A 304 -1.26 0.35 25.26
N LYS A 305 -1.77 0.87 24.12
CA LYS A 305 -1.33 0.42 22.80
C LYS A 305 0.01 1.09 22.49
N GLU A 306 1.07 0.29 22.38
CA GLU A 306 2.35 0.82 21.96
C GLU A 306 2.33 0.77 20.43
N PRO A 307 2.23 1.93 19.71
CA PRO A 307 2.04 1.91 18.27
C PRO A 307 3.26 1.24 17.65
N SER A 308 2.99 0.34 16.69
CA SER A 308 3.98 -0.41 15.96
C SER A 308 4.73 0.55 15.03
N VAL A 309 3.95 1.27 14.24
CA VAL A 309 4.44 2.22 13.24
C VAL A 309 3.95 3.60 13.69
N LYS A 310 4.88 4.53 13.88
CA LYS A 310 4.61 5.80 14.52
C LYS A 310 4.78 6.94 13.51
N MET A 311 4.07 8.04 13.73
CA MET A 311 4.41 9.28 13.04
C MET A 311 4.49 10.38 14.10
N TYR A 312 5.17 11.50 13.79
CA TYR A 312 5.41 12.49 14.81
C TYR A 312 5.10 13.87 14.22
N HIS A 313 4.50 14.77 15.03
CA HIS A 313 4.45 16.15 14.54
C HIS A 313 4.65 17.19 15.64
N LYS A 314 4.74 18.47 15.22
CA LYS A 314 4.71 19.58 16.15
C LYS A 314 4.40 20.89 15.42
N THR A 315 3.42 21.69 15.92
CA THR A 315 3.16 23.03 15.42
C THR A 315 4.00 24.04 16.21
N GLY A 316 4.21 25.23 15.62
CA GLY A 316 4.87 26.34 16.30
C GLY A 316 4.28 27.68 15.85
N SER A 317 4.25 28.66 16.77
CA SER A 317 3.78 30.00 16.45
C SER A 317 4.52 31.06 17.27
N THR A 318 4.81 32.17 16.59
CA THR A 318 5.07 33.43 17.27
C THR A 318 4.05 34.43 16.73
N SER A 319 4.12 35.67 17.22
CA SER A 319 3.06 36.60 16.84
C SER A 319 3.01 36.76 15.33
N GLY A 320 4.14 36.57 14.64
CA GLY A 320 4.09 36.80 13.20
C GLY A 320 4.54 35.63 12.32
N PHE A 321 4.63 34.41 12.89
CA PHE A 321 5.22 33.26 12.19
C PHE A 321 4.43 31.98 12.50
N GLY A 322 4.18 31.13 11.48
CA GLY A 322 3.60 29.80 11.69
C GLY A 322 4.62 28.73 11.26
N THR A 323 4.65 27.60 11.99
CA THR A 323 5.58 26.52 11.70
C THR A 323 4.82 25.19 11.86
N TYR A 324 5.13 24.23 10.99
CA TYR A 324 4.72 22.88 11.27
C TYR A 324 5.75 21.91 10.70
N VAL A 325 6.00 20.85 11.49
CA VAL A 325 6.91 19.79 11.09
C VAL A 325 6.25 18.43 11.39
N VAL A 326 6.45 17.46 10.49
CA VAL A 326 5.88 16.12 10.62
C VAL A 326 6.83 15.14 9.93
N PHE A 327 6.93 13.90 10.45
CA PHE A 327 7.74 12.88 9.80
C PHE A 327 7.15 11.49 10.08
N ILE A 328 7.39 10.55 9.14
CA ILE A 328 6.93 9.18 9.29
C ILE A 328 8.12 8.28 8.99
N PRO A 329 8.87 7.81 10.01
CA PRO A 329 10.10 7.04 9.80
C PRO A 329 10.02 5.89 8.78
N LYS A 330 8.91 5.15 8.80
CA LYS A 330 8.79 3.93 8.03
C LYS A 330 8.37 4.23 6.59
N GLU A 331 7.95 5.47 6.32
CA GLU A 331 7.72 5.88 4.95
C GLU A 331 8.93 6.68 4.45
N ASN A 332 9.88 6.89 5.35
CA ASN A 332 11.05 7.69 5.10
C ASN A 332 10.63 9.04 4.48
N ILE A 333 9.61 9.72 5.04
CA ILE A 333 9.21 11.02 4.51
C ILE A 333 8.90 11.97 5.66
N GLY A 334 9.08 13.27 5.39
CA GLY A 334 8.64 14.31 6.32
C GLY A 334 8.42 15.63 5.58
N LEU A 335 7.80 16.60 6.28
CA LEU A 335 7.44 17.89 5.72
C LEU A 335 7.67 19.00 6.77
N VAL A 336 8.12 20.15 6.27
CA VAL A 336 8.32 21.39 7.00
C VAL A 336 7.58 22.51 6.27
N MET A 337 6.77 23.24 7.04
CA MET A 337 6.10 24.43 6.54
C MET A 337 6.52 25.59 7.44
N LEU A 338 7.02 26.68 6.82
CA LEU A 338 7.39 27.91 7.54
C LEU A 338 6.68 29.10 6.87
N THR A 339 5.90 29.86 7.65
CA THR A 339 5.27 31.07 7.14
C THR A 339 5.64 32.27 8.00
N ASN A 340 5.63 33.46 7.37
CA ASN A 340 5.85 34.69 8.08
C ASN A 340 4.52 35.41 8.30
N LYS A 341 3.47 34.60 8.42
CA LYS A 341 2.23 35.00 9.05
C LYS A 341 1.55 33.75 9.58
N ARG A 342 0.88 33.85 10.72
CA ARG A 342 0.22 32.67 11.26
C ARG A 342 -0.99 32.34 10.41
N ILE A 343 -1.23 31.03 10.22
CA ILE A 343 -2.45 30.51 9.63
C ILE A 343 -2.95 29.45 10.60
N PRO A 344 -4.26 29.10 10.60
CA PRO A 344 -4.81 28.16 11.59
C PRO A 344 -3.98 26.88 11.54
N ASN A 345 -3.65 26.39 12.73
CA ASN A 345 -2.96 25.11 12.89
C ASN A 345 -3.61 24.01 12.05
N GLU A 346 -4.94 24.06 11.92
CA GLU A 346 -5.64 22.97 11.25
C GLU A 346 -5.33 22.99 9.76
N GLU A 347 -5.07 24.20 9.24
CA GLU A 347 -4.71 24.39 7.84
C GLU A 347 -3.34 23.78 7.55
N ARG A 348 -2.40 23.98 8.46
CA ARG A 348 -1.05 23.44 8.33
C ARG A 348 -1.13 21.92 8.28
N ILE A 349 -1.85 21.38 9.27
CA ILE A 349 -1.93 19.93 9.47
C ILE A 349 -2.60 19.28 8.27
N LYS A 350 -3.74 19.82 7.82
CA LYS A 350 -4.43 19.29 6.65
C LYS A 350 -3.59 19.29 5.38
N ALA A 351 -2.89 20.39 5.10
CA ALA A 351 -2.18 20.46 3.83
C ALA A 351 -1.09 19.39 3.83
N ALA A 352 -0.39 19.29 4.97
CA ALA A 352 0.68 18.31 5.13
C ALA A 352 0.14 16.90 4.96
N TYR A 353 -1.04 16.63 5.52
CA TYR A 353 -1.70 15.33 5.42
C TYR A 353 -1.95 14.90 3.96
N VAL A 354 -2.52 15.78 3.13
CA VAL A 354 -2.83 15.50 1.74
C VAL A 354 -1.55 15.22 0.96
N VAL A 355 -0.49 16.01 1.20
CA VAL A 355 0.72 15.85 0.41
C VAL A 355 1.40 14.53 0.79
N LEU A 356 1.65 14.33 2.10
CA LEU A 356 2.36 13.13 2.52
C LEU A 356 1.57 11.86 2.14
N ASN A 357 0.22 11.93 2.16
CA ASN A 357 -0.57 10.78 1.74
C ASN A 357 -0.45 10.52 0.23
N ALA A 358 -0.46 11.60 -0.56
CA ALA A 358 -0.44 11.48 -2.02
C ALA A 358 0.87 10.87 -2.51
N ILE A 359 1.98 11.17 -1.83
CA ILE A 359 3.28 10.65 -2.23
C ILE A 359 3.44 9.20 -1.76
N LYS A 360 3.02 8.91 -0.52
CA LYS A 360 3.19 7.57 0.04
C LYS A 360 1.82 6.95 0.33
N THR B 4 27.50 -19.56 -36.99
CA THR B 4 27.77 -18.28 -36.23
C THR B 4 28.79 -18.54 -35.11
N PRO B 5 29.98 -17.90 -35.15
CA PRO B 5 30.99 -18.17 -34.12
C PRO B 5 30.53 -17.79 -32.72
N LYS B 6 30.99 -18.58 -31.75
CA LYS B 6 30.63 -18.42 -30.35
C LYS B 6 30.80 -16.97 -29.88
N ASP B 7 31.95 -16.37 -30.20
CA ASP B 7 32.16 -14.99 -29.78
C ASP B 7 31.03 -14.06 -30.27
N GLN B 8 30.56 -14.28 -31.49
CA GLN B 8 29.50 -13.47 -32.07
C GLN B 8 28.17 -13.77 -31.40
N GLU B 9 27.93 -15.03 -31.04
CA GLU B 9 26.67 -15.42 -30.43
C GLU B 9 26.54 -14.76 -29.06
N ILE B 10 27.65 -14.70 -28.33
CA ILE B 10 27.66 -14.10 -27.01
C ILE B 10 27.48 -12.58 -27.12
N LYS B 11 28.15 -11.98 -28.11
CA LYS B 11 28.02 -10.56 -28.39
C LYS B 11 26.55 -10.21 -28.67
N LYS B 12 25.90 -10.98 -29.56
CA LYS B 12 24.49 -10.79 -29.85
C LYS B 12 23.66 -10.82 -28.56
N LEU B 13 23.82 -11.86 -27.72
CA LEU B 13 23.06 -11.98 -26.48
C LEU B 13 23.33 -10.79 -25.56
N VAL B 14 24.59 -10.37 -25.46
CA VAL B 14 24.90 -9.21 -24.62
C VAL B 14 24.31 -7.91 -25.20
N ASP B 15 24.31 -7.77 -26.53
CA ASP B 15 23.69 -6.62 -27.19
C ASP B 15 22.19 -6.60 -26.93
N GLN B 16 21.59 -7.79 -26.91
CA GLN B 16 20.15 -7.90 -26.70
C GLN B 16 19.73 -7.54 -25.28
N ASN B 17 20.62 -7.73 -24.32
CA ASN B 17 20.19 -7.80 -22.94
C ASN B 17 20.85 -6.71 -22.09
N PHE B 18 22.12 -6.42 -22.35
CA PHE B 18 22.83 -5.39 -21.59
C PHE B 18 22.84 -4.04 -22.31
N LYS B 19 23.13 -4.04 -23.62
CA LYS B 19 23.25 -2.80 -24.39
C LYS B 19 22.06 -1.84 -24.20
N PRO B 20 20.79 -2.27 -24.21
CA PRO B 20 19.65 -1.36 -24.02
C PRO B 20 19.62 -0.62 -22.66
N LEU B 21 20.30 -1.16 -21.64
CA LEU B 21 20.35 -0.50 -20.33
C LEU B 21 21.08 0.85 -20.42
N LEU B 22 22.03 0.99 -21.37
CA LEU B 22 22.82 2.22 -21.57
C LEU B 22 21.89 3.40 -21.82
N GLU B 23 21.08 3.30 -22.90
CA GLU B 23 20.11 4.33 -23.24
C GLU B 23 19.03 4.45 -22.16
N LYS B 24 18.51 3.31 -21.64
CA LYS B 24 17.43 3.36 -20.65
C LYS B 24 17.81 4.13 -19.40
N TYR B 25 19.01 3.89 -18.87
CA TYR B 25 19.43 4.45 -17.60
C TYR B 25 20.46 5.58 -17.79
N ASP B 26 20.77 5.95 -19.03
CA ASP B 26 21.72 7.00 -19.40
C ASP B 26 23.08 6.69 -18.78
N VAL B 27 23.62 5.50 -19.09
CA VAL B 27 24.87 5.00 -18.52
C VAL B 27 26.00 5.31 -19.48
N PRO B 28 27.06 6.10 -19.10
CA PRO B 28 28.07 6.48 -20.08
C PRO B 28 28.87 5.31 -20.66
N GLY B 29 29.24 4.36 -19.79
CA GLY B 29 30.13 3.28 -20.19
C GLY B 29 29.80 1.94 -19.48
N MET B 30 30.16 0.82 -20.12
CA MET B 30 29.86 -0.50 -19.56
C MET B 30 30.85 -1.52 -20.12
N ALA B 31 31.27 -2.46 -19.26
CA ALA B 31 32.09 -3.58 -19.68
C ALA B 31 31.38 -4.86 -19.19
N VAL B 32 31.11 -5.77 -20.12
CA VAL B 32 30.48 -7.07 -19.84
C VAL B 32 31.42 -8.15 -20.34
N GLY B 33 31.68 -9.11 -19.46
CA GLY B 33 32.55 -10.23 -19.78
C GLY B 33 31.82 -11.52 -19.47
N VAL B 34 32.17 -12.54 -20.24
CA VAL B 34 31.64 -13.88 -20.02
C VAL B 34 32.83 -14.83 -20.07
N ILE B 35 32.83 -15.79 -19.14
CA ILE B 35 33.84 -16.84 -19.23
C ILE B 35 33.08 -18.15 -19.39
N GLN B 36 33.46 -18.97 -20.38
CA GLN B 36 32.86 -20.28 -20.53
C GLN B 36 33.96 -21.28 -20.88
N ASN B 37 34.01 -22.37 -20.10
CA ASN B 37 34.94 -23.46 -20.40
C ASN B 37 36.32 -22.88 -20.69
N ASN B 38 36.77 -21.94 -19.84
CA ASN B 38 38.11 -21.37 -19.93
C ASN B 38 38.31 -20.39 -21.10
N LYS B 39 37.26 -20.10 -21.89
CA LYS B 39 37.38 -19.03 -22.86
C LYS B 39 36.72 -17.77 -22.33
N LYS B 40 37.32 -16.64 -22.65
CA LYS B 40 36.85 -15.36 -22.15
C LYS B 40 36.34 -14.53 -23.35
N TYR B 41 35.27 -13.75 -23.11
CA TYR B 41 34.70 -12.83 -24.08
C TYR B 41 34.54 -11.48 -23.38
N GLU B 42 35.10 -10.42 -24.00
CA GLU B 42 35.07 -9.09 -23.40
C GLU B 42 34.30 -8.13 -24.32
N MET B 43 33.26 -7.47 -23.78
CA MET B 43 32.47 -6.55 -24.57
C MET B 43 32.43 -5.20 -23.87
N TYR B 44 32.83 -4.15 -24.60
CA TYR B 44 32.93 -2.81 -24.05
C TYR B 44 32.00 -1.86 -24.81
N TYR B 45 31.42 -0.90 -24.05
CA TYR B 45 30.47 0.06 -24.59
C TYR B 45 30.73 1.45 -24.03
N GLY B 46 30.54 2.49 -24.87
CA GLY B 46 30.53 3.87 -24.37
C GLY B 46 31.86 4.36 -23.81
N LEU B 47 31.80 5.23 -22.81
CA LEU B 47 32.93 6.10 -22.45
C LEU B 47 33.28 5.88 -20.98
N GLN B 48 34.58 5.69 -20.67
CA GLN B 48 35.01 5.72 -19.27
C GLN B 48 35.12 7.15 -18.73
N SER B 49 35.36 8.13 -19.62
CA SER B 49 35.24 9.54 -19.27
C SER B 49 34.51 10.27 -20.39
N VAL B 50 33.37 10.89 -20.04
CA VAL B 50 32.57 11.63 -21.01
C VAL B 50 33.37 12.85 -21.49
N GLN B 51 33.89 13.63 -20.56
CA GLN B 51 34.52 14.92 -20.91
C GLN B 51 35.84 14.72 -21.67
N ASP B 52 36.47 13.55 -21.49
CA ASP B 52 37.77 13.28 -22.10
C ASP B 52 37.59 12.50 -23.40
N LYS B 53 36.34 12.06 -23.66
CA LYS B 53 36.00 11.28 -24.84
C LYS B 53 36.85 10.01 -24.90
N LYS B 54 37.12 9.44 -23.72
CA LYS B 54 37.93 8.23 -23.57
C LYS B 54 36.99 7.02 -23.54
N ALA B 55 37.15 6.08 -24.51
CA ALA B 55 36.31 4.89 -24.66
C ALA B 55 36.62 3.86 -23.59
N VAL B 56 35.57 3.17 -23.09
CA VAL B 56 35.75 2.01 -22.23
C VAL B 56 36.52 0.94 -23.01
N ASN B 57 37.49 0.32 -22.35
CA ASN B 57 38.27 -0.75 -22.98
C ASN B 57 38.90 -1.66 -21.92
N SER B 58 39.80 -2.56 -22.36
CA SER B 58 40.25 -3.61 -21.49
C SER B 58 41.11 -3.04 -20.36
N ASN B 59 41.58 -1.80 -20.51
CA ASN B 59 42.43 -1.18 -19.51
C ASN B 59 41.59 -0.34 -18.53
N THR B 60 40.29 -0.17 -18.83
CA THR B 60 39.47 0.68 -17.96
C THR B 60 39.37 0.13 -16.54
N ILE B 61 39.63 0.98 -15.54
CA ILE B 61 39.54 0.63 -14.13
C ILE B 61 38.20 1.11 -13.59
N PHE B 62 37.42 0.19 -12.98
CA PHE B 62 36.11 0.58 -12.42
C PHE B 62 36.17 0.42 -10.90
N GLU B 63 35.29 1.10 -10.16
CA GLU B 63 35.18 0.81 -8.74
C GLU B 63 34.22 -0.37 -8.57
N LEU B 64 34.63 -1.38 -7.78
CA LEU B 64 33.83 -2.60 -7.64
C LEU B 64 32.76 -2.47 -6.56
N GLY B 65 32.85 -1.43 -5.73
CA GLY B 65 31.98 -1.36 -4.54
C GLY B 65 32.00 -2.63 -3.66
N SER B 66 30.82 -3.13 -3.29
CA SER B 66 30.72 -4.27 -2.36
C SER B 66 31.29 -5.56 -2.95
N VAL B 67 31.52 -5.62 -4.27
CA VAL B 67 32.19 -6.79 -4.84
C VAL B 67 33.60 -6.94 -4.23
N SER B 68 34.15 -5.81 -3.77
CA SER B 68 35.35 -5.84 -2.94
C SER B 68 35.28 -6.88 -1.81
N LYS B 69 34.10 -7.06 -1.21
CA LYS B 69 33.90 -7.98 -0.11
C LYS B 69 34.35 -9.40 -0.45
N LEU B 70 34.37 -9.74 -1.76
CA LEU B 70 34.78 -11.08 -2.18
C LEU B 70 36.29 -11.26 -2.01
N PHE B 71 37.04 -10.18 -2.25
CA PHE B 71 38.48 -10.19 -2.00
C PHE B 71 38.79 -10.22 -0.51
N THR B 72 38.00 -9.53 0.32
CA THR B 72 38.24 -9.56 1.75
C THR B 72 37.98 -10.97 2.29
N ALA B 73 36.94 -11.66 1.73
CA ALA B 73 36.56 -13.00 2.14
C ALA B 73 37.71 -13.91 1.78
N THR B 74 38.20 -13.70 0.56
CA THR B 74 39.31 -14.51 0.02
C THR B 74 40.56 -14.38 0.89
N ALA B 75 40.89 -13.15 1.25
CA ALA B 75 41.98 -12.91 2.20
C ALA B 75 41.76 -13.65 3.52
N GLY B 76 40.52 -13.60 4.05
CA GLY B 76 40.17 -14.30 5.28
C GLY B 76 40.36 -15.81 5.14
N GLY B 77 39.90 -16.38 4.01
CA GLY B 77 40.06 -17.78 3.74
C GLY B 77 41.53 -18.20 3.62
N TYR B 78 42.37 -17.26 3.15
CA TYR B 78 43.79 -17.50 2.94
C TYR B 78 44.46 -17.58 4.32
N ALA B 79 44.16 -16.58 5.15
CA ALA B 79 44.74 -16.47 6.49
C ALA B 79 44.32 -17.66 7.34
N LYS B 80 43.04 -18.06 7.23
CA LYS B 80 42.52 -19.16 8.04
C LYS B 80 43.29 -20.42 7.67
N ASN B 81 43.35 -20.70 6.37
CA ASN B 81 43.84 -22.00 5.93
C ASN B 81 45.36 -22.05 6.12
N LYS B 82 45.99 -20.89 6.32
CA LYS B 82 47.39 -20.83 6.70
C LYS B 82 47.58 -20.87 8.22
N GLY B 83 46.49 -21.08 8.97
CA GLY B 83 46.53 -21.16 10.42
C GLY B 83 46.87 -19.83 11.09
N LYS B 84 46.59 -18.69 10.42
CA LYS B 84 46.91 -17.38 10.98
C LYS B 84 45.75 -16.86 11.83
N ILE B 85 44.53 -17.33 11.53
CA ILE B 85 43.31 -17.00 12.29
C ILE B 85 42.49 -18.28 12.34
N SER B 86 41.54 -18.33 13.28
CA SER B 86 40.44 -19.28 13.24
C SER B 86 39.14 -18.46 13.18
N PHE B 87 38.12 -18.93 12.45
CA PHE B 87 36.86 -18.20 12.39
C PHE B 87 36.13 -18.15 13.75
N ASP B 88 36.52 -19.02 14.70
CA ASP B 88 35.96 -19.01 16.05
C ASP B 88 36.67 -18.01 16.96
N ASP B 89 37.76 -17.40 16.46
CA ASP B 89 38.47 -16.35 17.18
C ASP B 89 37.58 -15.10 17.30
N THR B 90 37.91 -14.22 18.25
CA THR B 90 37.27 -12.92 18.43
C THR B 90 38.29 -11.81 18.14
N PRO B 91 37.86 -10.57 17.80
CA PRO B 91 38.75 -9.55 17.23
C PRO B 91 39.84 -9.09 18.19
N GLY B 92 39.57 -9.23 19.50
CA GLY B 92 40.47 -8.85 20.59
C GLY B 92 41.76 -9.65 20.65
N LYS B 93 41.76 -10.82 20.01
CA LYS B 93 42.96 -11.63 19.88
C LYS B 93 44.03 -10.94 19.02
N TYR B 94 43.62 -10.08 18.09
CA TYR B 94 44.51 -9.53 17.07
C TYR B 94 44.63 -8.02 17.25
N TRP B 95 43.50 -7.32 17.38
CA TRP B 95 43.48 -5.94 17.75
C TRP B 95 43.43 -5.86 19.28
N LYS B 96 44.60 -5.82 19.91
CA LYS B 96 44.68 -5.95 21.36
C LYS B 96 43.81 -4.94 22.12
N GLU B 97 43.60 -3.75 21.54
CA GLU B 97 42.85 -2.68 22.19
C GLU B 97 41.37 -3.05 22.38
N LEU B 98 40.92 -4.15 21.76
CA LEU B 98 39.55 -4.64 21.85
C LEU B 98 39.35 -5.79 22.83
N LYS B 99 40.44 -6.35 23.37
CA LYS B 99 40.36 -7.49 24.27
C LYS B 99 39.44 -7.11 25.43
N ASN B 100 38.49 -8.01 25.75
CA ASN B 100 37.60 -7.90 26.90
C ASN B 100 36.63 -6.73 26.81
N THR B 101 36.45 -6.16 25.62
CA THR B 101 35.37 -5.23 25.35
C THR B 101 34.18 -6.02 24.81
N PRO B 102 32.95 -5.44 24.81
CA PRO B 102 31.78 -6.12 24.25
C PRO B 102 31.87 -6.70 22.84
N ILE B 103 32.57 -6.03 21.92
CA ILE B 103 32.70 -6.54 20.55
C ILE B 103 33.56 -7.81 20.53
N ASP B 104 34.32 -8.04 21.61
CA ASP B 104 35.18 -9.22 21.71
C ASP B 104 34.33 -10.46 22.01
N GLN B 105 33.01 -10.31 22.13
CA GLN B 105 32.15 -11.48 22.29
C GLN B 105 31.67 -11.99 20.92
N VAL B 106 32.03 -11.27 19.87
CA VAL B 106 31.64 -11.62 18.51
C VAL B 106 32.82 -12.31 17.82
N ASN B 107 32.57 -13.40 17.08
CA ASN B 107 33.66 -14.12 16.43
C ASN B 107 33.88 -13.63 14.99
N LEU B 108 34.99 -14.07 14.35
CA LEU B 108 35.35 -13.48 13.08
C LEU B 108 34.33 -13.87 12.01
N LEU B 109 33.81 -15.09 12.09
CA LEU B 109 32.84 -15.51 11.09
C LEU B 109 31.57 -14.67 11.18
N GLN B 110 31.18 -14.38 12.40
CA GLN B 110 29.98 -13.57 12.62
C GLN B 110 30.19 -12.16 12.09
N LEU B 111 31.40 -11.60 12.30
CA LEU B 111 31.70 -10.30 11.73
C LEU B 111 31.67 -10.35 10.18
N ALA B 112 32.31 -11.37 9.57
CA ALA B 112 32.36 -11.55 8.12
C ALA B 112 30.98 -11.67 7.49
N THR B 113 30.04 -12.28 8.24
CA THR B 113 28.75 -12.68 7.67
C THR B 113 27.61 -11.87 8.32
N TYR B 114 27.99 -10.75 8.95
CA TYR B 114 27.07 -9.67 9.34
C TYR B 114 26.08 -10.05 10.46
N THR B 115 26.50 -10.83 11.48
CA THR B 115 25.60 -11.27 12.54
C THR B 115 25.99 -10.80 13.95
N SER B 116 26.71 -9.67 14.05
CA SER B 116 27.05 -9.13 15.36
C SER B 116 25.80 -8.77 16.16
N GLY B 117 24.70 -8.55 15.44
CA GLY B 117 23.43 -8.15 16.05
C GLY B 117 23.33 -6.68 16.41
N ASN B 118 24.37 -5.90 16.07
CA ASN B 118 24.25 -4.45 16.23
C ASN B 118 25.27 -3.70 15.38
N LEU B 119 25.27 -3.91 14.05
CA LEU B 119 26.12 -3.11 13.18
C LEU B 119 25.35 -2.80 11.91
N ALA B 120 25.26 -1.51 11.61
CA ALA B 120 24.42 -0.99 10.54
C ALA B 120 25.18 -1.02 9.23
N LEU B 121 24.53 -0.59 8.14
CA LEU B 121 25.20 -0.56 6.84
C LEU B 121 26.49 0.27 6.90
N GLN B 122 26.42 1.47 7.48
CA GLN B 122 27.58 2.37 7.52
C GLN B 122 27.98 2.72 8.95
N PHE B 123 29.26 3.09 9.13
CA PHE B 123 29.65 3.78 10.34
C PHE B 123 28.97 5.15 10.37
N PRO B 124 28.81 5.81 11.53
CA PRO B 124 28.39 7.21 11.52
C PRO B 124 29.38 8.07 10.73
N ASP B 125 28.90 9.21 10.23
CA ASP B 125 29.65 10.09 9.33
C ASP B 125 30.96 10.52 9.96
N GLU B 126 30.95 10.74 11.28
CA GLU B 126 32.06 11.36 11.99
C GLU B 126 33.22 10.39 12.15
N VAL B 127 32.97 9.07 11.98
CA VAL B 127 34.04 8.10 12.09
C VAL B 127 34.86 8.16 10.81
N GLN B 128 36.11 8.63 10.95
CA GLN B 128 37.00 8.74 9.80
C GLN B 128 38.38 8.14 10.13
N THR B 129 39.02 8.62 11.20
CA THR B 129 40.41 8.23 11.44
C THR B 129 40.47 6.83 12.05
N ASP B 130 41.64 6.19 11.96
CA ASP B 130 41.90 4.89 12.57
C ASP B 130 41.53 4.93 14.05
N GLN B 131 41.81 6.07 14.71
CA GLN B 131 41.53 6.24 16.13
C GLN B 131 40.02 6.32 16.40
N GLN B 132 39.28 6.99 15.52
CA GLN B 132 37.83 7.07 15.65
C GLN B 132 37.20 5.70 15.41
N VAL B 133 37.79 4.90 14.51
CA VAL B 133 37.34 3.55 14.25
C VAL B 133 37.57 2.73 15.52
N LEU B 134 38.71 2.92 16.16
CA LEU B 134 39.02 2.14 17.34
C LEU B 134 38.01 2.47 18.44
N THR B 135 37.77 3.78 18.66
CA THR B 135 36.84 4.25 19.67
C THR B 135 35.46 3.67 19.40
N PHE B 136 35.02 3.75 18.14
CA PHE B 136 33.73 3.21 17.79
C PHE B 136 33.58 1.74 18.27
N PHE B 137 34.56 0.87 17.95
CA PHE B 137 34.50 -0.54 18.35
C PHE B 137 34.65 -0.73 19.87
N LYS B 138 35.44 0.13 20.52
CA LYS B 138 35.64 0.04 21.96
C LYS B 138 34.34 0.34 22.72
N ASP B 139 33.50 1.21 22.12
CA ASP B 139 32.32 1.79 22.76
C ASP B 139 31.10 0.95 22.42
N TRP B 140 31.27 0.02 21.48
CA TRP B 140 30.19 -0.80 20.93
C TRP B 140 29.59 -1.67 22.04
N LYS B 141 28.26 -1.84 22.00
CA LYS B 141 27.52 -2.70 22.91
C LYS B 141 26.55 -3.55 22.11
N PRO B 142 26.23 -4.78 22.56
CA PRO B 142 25.34 -5.67 21.82
C PRO B 142 23.89 -5.19 21.78
N LYS B 143 23.09 -5.80 20.88
CA LYS B 143 21.66 -5.54 20.86
C LYS B 143 20.90 -6.85 20.65
N ASN B 144 20.84 -7.33 19.41
CA ASN B 144 20.25 -8.62 19.10
C ASN B 144 21.19 -9.72 19.58
N PRO B 145 20.67 -10.92 19.92
CA PRO B 145 21.50 -12.07 20.23
C PRO B 145 22.56 -12.26 19.15
N ILE B 146 23.80 -12.42 19.60
CA ILE B 146 24.93 -12.53 18.67
C ILE B 146 24.75 -13.78 17.84
N GLY B 147 24.94 -13.61 16.51
CA GLY B 147 24.99 -14.72 15.59
C GLY B 147 23.62 -15.10 15.02
N GLU B 148 22.53 -14.50 15.54
CA GLU B 148 21.20 -14.89 15.06
C GLU B 148 20.58 -13.97 13.99
N TYR B 149 21.04 -12.71 13.89
CA TYR B 149 20.40 -11.76 12.98
C TYR B 149 21.39 -11.16 11.99
N ARG B 150 21.05 -11.30 10.70
CA ARG B 150 21.87 -10.77 9.62
C ARG B 150 21.50 -9.32 9.30
N GLN B 151 22.47 -8.41 9.45
CA GLN B 151 22.28 -7.06 9.00
C GLN B 151 23.47 -6.66 8.15
N TYR B 152 23.23 -6.51 6.84
CA TYR B 152 24.31 -6.25 5.89
C TYR B 152 25.05 -5.00 6.35
N SER B 153 26.38 -5.12 6.46
CA SER B 153 27.16 -4.14 7.18
C SER B 153 28.57 -3.97 6.63
N ASN B 154 28.96 -2.73 6.32
CA ASN B 154 30.33 -2.37 5.95
C ASN B 154 31.25 -2.44 7.17
N PRO B 155 30.90 -1.83 8.31
CA PRO B 155 31.73 -1.94 9.52
C PRO B 155 32.01 -3.38 10.00
N SER B 156 31.01 -4.25 9.87
CA SER B 156 31.12 -5.64 10.28
C SER B 156 32.22 -6.33 9.46
N ILE B 157 32.12 -6.35 8.13
CA ILE B 157 33.12 -7.06 7.33
C ILE B 157 34.41 -6.26 7.27
N GLY B 158 34.31 -4.94 7.45
CA GLY B 158 35.48 -4.08 7.61
C GLY B 158 36.38 -4.47 8.78
N LEU B 159 35.78 -4.73 9.95
CA LEU B 159 36.52 -5.19 11.13
C LEU B 159 37.15 -6.56 10.85
N PHE B 160 36.37 -7.47 10.22
CA PHE B 160 36.96 -8.73 9.78
C PHE B 160 38.22 -8.54 8.94
N GLY B 161 38.15 -7.67 7.92
CA GLY B 161 39.28 -7.38 7.06
C GLY B 161 40.48 -6.87 7.85
N LYS B 162 40.24 -5.92 8.75
CA LYS B 162 41.27 -5.32 9.59
C LYS B 162 41.98 -6.39 10.42
N VAL B 163 41.21 -7.37 10.91
CA VAL B 163 41.72 -8.44 11.75
C VAL B 163 42.54 -9.42 10.93
N VAL B 164 42.02 -9.80 9.75
CA VAL B 164 42.78 -10.63 8.84
C VAL B 164 44.11 -9.94 8.52
N ALA B 165 44.09 -8.62 8.28
CA ALA B 165 45.30 -7.88 7.97
C ALA B 165 46.29 -7.97 9.14
N LEU B 166 45.83 -7.65 10.34
CA LEU B 166 46.64 -7.81 11.54
C LEU B 166 47.25 -9.21 11.67
N SER B 167 46.49 -10.27 11.33
CA SER B 167 47.01 -11.62 11.51
C SER B 167 48.14 -11.93 10.55
N MET B 168 48.22 -11.17 9.44
CA MET B 168 49.19 -11.42 8.38
C MET B 168 50.32 -10.38 8.45
N ASN B 169 50.30 -9.54 9.50
CA ASN B 169 51.32 -8.56 9.82
C ASN B 169 51.56 -7.55 8.70
N LYS B 170 50.49 -7.16 7.99
CA LYS B 170 50.58 -6.18 6.93
C LYS B 170 49.31 -5.34 6.96
N PRO B 171 49.32 -4.06 6.53
CA PRO B 171 48.08 -3.34 6.31
C PRO B 171 47.25 -4.04 5.23
N PHE B 172 45.93 -3.89 5.34
CA PHE B 172 44.95 -4.53 4.47
C PHE B 172 45.26 -4.25 3.00
N ASP B 173 45.66 -3.02 2.65
CA ASP B 173 45.93 -2.66 1.27
C ASP B 173 47.06 -3.53 0.72
N GLN B 174 48.05 -3.81 1.58
CA GLN B 174 49.20 -4.61 1.18
C GLN B 174 48.81 -6.09 1.15
N VAL B 175 47.87 -6.50 2.01
CA VAL B 175 47.42 -7.90 1.98
C VAL B 175 46.86 -8.20 0.58
N LEU B 176 46.00 -7.31 0.05
CA LEU B 176 45.50 -7.56 -1.29
C LEU B 176 46.57 -7.28 -2.34
N GLU B 177 47.27 -6.13 -2.28
CA GLU B 177 48.10 -5.78 -3.44
C GLU B 177 49.38 -6.62 -3.53
N LYS B 178 49.93 -7.02 -2.37
CA LYS B 178 51.14 -7.84 -2.38
C LYS B 178 50.86 -9.34 -2.37
N THR B 179 49.81 -9.80 -1.67
CA THR B 179 49.67 -11.24 -1.44
C THR B 179 48.52 -11.81 -2.27
N ILE B 180 47.29 -11.26 -2.10
CA ILE B 180 46.12 -11.90 -2.66
C ILE B 180 45.97 -11.68 -4.17
N PHE B 181 46.13 -10.43 -4.67
CA PHE B 181 45.89 -10.16 -6.08
C PHE B 181 46.93 -10.94 -6.88
N PRO B 182 48.23 -10.94 -6.46
CA PRO B 182 49.24 -11.75 -7.15
C PRO B 182 48.92 -13.23 -7.13
N ALA B 183 48.43 -13.75 -6.01
CA ALA B 183 48.12 -15.18 -5.92
C ALA B 183 46.98 -15.57 -6.87
N LEU B 184 46.07 -14.63 -7.16
CA LEU B 184 44.99 -14.86 -8.09
C LEU B 184 45.44 -14.49 -9.50
N GLY B 185 46.68 -14.03 -9.64
CA GLY B 185 47.17 -13.59 -10.94
C GLY B 185 46.48 -12.33 -11.48
N LEU B 186 46.10 -11.38 -10.62
CA LEU B 186 45.50 -10.14 -11.11
C LEU B 186 46.59 -9.06 -11.13
N LYS B 187 46.72 -8.36 -12.26
CA LYS B 187 47.83 -7.43 -12.46
C LYS B 187 47.29 -6.01 -12.61
N HIS B 188 45.95 -5.86 -12.62
CA HIS B 188 45.38 -4.52 -12.75
C HIS B 188 44.27 -4.26 -11.74
N SER B 189 44.49 -4.65 -10.48
CA SER B 189 43.53 -4.56 -9.39
C SER B 189 44.19 -3.84 -8.21
N TYR B 190 43.48 -2.88 -7.61
CA TYR B 190 44.06 -1.89 -6.72
C TYR B 190 43.11 -1.60 -5.57
N VAL B 191 43.71 -1.43 -4.38
CA VAL B 191 43.09 -0.68 -3.31
C VAL B 191 43.33 0.81 -3.58
N ASN B 192 44.58 1.14 -3.92
CA ASN B 192 44.99 2.51 -4.22
C ASN B 192 45.49 2.54 -5.67
N VAL B 193 44.76 3.29 -6.53
CA VAL B 193 45.15 3.38 -7.91
C VAL B 193 46.34 4.33 -7.95
N PRO B 194 47.48 3.86 -8.50
CA PRO B 194 48.73 4.61 -8.57
C PRO B 194 48.61 5.74 -9.59
N LYS B 195 49.45 6.78 -9.39
CA LYS B 195 49.41 7.98 -10.23
C LYS B 195 49.55 7.57 -11.69
N THR B 196 50.36 6.54 -11.93
CA THR B 196 50.67 6.00 -13.25
C THR B 196 49.51 5.23 -13.90
N GLN B 197 48.37 5.04 -13.21
CA GLN B 197 47.23 4.31 -13.80
C GLN B 197 45.97 5.17 -13.79
N MET B 198 46.11 6.38 -13.25
CA MET B 198 44.99 7.30 -13.09
C MET B 198 44.33 7.63 -14.42
N GLN B 199 45.06 7.54 -15.54
CA GLN B 199 44.45 7.82 -16.84
C GLN B 199 43.52 6.70 -17.27
N ASN B 200 43.59 5.54 -16.59
CA ASN B 200 42.72 4.43 -16.96
C ASN B 200 41.54 4.30 -16.00
N TYR B 201 41.56 5.08 -14.92
CA TYR B 201 40.50 5.10 -13.90
C TYR B 201 39.30 5.88 -14.45
N ALA B 202 38.19 5.19 -14.65
CA ALA B 202 37.00 5.84 -15.17
C ALA B 202 36.53 6.90 -14.16
N PHE B 203 35.84 7.92 -14.68
CA PHE B 203 34.96 8.60 -13.76
C PHE B 203 33.74 7.73 -13.51
N GLY B 204 33.18 7.83 -12.31
CA GLY B 204 31.82 7.35 -12.13
C GLY B 204 30.87 8.52 -12.35
N TYR B 205 29.59 8.22 -12.54
CA TYR B 205 28.62 9.27 -12.80
C TYR B 205 27.46 9.04 -11.85
N ASN B 206 27.01 10.13 -11.19
CA ASN B 206 25.93 10.03 -10.23
C ASN B 206 24.60 10.08 -10.98
N GLN B 207 23.50 10.28 -10.23
CA GLN B 207 22.16 10.21 -10.82
C GLN B 207 21.85 11.40 -11.73
N GLU B 208 22.65 12.47 -11.65
CA GLU B 208 22.51 13.60 -12.56
C GLU B 208 23.59 13.55 -13.67
N ASN B 209 24.26 12.41 -13.83
CA ASN B 209 25.34 12.23 -14.78
C ASN B 209 26.47 13.25 -14.53
N GLN B 210 26.70 13.54 -13.26
CA GLN B 210 27.85 14.35 -12.89
C GLN B 210 28.99 13.38 -12.55
N PRO B 211 30.23 13.68 -12.99
CA PRO B 211 31.36 12.79 -12.73
C PRO B 211 31.78 12.81 -11.26
N ILE B 212 32.06 11.63 -10.69
CA ILE B 212 32.38 11.47 -9.27
C ILE B 212 33.22 10.21 -9.13
N ARG B 213 33.96 10.06 -8.02
CA ARG B 213 34.67 8.85 -7.62
C ARG B 213 34.46 8.64 -6.12
N VAL B 214 34.78 7.45 -5.61
CA VAL B 214 34.44 7.08 -4.24
C VAL B 214 35.19 8.00 -3.27
N ASN B 215 34.55 8.33 -2.12
CA ASN B 215 35.19 9.11 -1.08
C ASN B 215 35.98 8.19 -0.15
N PRO B 216 37.16 8.63 0.36
CA PRO B 216 37.84 7.88 1.42
C PRO B 216 36.89 7.66 2.59
N GLY B 217 36.97 6.47 3.19
CA GLY B 217 36.10 6.12 4.30
C GLY B 217 36.76 5.21 5.32
N PRO B 218 36.18 5.12 6.55
CA PRO B 218 36.66 4.19 7.58
C PRO B 218 36.50 2.73 7.17
N LEU B 219 37.65 2.02 7.21
CA LEU B 219 37.76 0.66 6.71
C LEU B 219 37.07 0.57 5.36
N ASP B 220 37.38 1.51 4.46
CA ASP B 220 36.79 1.47 3.12
C ASP B 220 37.31 0.27 2.33
N ALA B 221 38.63 0.07 2.39
CA ALA B 221 39.18 -0.85 1.44
C ALA B 221 38.50 -2.22 1.60
N PRO B 222 38.40 -2.84 2.80
CA PRO B 222 37.75 -4.15 2.92
C PRO B 222 36.27 -4.23 2.57
N ALA B 223 35.56 -3.11 2.75
CA ALA B 223 34.11 -3.12 2.58
C ALA B 223 33.72 -2.81 1.14
N TYR B 224 34.40 -1.85 0.47
CA TYR B 224 33.95 -1.44 -0.85
C TYR B 224 35.04 -0.68 -1.62
N GLY B 225 36.33 -0.93 -1.31
CA GLY B 225 37.41 -0.05 -1.77
C GLY B 225 38.29 -0.59 -2.89
N VAL B 226 37.90 -1.70 -3.55
CA VAL B 226 38.73 -2.27 -4.60
C VAL B 226 38.28 -1.72 -5.96
N LYS B 227 39.26 -1.54 -6.85
CA LYS B 227 39.06 -1.16 -8.23
C LYS B 227 39.76 -2.18 -9.12
N SER B 228 39.13 -2.51 -10.26
CA SER B 228 39.64 -3.56 -11.14
C SER B 228 39.22 -3.33 -12.61
N THR B 229 39.70 -4.17 -13.52
CA THR B 229 39.38 -4.07 -14.94
C THR B 229 38.55 -5.29 -15.30
N LEU B 230 38.00 -5.30 -16.54
CA LEU B 230 37.20 -6.45 -16.93
C LEU B 230 38.07 -7.70 -17.04
N PRO B 231 39.26 -7.63 -17.69
CA PRO B 231 40.11 -8.82 -17.80
C PRO B 231 40.43 -9.47 -16.44
N ASP B 232 40.74 -8.62 -15.47
CA ASP B 232 41.02 -9.08 -14.11
C ASP B 232 39.82 -9.77 -13.48
N MET B 233 38.64 -9.16 -13.63
CA MET B 233 37.48 -9.74 -12.99
C MET B 233 37.13 -11.08 -13.60
N LEU B 234 37.32 -11.24 -14.92
CA LEU B 234 37.14 -12.52 -15.59
C LEU B 234 38.11 -13.58 -15.04
N SER B 235 39.32 -13.11 -14.74
CA SER B 235 40.37 -13.97 -14.17
C SER B 235 39.95 -14.38 -12.75
N PHE B 236 39.41 -13.41 -11.98
CA PHE B 236 38.88 -13.75 -10.68
C PHE B 236 37.75 -14.78 -10.79
N ILE B 237 36.85 -14.62 -11.76
CA ILE B 237 35.77 -15.60 -11.92
C ILE B 237 36.37 -16.95 -12.32
N HIS B 238 37.42 -16.90 -13.15
CA HIS B 238 38.10 -18.12 -13.54
C HIS B 238 38.59 -18.88 -12.31
N ALA B 239 39.32 -18.18 -11.44
CA ALA B 239 39.79 -18.72 -10.17
C ALA B 239 38.65 -19.40 -9.39
N ASN B 240 37.49 -18.72 -9.28
CA ASN B 240 36.37 -19.20 -8.50
C ASN B 240 35.75 -20.47 -9.11
N LEU B 241 35.80 -20.58 -10.45
CA LEU B 241 35.27 -21.69 -11.23
C LEU B 241 36.24 -22.87 -11.21
N ASN B 242 37.55 -22.61 -11.12
CA ASN B 242 38.58 -23.65 -11.24
C ASN B 242 39.60 -23.58 -10.10
N PRO B 243 39.18 -23.63 -8.81
CA PRO B 243 40.15 -23.50 -7.71
C PRO B 243 41.28 -24.54 -7.71
N GLN B 244 41.01 -25.75 -8.22
CA GLN B 244 42.00 -26.82 -8.31
C GLN B 244 43.25 -26.43 -9.11
N LYS B 245 43.13 -25.43 -9.98
CA LYS B 245 44.24 -25.07 -10.87
C LYS B 245 45.16 -24.06 -10.20
N TYR B 246 44.89 -23.71 -8.93
CA TYR B 246 45.69 -22.74 -8.19
C TYR B 246 46.50 -23.43 -7.10
N PRO B 247 47.65 -22.86 -6.69
CA PRO B 247 48.43 -23.37 -5.58
C PRO B 247 47.49 -23.58 -4.38
N THR B 248 47.82 -24.59 -3.58
CA THR B 248 47.11 -25.02 -2.37
C THR B 248 46.56 -23.85 -1.56
N ASP B 249 47.40 -22.85 -1.20
CA ASP B 249 47.02 -21.84 -0.22
C ASP B 249 45.81 -21.01 -0.71
N ILE B 250 45.89 -20.54 -1.94
CA ILE B 250 44.85 -19.67 -2.48
C ILE B 250 43.67 -20.53 -2.94
N GLN B 251 43.96 -21.76 -3.39
CA GLN B 251 42.89 -22.70 -3.70
C GLN B 251 41.99 -22.96 -2.48
N ARG B 252 42.61 -23.22 -1.33
CA ARG B 252 41.82 -23.45 -0.15
C ARG B 252 41.09 -22.15 0.24
N ALA B 253 41.71 -20.99 0.01
CA ALA B 253 41.03 -19.72 0.29
C ALA B 253 39.73 -19.63 -0.53
N ILE B 254 39.86 -19.88 -1.82
CA ILE B 254 38.73 -19.69 -2.73
C ILE B 254 37.61 -20.59 -2.26
N ASN B 255 37.94 -21.89 -2.10
CA ASN B 255 36.99 -22.88 -1.63
C ASN B 255 36.32 -22.43 -0.33
N GLU B 256 37.07 -21.82 0.61
CA GLU B 256 36.49 -21.41 1.90
C GLU B 256 35.38 -20.39 1.66
N THR B 257 35.58 -19.49 0.67
CA THR B 257 34.58 -18.44 0.40
C THR B 257 33.30 -19.03 -0.15
N HIS B 258 33.35 -20.28 -0.60
CA HIS B 258 32.15 -20.87 -1.23
C HIS B 258 31.26 -21.60 -0.23
N GLN B 259 31.70 -21.73 1.03
CA GLN B 259 30.95 -22.58 1.94
C GLN B 259 29.82 -21.75 2.55
N GLY B 260 28.57 -22.18 2.39
CA GLY B 260 27.45 -21.48 3.01
C GLY B 260 27.50 -21.65 4.52
N ARG B 261 27.00 -20.64 5.25
CA ARG B 261 27.19 -20.61 6.70
C ARG B 261 25.83 -20.65 7.41
N TYR B 262 24.84 -19.96 6.81
CA TYR B 262 23.44 -19.99 7.21
C TYR B 262 22.56 -19.62 6.01
N GLN B 263 21.22 -19.68 6.19
CA GLN B 263 20.35 -19.17 5.14
C GLN B 263 19.38 -18.13 5.68
N VAL B 264 18.90 -17.31 4.72
CA VAL B 264 17.76 -16.41 4.85
C VAL B 264 16.86 -16.75 3.67
N ASN B 265 15.94 -17.66 3.96
CA ASN B 265 15.11 -18.29 2.95
C ASN B 265 16.01 -19.00 1.95
N THR B 266 15.91 -18.59 0.68
CA THR B 266 16.60 -19.28 -0.39
C THR B 266 18.04 -18.77 -0.53
N MET B 267 18.41 -17.71 0.20
CA MET B 267 19.77 -17.19 0.03
C MET B 267 20.69 -17.82 1.07
N TYR B 268 21.75 -18.49 0.60
CA TYR B 268 22.75 -18.98 1.53
C TYR B 268 23.87 -17.94 1.57
N GLN B 269 24.23 -17.54 2.79
CA GLN B 269 25.35 -16.63 3.02
C GLN B 269 26.64 -17.43 3.16
N ALA B 270 27.48 -17.37 2.12
CA ALA B 270 28.86 -17.82 2.21
C ALA B 270 29.75 -16.67 2.66
N LEU B 271 31.05 -16.82 2.46
CA LEU B 271 31.93 -15.71 2.83
C LEU B 271 32.01 -14.73 1.67
N GLY B 272 31.35 -13.55 1.82
CA GLY B 272 31.29 -12.54 0.77
C GLY B 272 30.24 -12.91 -0.28
N TRP B 273 30.45 -14.06 -0.93
CA TRP B 273 29.52 -14.53 -1.94
C TRP B 273 28.16 -14.81 -1.31
N GLU B 274 27.11 -14.54 -2.10
CA GLU B 274 25.82 -15.17 -1.85
C GLU B 274 25.68 -16.41 -2.71
N GLU B 275 24.97 -17.41 -2.17
CA GLU B 275 24.97 -18.77 -2.73
C GLU B 275 23.52 -19.19 -2.84
N PHE B 276 23.23 -20.03 -3.85
CA PHE B 276 21.87 -20.45 -4.15
C PHE B 276 21.89 -21.87 -4.70
N SER B 277 20.84 -22.63 -4.40
CA SER B 277 20.67 -23.94 -5.03
C SER B 277 20.54 -23.76 -6.54
N TYR B 278 21.30 -24.55 -7.33
CA TYR B 278 21.31 -24.41 -8.79
C TYR B 278 20.67 -25.65 -9.42
N PRO B 279 19.77 -25.52 -10.44
CA PRO B 279 19.37 -24.24 -11.03
C PRO B 279 18.57 -23.33 -10.11
N ALA B 280 18.80 -22.02 -10.21
CA ALA B 280 18.02 -21.05 -9.44
C ALA B 280 17.03 -20.34 -10.35
N THR B 281 15.87 -19.92 -9.80
CA THR B 281 14.98 -19.13 -10.62
C THR B 281 15.44 -17.67 -10.52
N LEU B 282 14.95 -16.84 -11.46
CA LEU B 282 15.30 -15.43 -11.51
C LEU B 282 14.78 -14.76 -10.26
N GLN B 283 13.57 -15.17 -9.82
CA GLN B 283 12.98 -14.52 -8.66
C GLN B 283 13.78 -14.80 -7.39
N THR B 284 14.39 -15.99 -7.29
CA THR B 284 15.22 -16.29 -6.13
C THR B 284 16.43 -15.34 -6.08
N LEU B 285 17.06 -15.16 -7.25
CA LEU B 285 18.19 -14.23 -7.41
C LEU B 285 17.81 -12.78 -7.11
N LEU B 286 16.66 -12.35 -7.60
CA LEU B 286 16.08 -11.04 -7.31
C LEU B 286 15.80 -10.84 -5.80
N ASP B 287 15.20 -11.84 -5.14
CA ASP B 287 14.83 -11.76 -3.73
C ASP B 287 16.07 -11.50 -2.86
N SER B 288 17.22 -12.07 -3.25
CA SER B 288 18.45 -11.92 -2.50
C SER B 288 18.83 -10.47 -2.29
N ASN B 289 18.51 -9.57 -3.23
CA ASN B 289 18.95 -8.18 -3.11
C ASN B 289 17.76 -7.22 -2.91
N SER B 290 16.64 -7.77 -2.43
CA SER B 290 15.48 -6.96 -2.08
C SER B 290 15.84 -5.99 -0.98
N GLU B 291 15.05 -4.90 -0.85
CA GLU B 291 15.29 -3.94 0.22
C GLU B 291 15.26 -4.60 1.61
N GLN B 292 14.36 -5.58 1.81
CA GLN B 292 14.21 -6.28 3.08
C GLN B 292 15.49 -7.02 3.47
N ILE B 293 16.19 -7.62 2.50
CA ILE B 293 17.38 -8.42 2.80
C ILE B 293 18.59 -7.49 2.95
N VAL B 294 18.71 -6.51 2.05
CA VAL B 294 19.90 -5.66 2.06
C VAL B 294 19.91 -4.69 3.25
N MET B 295 18.75 -4.10 3.57
CA MET B 295 18.72 -2.90 4.40
C MET B 295 18.17 -3.14 5.80
N LYS B 296 17.52 -4.29 6.07
CA LYS B 296 16.88 -4.52 7.35
C LYS B 296 17.47 -5.77 7.99
N PRO B 297 17.34 -5.94 9.33
CA PRO B 297 17.85 -7.15 9.99
C PRO B 297 16.94 -8.33 9.64
N ASN B 298 17.55 -9.49 9.41
CA ASN B 298 16.75 -10.70 9.20
C ASN B 298 17.29 -11.82 10.08
N LYS B 299 16.40 -12.48 10.85
CA LYS B 299 16.78 -13.65 11.62
C LYS B 299 17.31 -14.70 10.63
N VAL B 300 18.43 -15.34 10.94
CA VAL B 300 18.98 -16.34 10.03
C VAL B 300 18.48 -17.70 10.51
N THR B 301 18.59 -18.75 9.66
CA THR B 301 18.34 -20.14 10.07
C THR B 301 19.49 -21.06 9.68
N ALA B 302 19.65 -22.16 10.41
CA ALA B 302 20.65 -23.15 10.08
C ALA B 302 20.36 -23.70 8.69
N ILE B 303 21.41 -24.08 7.95
CA ILE B 303 21.19 -24.76 6.68
C ILE B 303 20.64 -26.15 7.00
N SER B 304 19.50 -26.48 6.40
CA SER B 304 18.80 -27.71 6.69
C SER B 304 18.65 -28.53 5.41
N LYS B 305 18.83 -27.88 4.25
CA LYS B 305 19.04 -28.55 2.97
C LYS B 305 20.29 -27.96 2.32
N GLU B 306 21.36 -28.76 2.22
CA GLU B 306 22.59 -28.41 1.57
C GLU B 306 22.58 -28.98 0.16
N PRO B 307 22.38 -28.14 -0.88
CA PRO B 307 22.28 -28.62 -2.27
C PRO B 307 23.63 -29.13 -2.83
N SER B 308 23.57 -30.15 -3.69
CA SER B 308 24.80 -30.66 -4.25
C SER B 308 25.38 -29.64 -5.25
N VAL B 309 24.51 -28.93 -5.98
CA VAL B 309 24.99 -28.00 -7.00
C VAL B 309 24.47 -26.61 -6.68
N LYS B 310 25.36 -25.61 -6.73
CA LYS B 310 25.08 -24.23 -6.33
C LYS B 310 25.44 -23.20 -7.41
N MET B 311 24.86 -21.99 -7.30
CA MET B 311 25.43 -20.85 -8.00
C MET B 311 25.72 -19.73 -7.01
N TYR B 312 26.50 -18.73 -7.46
CA TYR B 312 27.01 -17.68 -6.57
C TYR B 312 26.97 -16.35 -7.30
N HIS B 313 26.51 -15.29 -6.61
CA HIS B 313 26.61 -13.95 -7.18
C HIS B 313 26.92 -12.92 -6.09
N LYS B 314 27.14 -11.67 -6.55
CA LYS B 314 27.38 -10.56 -5.66
C LYS B 314 27.21 -9.25 -6.42
N THR B 315 26.36 -8.33 -5.91
CA THR B 315 26.27 -7.00 -6.48
C THR B 315 27.31 -6.12 -5.80
N GLY B 316 27.57 -4.98 -6.44
CA GLY B 316 28.36 -3.91 -5.83
C GLY B 316 27.94 -2.53 -6.35
N SER B 317 27.94 -1.56 -5.45
CA SER B 317 27.68 -0.18 -5.87
C SER B 317 28.60 0.76 -5.11
N THR B 318 29.10 1.76 -5.84
CA THR B 318 29.58 3.01 -5.24
C THR B 318 28.71 4.15 -5.75
N SER B 319 29.02 5.40 -5.35
CA SER B 319 28.17 6.52 -5.75
C SER B 319 28.02 6.56 -7.28
N GLY B 320 29.08 6.20 -8.02
CA GLY B 320 29.02 6.37 -9.46
C GLY B 320 29.32 5.11 -10.27
N PHE B 321 29.22 3.92 -9.65
CA PHE B 321 29.59 2.69 -10.33
C PHE B 321 28.70 1.55 -9.85
N GLY B 322 28.27 0.71 -10.83
CA GLY B 322 27.60 -0.55 -10.57
C GLY B 322 28.47 -1.75 -10.98
N THR B 323 28.35 -2.82 -10.19
CA THR B 323 29.02 -4.09 -10.46
C THR B 323 28.03 -5.25 -10.24
N TYR B 324 28.28 -6.34 -10.94
CA TYR B 324 27.62 -7.62 -10.66
C TYR B 324 28.48 -8.75 -11.24
N VAL B 325 28.74 -9.76 -10.40
CA VAL B 325 29.54 -10.91 -10.75
C VAL B 325 28.72 -12.15 -10.37
N VAL B 326 28.73 -13.15 -11.26
CA VAL B 326 27.96 -14.37 -11.06
C VAL B 326 28.72 -15.55 -11.67
N PHE B 327 28.65 -16.71 -11.00
CA PHE B 327 29.23 -17.90 -11.59
C PHE B 327 28.47 -19.16 -11.17
N ILE B 328 28.62 -20.18 -12.03
CA ILE B 328 27.84 -21.40 -11.96
C ILE B 328 28.80 -22.55 -12.24
N PRO B 329 29.43 -23.18 -11.21
CA PRO B 329 30.41 -24.25 -11.46
C PRO B 329 29.95 -25.34 -12.43
N LYS B 330 28.71 -25.82 -12.26
CA LYS B 330 28.20 -26.95 -13.02
C LYS B 330 28.30 -26.72 -14.53
N GLU B 331 28.08 -25.46 -14.95
CA GLU B 331 28.06 -25.12 -16.37
C GLU B 331 29.40 -24.52 -16.78
N ASN B 332 30.37 -24.46 -15.87
CA ASN B 332 31.68 -23.86 -16.08
C ASN B 332 31.57 -22.47 -16.73
N ILE B 333 30.73 -21.59 -16.15
CA ILE B 333 30.45 -20.32 -16.82
C ILE B 333 30.25 -19.23 -15.77
N GLY B 334 30.61 -17.99 -16.13
CA GLY B 334 30.38 -16.84 -15.28
C GLY B 334 30.31 -15.54 -16.08
N LEU B 335 29.77 -14.50 -15.43
CA LEU B 335 29.62 -13.22 -16.10
C LEU B 335 30.05 -12.12 -15.14
N VAL B 336 30.61 -11.05 -15.72
CA VAL B 336 30.93 -9.84 -14.97
C VAL B 336 30.29 -8.66 -15.70
N MET B 337 29.62 -7.76 -14.94
CA MET B 337 29.16 -6.46 -15.45
C MET B 337 29.78 -5.33 -14.62
N LEU B 338 30.41 -4.36 -15.31
CA LEU B 338 30.91 -3.12 -14.75
C LEU B 338 30.27 -1.93 -15.46
N THR B 339 29.69 -0.99 -14.66
CA THR B 339 29.22 0.26 -15.22
C THR B 339 29.79 1.44 -14.45
N ASN B 340 29.88 2.59 -15.13
CA ASN B 340 30.30 3.80 -14.46
C ASN B 340 29.08 4.69 -14.26
N LYS B 341 27.94 4.01 -14.00
CA LYS B 341 26.75 4.63 -13.36
C LYS B 341 25.92 3.49 -12.77
N ARG B 342 25.32 3.70 -11.57
CA ARG B 342 24.56 2.65 -10.93
C ARG B 342 23.25 2.51 -11.65
N ILE B 343 22.83 1.25 -11.77
CA ILE B 343 21.55 0.89 -12.36
C ILE B 343 20.91 -0.10 -11.40
N PRO B 344 19.56 -0.19 -11.32
CA PRO B 344 18.94 -1.05 -10.30
C PRO B 344 19.59 -2.44 -10.35
N ASN B 345 19.85 -3.01 -9.18
CA ASN B 345 20.34 -4.38 -9.05
C ASN B 345 19.46 -5.36 -9.83
N GLU B 346 18.14 -5.16 -9.81
CA GLU B 346 17.26 -6.10 -10.52
C GLU B 346 17.64 -6.17 -12.00
N GLU B 347 18.08 -5.04 -12.57
CA GLU B 347 18.35 -5.00 -14.02
C GLU B 347 19.65 -5.75 -14.33
N ARG B 348 20.61 -5.63 -13.40
CA ARG B 348 21.88 -6.37 -13.48
C ARG B 348 21.61 -7.88 -13.47
N ILE B 349 20.83 -8.33 -12.49
CA ILE B 349 20.65 -9.77 -12.28
C ILE B 349 19.87 -10.38 -13.45
N LYS B 350 18.82 -9.70 -13.87
CA LYS B 350 17.99 -10.18 -14.96
C LYS B 350 18.78 -10.27 -16.29
N ALA B 351 19.49 -9.20 -16.69
CA ALA B 351 20.28 -9.25 -17.93
C ALA B 351 21.26 -10.42 -17.87
N ALA B 352 21.96 -10.60 -16.73
CA ALA B 352 22.93 -11.69 -16.63
C ALA B 352 22.22 -13.04 -16.71
N TYR B 353 21.04 -13.15 -16.07
CA TYR B 353 20.31 -14.41 -16.02
C TYR B 353 19.91 -14.81 -17.45
N VAL B 354 19.40 -13.84 -18.24
CA VAL B 354 18.93 -14.15 -19.59
C VAL B 354 20.13 -14.64 -20.42
N VAL B 355 21.25 -13.93 -20.32
CA VAL B 355 22.42 -14.24 -21.14
C VAL B 355 22.99 -15.59 -20.76
N LEU B 356 23.17 -15.85 -19.44
CA LEU B 356 23.81 -17.10 -19.05
C LEU B 356 22.91 -18.29 -19.35
N ASN B 357 21.60 -18.06 -19.37
CA ASN B 357 20.73 -19.18 -19.66
C ASN B 357 20.60 -19.46 -21.16
N ALA B 358 21.01 -18.50 -21.99
CA ALA B 358 20.75 -18.60 -23.42
C ALA B 358 21.97 -19.13 -24.14
N ILE B 359 23.14 -19.01 -23.51
CA ILE B 359 24.40 -19.35 -24.16
C ILE B 359 24.45 -20.85 -24.40
N LYS B 360 24.88 -21.24 -25.62
CA LYS B 360 24.98 -22.62 -26.09
C LYS B 360 23.74 -22.98 -26.90
N PRO C 5 -45.87 3.75 33.54
CA PRO C 5 -45.74 4.83 32.55
C PRO C 5 -45.00 4.32 31.32
N LYS C 6 -45.49 4.70 30.13
CA LYS C 6 -44.96 4.22 28.87
C LYS C 6 -43.51 4.68 28.69
N ASP C 7 -43.17 5.79 29.37
CA ASP C 7 -41.83 6.35 29.36
C ASP C 7 -40.81 5.28 29.73
N GLN C 8 -41.01 4.67 30.90
CA GLN C 8 -40.11 3.65 31.43
C GLN C 8 -40.18 2.38 30.58
N GLU C 9 -41.34 2.11 29.97
CA GLU C 9 -41.58 0.88 29.23
C GLU C 9 -40.65 0.78 28.00
N ILE C 10 -40.78 1.76 27.08
CA ILE C 10 -39.93 1.88 25.90
C ILE C 10 -38.46 1.88 26.32
N LYS C 11 -38.11 2.72 27.31
CA LYS C 11 -36.75 2.86 27.82
C LYS C 11 -36.15 1.48 28.14
N LYS C 12 -36.95 0.61 28.76
CA LYS C 12 -36.45 -0.67 29.26
C LYS C 12 -36.21 -1.63 28.09
N LEU C 13 -37.06 -1.52 27.06
CA LEU C 13 -36.93 -2.36 25.88
C LEU C 13 -35.68 -1.96 25.09
N VAL C 14 -35.46 -0.64 24.94
CA VAL C 14 -34.31 -0.13 24.21
C VAL C 14 -33.04 -0.48 24.99
N ASP C 15 -33.07 -0.24 26.30
CA ASP C 15 -31.99 -0.66 27.18
C ASP C 15 -31.64 -2.11 26.87
N GLN C 16 -32.68 -2.95 26.72
CA GLN C 16 -32.54 -4.39 26.59
C GLN C 16 -31.94 -4.77 25.24
N ASN C 17 -32.36 -4.09 24.16
CA ASN C 17 -32.13 -4.56 22.80
C ASN C 17 -31.01 -3.78 22.10
N PHE C 18 -30.67 -2.58 22.59
CA PHE C 18 -29.70 -1.73 21.90
C PHE C 18 -28.43 -1.51 22.73
N LYS C 19 -28.57 -1.37 24.05
CA LYS C 19 -27.45 -1.01 24.91
C LYS C 19 -26.25 -1.95 24.75
N PRO C 20 -26.43 -3.30 24.71
CA PRO C 20 -25.28 -4.21 24.61
C PRO C 20 -24.48 -4.15 23.31
N LEU C 21 -25.04 -3.50 22.28
CA LEU C 21 -24.34 -3.36 21.01
C LEU C 21 -23.10 -2.47 21.19
N LEU C 22 -23.18 -1.55 22.16
CA LEU C 22 -22.09 -0.62 22.46
C LEU C 22 -20.87 -1.40 22.95
N GLU C 23 -21.03 -2.26 23.96
CA GLU C 23 -19.88 -2.99 24.48
C GLU C 23 -19.47 -4.09 23.52
N LYS C 24 -20.42 -4.64 22.77
CA LYS C 24 -20.13 -5.74 21.85
C LYS C 24 -19.30 -5.27 20.66
N TYR C 25 -19.51 -4.02 20.24
CA TYR C 25 -18.88 -3.54 19.01
C TYR C 25 -17.85 -2.45 19.28
N ASP C 26 -17.64 -2.12 20.57
CA ASP C 26 -16.71 -1.06 20.96
C ASP C 26 -17.15 0.25 20.32
N VAL C 27 -18.43 0.59 20.49
CA VAL C 27 -19.09 1.75 19.89
C VAL C 27 -19.20 2.83 20.95
N PRO C 28 -18.56 4.02 20.77
CA PRO C 28 -18.58 5.05 21.80
C PRO C 28 -19.92 5.66 22.24
N GLY C 29 -20.82 5.94 21.30
CA GLY C 29 -22.07 6.59 21.64
C GLY C 29 -23.22 6.17 20.71
N MET C 30 -24.47 6.39 21.15
CA MET C 30 -25.65 5.91 20.43
C MET C 30 -26.86 6.69 20.93
N ALA C 31 -27.72 7.11 19.98
CA ALA C 31 -29.04 7.64 20.31
C ALA C 31 -30.11 6.79 19.66
N VAL C 32 -31.08 6.31 20.45
CA VAL C 32 -32.22 5.56 19.94
C VAL C 32 -33.50 6.33 20.29
N GLY C 33 -34.36 6.53 19.28
CA GLY C 33 -35.62 7.24 19.49
C GLY C 33 -36.80 6.42 18.95
N VAL C 34 -37.95 6.53 19.66
CA VAL C 34 -39.21 5.87 19.28
C VAL C 34 -40.31 6.91 19.19
N ILE C 35 -41.17 6.80 18.16
CA ILE C 35 -42.37 7.61 18.08
C ILE C 35 -43.59 6.71 17.90
N GLN C 36 -44.68 7.05 18.63
CA GLN C 36 -45.91 6.29 18.62
C GLN C 36 -47.07 7.21 18.98
N ASN C 37 -48.06 7.28 18.08
CA ASN C 37 -49.26 8.08 18.26
C ASN C 37 -48.87 9.48 18.70
N ASN C 38 -47.78 10.00 18.11
CA ASN C 38 -47.28 11.36 18.30
C ASN C 38 -46.54 11.53 19.64
N LYS C 39 -46.22 10.42 20.32
CA LYS C 39 -45.40 10.43 21.53
C LYS C 39 -43.95 10.06 21.19
N LYS C 40 -42.99 10.89 21.62
CA LYS C 40 -41.58 10.73 21.29
C LYS C 40 -40.79 10.32 22.54
N TYR C 41 -40.00 9.24 22.43
CA TYR C 41 -39.20 8.69 23.53
C TYR C 41 -37.72 8.57 23.14
N GLU C 42 -36.87 9.44 23.72
CA GLU C 42 -35.46 9.49 23.33
C GLU C 42 -34.57 8.83 24.40
N MET C 43 -33.65 7.93 23.97
CA MET C 43 -32.65 7.30 24.82
C MET C 43 -31.23 7.58 24.29
N TYR C 44 -30.30 7.87 25.21
CA TYR C 44 -28.95 8.30 24.87
C TYR C 44 -27.92 7.50 25.68
N TYR C 45 -26.87 7.00 25.01
CA TYR C 45 -25.83 6.21 25.65
C TYR C 45 -24.44 6.71 25.25
N GLY C 46 -23.48 6.62 26.17
CA GLY C 46 -22.07 6.81 25.86
C GLY C 46 -21.75 8.23 25.38
N LEU C 47 -20.74 8.32 24.50
CA LEU C 47 -20.00 9.55 24.22
C LEU C 47 -20.13 9.94 22.75
N GLN C 48 -20.49 11.22 22.56
CA GLN C 48 -20.46 11.96 21.30
C GLN C 48 -19.02 12.17 20.84
N SER C 49 -18.12 12.38 21.80
CA SER C 49 -16.73 12.69 21.53
C SER C 49 -15.88 12.15 22.67
N VAL C 50 -14.94 11.26 22.33
CA VAL C 50 -14.16 10.60 23.34
C VAL C 50 -13.12 11.60 23.86
N GLN C 51 -12.46 12.30 22.92
CA GLN C 51 -11.42 13.28 23.26
C GLN C 51 -12.04 14.36 24.12
N ASP C 52 -13.23 14.86 23.74
CA ASP C 52 -13.81 15.98 24.47
C ASP C 52 -14.67 15.57 25.68
N LYS C 53 -14.77 14.27 25.99
CA LYS C 53 -15.55 13.82 27.13
C LYS C 53 -16.96 14.41 27.10
N LYS C 54 -17.61 14.34 25.92
CA LYS C 54 -18.96 14.82 25.73
C LYS C 54 -19.89 13.63 25.56
N ALA C 55 -20.98 13.59 26.36
CA ALA C 55 -21.98 12.54 26.27
C ALA C 55 -22.98 12.86 25.17
N VAL C 56 -23.47 11.79 24.51
CA VAL C 56 -24.55 11.88 23.55
C VAL C 56 -25.79 12.43 24.26
N ASN C 57 -26.47 13.36 23.61
CA ASN C 57 -27.61 14.08 24.13
C ASN C 57 -28.48 14.50 22.94
N SER C 58 -29.53 15.27 23.23
CA SER C 58 -30.53 15.64 22.24
C SER C 58 -29.99 16.61 21.19
N ASN C 59 -28.89 17.31 21.50
CA ASN C 59 -28.30 18.22 20.53
C ASN C 59 -27.24 17.53 19.67
N THR C 60 -26.93 16.25 19.90
CA THR C 60 -25.86 15.58 19.17
C THR C 60 -26.23 15.42 17.69
N ILE C 61 -25.33 15.82 16.79
CA ILE C 61 -25.49 15.66 15.35
C ILE C 61 -24.69 14.44 14.88
N PHE C 62 -25.35 13.51 14.16
CA PHE C 62 -24.70 12.32 13.61
C PHE C 62 -24.76 12.37 12.09
N GLU C 63 -23.81 11.71 11.41
CA GLU C 63 -23.90 11.57 9.97
C GLU C 63 -24.90 10.45 9.68
N LEU C 64 -25.83 10.71 8.75
CA LEU C 64 -26.91 9.79 8.45
C LEU C 64 -26.51 8.84 7.34
N GLY C 65 -25.45 9.20 6.60
CA GLY C 65 -25.02 8.41 5.46
C GLY C 65 -26.18 8.26 4.47
N SER C 66 -26.44 7.03 4.05
CA SER C 66 -27.40 6.75 2.99
C SER C 66 -28.82 7.21 3.34
N VAL C 67 -29.10 7.38 4.64
CA VAL C 67 -30.40 7.91 5.03
C VAL C 67 -30.59 9.33 4.47
N SER C 68 -29.49 10.01 4.09
CA SER C 68 -29.54 11.27 3.37
C SER C 68 -30.38 11.14 2.11
N LYS C 69 -30.40 9.94 1.50
CA LYS C 69 -31.08 9.76 0.23
C LYS C 69 -32.57 10.06 0.38
N LEU C 70 -33.10 9.88 1.61
CA LEU C 70 -34.53 10.07 1.87
C LEU C 70 -34.90 11.54 1.72
N PHE C 71 -33.95 12.41 2.04
CA PHE C 71 -34.15 13.84 1.90
C PHE C 71 -34.02 14.21 0.43
N THR C 72 -33.11 13.53 -0.28
CA THR C 72 -32.95 13.78 -1.71
C THR C 72 -34.24 13.38 -2.41
N ALA C 73 -34.83 12.27 -1.97
CA ALA C 73 -36.12 11.78 -2.45
C ALA C 73 -37.22 12.81 -2.16
N THR C 74 -37.23 13.36 -0.95
CA THR C 74 -38.23 14.33 -0.52
C THR C 74 -38.11 15.61 -1.33
N ALA C 75 -36.87 16.06 -1.61
CA ALA C 75 -36.69 17.26 -2.42
C ALA C 75 -37.19 17.04 -3.84
N GLY C 76 -37.00 15.82 -4.36
CA GLY C 76 -37.42 15.45 -5.70
C GLY C 76 -38.94 15.36 -5.82
N GLY C 77 -39.58 14.85 -4.76
CA GLY C 77 -41.04 14.77 -4.68
C GLY C 77 -41.66 16.16 -4.60
N TYR C 78 -40.95 17.09 -3.95
CA TYR C 78 -41.38 18.47 -3.81
C TYR C 78 -41.30 19.18 -5.16
N ALA C 79 -40.13 19.14 -5.82
CA ALA C 79 -39.88 19.82 -7.07
C ALA C 79 -40.89 19.37 -8.14
N LYS C 80 -41.22 18.06 -8.11
CA LYS C 80 -42.16 17.44 -9.05
C LYS C 80 -43.57 17.99 -8.83
N ASN C 81 -44.02 18.00 -7.57
CA ASN C 81 -45.38 18.38 -7.24
C ASN C 81 -45.61 19.87 -7.44
N LYS C 82 -44.53 20.65 -7.39
CA LYS C 82 -44.56 22.07 -7.70
C LYS C 82 -44.33 22.28 -9.20
N GLY C 83 -44.03 21.19 -9.93
CA GLY C 83 -43.96 21.25 -11.38
C GLY C 83 -42.62 21.72 -11.92
N LYS C 84 -41.59 21.77 -11.05
CA LYS C 84 -40.28 22.23 -11.47
C LYS C 84 -39.60 21.18 -12.36
N ILE C 85 -40.02 19.92 -12.20
CA ILE C 85 -39.51 18.79 -12.98
C ILE C 85 -40.65 17.81 -13.20
N SER C 86 -40.47 16.96 -14.21
CA SER C 86 -41.26 15.76 -14.39
C SER C 86 -40.34 14.55 -14.23
N PHE C 87 -40.87 13.44 -13.68
CA PHE C 87 -40.08 12.22 -13.51
C PHE C 87 -39.68 11.65 -14.86
N ASP C 88 -40.41 12.04 -15.91
CA ASP C 88 -40.13 11.54 -17.24
C ASP C 88 -39.08 12.42 -17.91
N ASP C 89 -38.67 13.48 -17.21
CA ASP C 89 -37.61 14.35 -17.72
C ASP C 89 -36.28 13.59 -17.73
N THR C 90 -35.33 14.10 -18.51
CA THR C 90 -33.97 13.58 -18.54
C THR C 90 -33.03 14.69 -18.05
N PRO C 91 -31.80 14.36 -17.57
CA PRO C 91 -30.93 15.36 -16.92
C PRO C 91 -30.51 16.52 -17.82
N GLY C 92 -30.39 16.24 -19.12
CA GLY C 92 -30.00 17.22 -20.14
C GLY C 92 -30.93 18.43 -20.18
N LYS C 93 -32.19 18.26 -19.75
CA LYS C 93 -33.20 19.31 -19.77
C LYS C 93 -32.81 20.40 -18.78
N TYR C 94 -31.90 20.06 -17.85
CA TYR C 94 -31.62 20.89 -16.69
C TYR C 94 -30.14 21.21 -16.61
N TRP C 95 -29.34 20.15 -16.71
CA TRP C 95 -27.91 20.31 -16.89
C TRP C 95 -27.63 20.32 -18.39
N LYS C 96 -27.50 21.55 -18.92
CA LYS C 96 -27.50 21.83 -20.35
C LYS C 96 -26.33 21.11 -21.02
N GLU C 97 -25.22 20.99 -20.30
CA GLU C 97 -24.00 20.38 -20.83
C GLU C 97 -24.15 18.87 -20.98
N LEU C 98 -25.31 18.33 -20.55
CA LEU C 98 -25.59 16.92 -20.74
C LEU C 98 -26.65 16.70 -21.82
N LYS C 99 -27.14 17.79 -22.42
CA LYS C 99 -28.13 17.68 -23.49
C LYS C 99 -27.54 16.84 -24.62
N ASN C 100 -28.35 15.91 -25.13
CA ASN C 100 -28.03 15.09 -26.30
C ASN C 100 -26.92 14.09 -26.02
N THR C 101 -26.54 13.94 -24.74
CA THR C 101 -25.54 12.94 -24.38
C THR C 101 -26.25 11.60 -24.17
N PRO C 102 -25.52 10.46 -24.16
CA PRO C 102 -26.13 9.18 -23.80
C PRO C 102 -26.88 9.18 -22.47
N ILE C 103 -26.31 9.84 -21.45
CA ILE C 103 -26.91 9.87 -20.12
C ILE C 103 -28.25 10.61 -20.19
N ASP C 104 -28.40 11.40 -21.27
CA ASP C 104 -29.59 12.18 -21.53
C ASP C 104 -30.77 11.30 -21.92
N GLN C 105 -30.54 9.98 -22.04
CA GLN C 105 -31.59 9.06 -22.43
C GLN C 105 -32.22 8.40 -21.19
N VAL C 106 -31.60 8.63 -20.03
CA VAL C 106 -32.11 8.11 -18.77
C VAL C 106 -33.00 9.17 -18.15
N ASN C 107 -34.21 8.78 -17.71
CA ASN C 107 -35.13 9.72 -17.08
C ASN C 107 -34.75 9.93 -15.62
N LEU C 108 -35.42 10.89 -14.96
CA LEU C 108 -35.06 11.30 -13.61
C LEU C 108 -35.47 10.24 -12.60
N LEU C 109 -36.59 9.55 -12.83
CA LEU C 109 -37.04 8.53 -11.88
C LEU C 109 -36.06 7.36 -11.87
N GLN C 110 -35.51 7.05 -13.04
CA GLN C 110 -34.57 5.94 -13.17
C GLN C 110 -33.25 6.25 -12.48
N LEU C 111 -32.88 7.54 -12.39
CA LEU C 111 -31.67 7.92 -11.69
C LEU C 111 -31.92 7.83 -10.19
N ALA C 112 -33.12 8.25 -9.79
CA ALA C 112 -33.52 8.29 -8.40
C ALA C 112 -33.66 6.87 -7.84
N THR C 113 -33.92 5.91 -8.74
CA THR C 113 -34.24 4.54 -8.31
C THR C 113 -33.25 3.53 -8.88
N TYR C 114 -32.13 4.01 -9.42
CA TYR C 114 -30.90 3.23 -9.58
C TYR C 114 -30.91 2.33 -10.82
N THR C 115 -31.71 2.66 -11.85
CA THR C 115 -31.88 1.74 -12.98
C THR C 115 -31.31 2.25 -14.31
N SER C 116 -30.27 3.09 -14.26
CA SER C 116 -29.63 3.62 -15.46
C SER C 116 -28.97 2.50 -16.27
N GLY C 117 -28.54 1.45 -15.56
CA GLY C 117 -27.99 0.26 -16.16
C GLY C 117 -26.48 0.29 -16.25
N ASN C 118 -25.86 1.40 -15.81
CA ASN C 118 -24.40 1.49 -15.81
C ASN C 118 -23.91 2.55 -14.81
N LEU C 119 -24.34 2.45 -13.54
CA LEU C 119 -23.74 3.24 -12.48
C LEU C 119 -23.57 2.38 -11.23
N ALA C 120 -22.35 2.43 -10.67
CA ALA C 120 -21.92 1.61 -9.56
C ALA C 120 -22.30 2.28 -8.23
N LEU C 121 -21.85 1.67 -7.14
CA LEU C 121 -22.12 2.22 -5.83
C LEU C 121 -21.46 3.58 -5.72
N GLN C 122 -20.18 3.66 -6.13
CA GLN C 122 -19.41 4.89 -6.00
C GLN C 122 -19.01 5.40 -7.39
N PHE C 123 -18.58 6.66 -7.44
CA PHE C 123 -17.86 7.19 -8.58
C PHE C 123 -16.49 6.54 -8.65
N PRO C 124 -15.81 6.57 -9.82
CA PRO C 124 -14.39 6.24 -9.88
C PRO C 124 -13.55 7.11 -8.93
N ASP C 125 -12.50 6.50 -8.38
CA ASP C 125 -11.56 7.14 -7.49
C ASP C 125 -11.10 8.50 -8.03
N GLU C 126 -10.94 8.62 -9.36
CA GLU C 126 -10.32 9.80 -9.93
C GLU C 126 -11.38 10.87 -10.27
N VAL C 127 -12.65 10.60 -9.95
CA VAL C 127 -13.67 11.63 -10.08
C VAL C 127 -13.80 12.34 -8.73
N GLN C 128 -13.44 13.63 -8.71
CA GLN C 128 -13.37 14.39 -7.48
C GLN C 128 -14.04 15.76 -7.65
N THR C 129 -13.53 16.59 -8.59
CA THR C 129 -14.01 17.96 -8.76
C THR C 129 -15.32 17.97 -9.54
N ASP C 130 -15.94 19.16 -9.59
CA ASP C 130 -17.22 19.38 -10.27
C ASP C 130 -17.04 19.15 -11.78
N GLN C 131 -15.89 19.61 -12.31
CA GLN C 131 -15.54 19.46 -13.71
C GLN C 131 -15.35 17.98 -14.04
N GLN C 132 -14.68 17.25 -13.13
CA GLN C 132 -14.46 15.83 -13.32
C GLN C 132 -15.78 15.06 -13.30
N VAL C 133 -16.76 15.58 -12.55
CA VAL C 133 -18.06 14.93 -12.42
C VAL C 133 -18.81 15.08 -13.74
N LEU C 134 -18.71 16.27 -14.33
CA LEU C 134 -19.35 16.52 -15.62
C LEU C 134 -18.74 15.65 -16.71
N THR C 135 -17.41 15.52 -16.69
CA THR C 135 -16.67 14.75 -17.67
C THR C 135 -17.13 13.29 -17.61
N PHE C 136 -17.23 12.79 -16.39
CA PHE C 136 -17.73 11.44 -16.14
C PHE C 136 -19.08 11.24 -16.83
N PHE C 137 -20.04 12.16 -16.60
CA PHE C 137 -21.38 12.01 -17.15
C PHE C 137 -21.44 12.26 -18.66
N LYS C 138 -20.53 13.11 -19.19
CA LYS C 138 -20.47 13.36 -20.62
C LYS C 138 -19.98 12.12 -21.34
N ASP C 139 -19.00 11.43 -20.73
CA ASP C 139 -18.37 10.28 -21.35
C ASP C 139 -19.14 8.99 -21.06
N TRP C 140 -20.20 9.09 -20.23
CA TRP C 140 -21.02 7.95 -19.85
C TRP C 140 -21.63 7.31 -21.09
N LYS C 141 -21.71 5.97 -21.07
CA LYS C 141 -22.28 5.16 -22.14
C LYS C 141 -23.13 4.06 -21.52
N PRO C 142 -24.28 3.68 -22.14
CA PRO C 142 -25.17 2.64 -21.60
C PRO C 142 -24.57 1.24 -21.57
N LYS C 143 -25.12 0.39 -20.70
CA LYS C 143 -24.67 -0.98 -20.60
C LYS C 143 -25.91 -1.90 -20.58
N ASN C 144 -26.51 -2.06 -19.39
CA ASN C 144 -27.75 -2.78 -19.22
C ASN C 144 -28.94 -1.95 -19.72
N PRO C 145 -29.96 -2.61 -20.32
CA PRO C 145 -31.19 -1.94 -20.75
C PRO C 145 -31.67 -0.93 -19.71
N ILE C 146 -31.86 0.32 -20.13
CA ILE C 146 -32.21 1.38 -19.19
C ILE C 146 -33.57 1.08 -18.55
N GLY C 147 -33.61 1.09 -17.21
CA GLY C 147 -34.85 0.89 -16.49
C GLY C 147 -35.07 -0.54 -16.02
N GLU C 148 -34.23 -1.47 -16.47
CA GLU C 148 -34.47 -2.89 -16.27
C GLU C 148 -33.73 -3.43 -15.04
N TYR C 149 -32.55 -2.85 -14.73
CA TYR C 149 -31.69 -3.36 -13.68
C TYR C 149 -31.47 -2.32 -12.57
N ARG C 150 -31.68 -2.77 -11.32
CA ARG C 150 -31.40 -1.97 -10.14
C ARG C 150 -29.97 -2.23 -9.68
N GLN C 151 -29.12 -1.19 -9.75
CA GLN C 151 -27.87 -1.23 -9.00
C GLN C 151 -27.76 -0.02 -8.07
N TYR C 152 -27.82 -0.28 -6.76
CA TYR C 152 -27.76 0.75 -5.74
C TYR C 152 -26.56 1.66 -6.06
N SER C 153 -26.82 2.97 -6.17
CA SER C 153 -25.80 3.85 -6.73
C SER C 153 -25.81 5.27 -6.15
N ASN C 154 -24.70 5.67 -5.52
CA ASN C 154 -24.55 7.07 -5.12
C ASN C 154 -24.54 8.01 -6.32
N PRO C 155 -23.66 7.82 -7.35
CA PRO C 155 -23.69 8.67 -8.53
C PRO C 155 -25.09 8.83 -9.13
N SER C 156 -25.87 7.74 -9.10
CA SER C 156 -27.19 7.75 -9.70
C SER C 156 -28.08 8.79 -9.02
N ILE C 157 -28.33 8.60 -7.72
CA ILE C 157 -29.20 9.51 -7.00
C ILE C 157 -28.50 10.86 -6.79
N GLY C 158 -27.15 10.85 -6.81
CA GLY C 158 -26.32 12.06 -6.86
C GLY C 158 -26.71 13.00 -8.00
N LEU C 159 -26.62 12.49 -9.24
CA LEU C 159 -27.10 13.22 -10.42
C LEU C 159 -28.56 13.64 -10.27
N PHE C 160 -29.40 12.74 -9.74
CA PHE C 160 -30.80 13.09 -9.54
C PHE C 160 -30.90 14.32 -8.65
N GLY C 161 -30.19 14.29 -7.52
CA GLY C 161 -30.18 15.43 -6.61
C GLY C 161 -29.73 16.72 -7.29
N LYS C 162 -28.68 16.64 -8.10
CA LYS C 162 -28.12 17.80 -8.78
C LYS C 162 -29.17 18.45 -9.68
N VAL C 163 -29.97 17.60 -10.35
CA VAL C 163 -31.00 18.05 -11.26
C VAL C 163 -32.11 18.75 -10.48
N VAL C 164 -32.52 18.16 -9.35
CA VAL C 164 -33.57 18.75 -8.54
C VAL C 164 -33.15 20.17 -8.17
N ALA C 165 -31.87 20.32 -7.81
CA ALA C 165 -31.24 21.59 -7.43
C ALA C 165 -31.33 22.59 -8.59
N LEU C 166 -30.82 22.19 -9.76
CA LEU C 166 -30.89 23.04 -10.95
C LEU C 166 -32.33 23.45 -11.23
N SER C 167 -33.28 22.56 -10.93
CA SER C 167 -34.69 22.76 -11.23
C SER C 167 -35.30 23.86 -10.35
N MET C 168 -34.77 24.01 -9.13
CA MET C 168 -35.33 24.97 -8.18
C MET C 168 -34.46 26.22 -8.08
N ASN C 169 -33.41 26.26 -8.90
CA ASN C 169 -32.57 27.44 -9.11
C ASN C 169 -31.79 27.76 -7.83
N LYS C 170 -31.10 26.76 -7.30
CA LYS C 170 -30.39 26.82 -6.02
C LYS C 170 -29.38 25.67 -5.96
N PRO C 171 -28.17 25.85 -5.36
CA PRO C 171 -27.34 24.71 -4.96
C PRO C 171 -28.13 23.67 -4.14
N PHE C 172 -27.71 22.41 -4.23
CA PHE C 172 -28.37 21.34 -3.49
C PHE C 172 -28.40 21.65 -1.99
N ASP C 173 -27.31 22.25 -1.48
CA ASP C 173 -27.18 22.51 -0.05
C ASP C 173 -28.29 23.47 0.38
N GLN C 174 -28.57 24.49 -0.46
CA GLN C 174 -29.57 25.49 -0.16
C GLN C 174 -30.99 24.90 -0.29
N VAL C 175 -31.19 24.02 -1.27
CA VAL C 175 -32.46 23.31 -1.42
C VAL C 175 -32.86 22.66 -0.09
N LEU C 176 -31.94 21.88 0.51
CA LEU C 176 -32.27 21.22 1.76
C LEU C 176 -32.33 22.23 2.91
N GLU C 177 -31.30 23.08 3.02
CA GLU C 177 -31.16 23.92 4.20
C GLU C 177 -32.14 25.10 4.20
N LYS C 178 -32.52 25.58 3.01
CA LYS C 178 -33.37 26.77 2.94
C LYS C 178 -34.83 26.38 2.72
N THR C 179 -35.05 25.22 2.08
CA THR C 179 -36.38 24.84 1.61
C THR C 179 -36.89 23.59 2.34
N ILE C 180 -36.24 22.44 2.12
CA ILE C 180 -36.80 21.15 2.53
C ILE C 180 -36.76 20.96 4.05
N PHE C 181 -35.64 21.32 4.72
CA PHE C 181 -35.57 21.15 6.16
C PHE C 181 -36.60 22.06 6.86
N PRO C 182 -36.64 23.39 6.58
CA PRO C 182 -37.61 24.29 7.24
C PRO C 182 -39.05 23.80 7.11
N ALA C 183 -39.41 23.29 5.92
CA ALA C 183 -40.72 22.74 5.64
C ALA C 183 -41.02 21.59 6.61
N LEU C 184 -40.00 20.78 6.88
CA LEU C 184 -40.18 19.53 7.60
C LEU C 184 -40.19 19.79 9.11
N GLY C 185 -39.92 21.04 9.50
CA GLY C 185 -39.83 21.45 10.89
C GLY C 185 -38.49 21.09 11.53
N LEU C 186 -37.42 21.03 10.71
CA LEU C 186 -36.13 20.52 11.13
C LEU C 186 -35.21 21.69 11.48
N LYS C 187 -34.72 21.70 12.72
CA LYS C 187 -34.05 22.85 13.31
C LYS C 187 -32.52 22.67 13.29
N HIS C 188 -32.09 21.41 13.38
CA HIS C 188 -30.68 21.06 13.53
C HIS C 188 -30.29 19.96 12.56
N SER C 189 -30.63 20.15 11.26
CA SER C 189 -30.27 19.26 10.17
C SER C 189 -29.46 20.02 9.12
N TYR C 190 -28.41 19.39 8.59
CA TYR C 190 -27.40 20.09 7.81
C TYR C 190 -26.84 19.21 6.71
N VAL C 191 -26.61 19.86 5.56
CA VAL C 191 -25.64 19.41 4.59
C VAL C 191 -24.25 19.85 5.05
N ASN C 192 -24.17 21.10 5.50
CA ASN C 192 -22.91 21.65 6.01
C ASN C 192 -23.15 22.15 7.43
N VAL C 193 -22.49 21.52 8.41
CA VAL C 193 -22.71 21.89 9.81
C VAL C 193 -22.04 23.24 10.06
N PRO C 194 -22.78 24.26 10.54
CA PRO C 194 -22.22 25.60 10.75
C PRO C 194 -21.34 25.66 12.01
N LYS C 195 -20.47 26.67 12.04
CA LYS C 195 -19.39 26.76 13.01
C LYS C 195 -19.97 26.74 14.42
N THR C 196 -21.17 27.31 14.57
CA THR C 196 -21.85 27.40 15.85
C THR C 196 -22.45 26.06 16.27
N GLN C 197 -22.30 25.01 15.45
CA GLN C 197 -22.92 23.74 15.80
C GLN C 197 -21.86 22.66 15.83
N MET C 198 -20.61 23.04 15.51
CA MET C 198 -19.48 22.11 15.54
C MET C 198 -19.34 21.45 16.92
N GLN C 199 -19.71 22.17 17.99
CA GLN C 199 -19.60 21.64 19.35
C GLN C 199 -20.60 20.50 19.58
N ASN C 200 -21.58 20.36 18.68
CA ASN C 200 -22.60 19.33 18.82
C ASN C 200 -22.40 18.22 17.80
N TYR C 201 -21.43 18.39 16.90
CA TYR C 201 -21.15 17.42 15.85
C TYR C 201 -20.33 16.27 16.45
N ALA C 202 -20.91 15.05 16.47
CA ALA C 202 -20.22 13.92 17.05
C ALA C 202 -19.03 13.60 16.15
N PHE C 203 -17.92 13.11 16.73
CA PHE C 203 -16.98 12.37 15.89
C PHE C 203 -17.52 10.98 15.63
N GLY C 204 -17.23 10.45 14.44
CA GLY C 204 -17.32 9.02 14.21
C GLY C 204 -16.00 8.34 14.55
N TYR C 205 -16.05 7.01 14.66
CA TYR C 205 -14.88 6.23 15.06
C TYR C 205 -14.76 5.04 14.13
N ASN C 206 -13.54 4.79 13.61
CA ASN C 206 -13.28 3.65 12.72
C ASN C 206 -13.07 2.35 13.52
N GLN C 207 -12.57 1.30 12.86
CA GLN C 207 -12.44 -0.01 13.51
C GLN C 207 -11.38 0.02 14.62
N GLU C 208 -10.44 0.97 14.55
CA GLU C 208 -9.36 1.08 15.55
C GLU C 208 -9.67 2.17 16.57
N ASN C 209 -10.92 2.63 16.55
CA ASN C 209 -11.46 3.63 17.48
C ASN C 209 -10.69 4.95 17.39
N GLN C 210 -10.34 5.31 16.17
CA GLN C 210 -9.76 6.61 15.87
C GLN C 210 -10.87 7.53 15.35
N PRO C 211 -10.88 8.82 15.71
CA PRO C 211 -11.95 9.72 15.26
C PRO C 211 -11.91 9.99 13.76
N ILE C 212 -13.08 10.17 13.16
CA ILE C 212 -13.19 10.28 11.72
C ILE C 212 -14.52 10.95 11.39
N ARG C 213 -14.49 11.78 10.35
CA ARG C 213 -15.71 12.37 9.83
C ARG C 213 -15.75 12.14 8.32
N VAL C 214 -16.91 12.36 7.72
CA VAL C 214 -17.09 12.07 6.30
C VAL C 214 -16.24 13.04 5.48
N ASN C 215 -15.48 12.50 4.52
CA ASN C 215 -14.72 13.32 3.60
C ASN C 215 -15.63 13.91 2.54
N PRO C 216 -15.35 15.14 2.05
CA PRO C 216 -16.14 15.74 0.97
C PRO C 216 -15.90 14.88 -0.26
N GLY C 217 -16.91 14.73 -1.11
CA GLY C 217 -16.70 13.92 -2.31
C GLY C 217 -17.65 14.33 -3.42
N PRO C 218 -17.49 13.77 -4.64
CA PRO C 218 -18.30 14.15 -5.79
C PRO C 218 -19.77 13.85 -5.51
N LEU C 219 -20.60 14.90 -5.58
CA LEU C 219 -22.04 14.87 -5.33
C LEU C 219 -22.33 14.10 -4.06
N ASP C 220 -21.59 14.40 -3.00
CA ASP C 220 -21.73 13.67 -1.75
C ASP C 220 -23.09 13.96 -1.10
N ALA C 221 -23.50 15.24 -1.12
CA ALA C 221 -24.64 15.69 -0.32
C ALA C 221 -25.91 14.90 -0.63
N PRO C 222 -26.35 14.76 -1.89
CA PRO C 222 -27.58 14.02 -2.18
C PRO C 222 -27.55 12.53 -1.88
N ALA C 223 -26.33 11.95 -1.83
CA ALA C 223 -26.15 10.52 -1.66
C ALA C 223 -25.96 10.14 -0.17
N TYR C 224 -25.21 10.94 0.61
CA TYR C 224 -24.82 10.46 1.94
C TYR C 224 -24.32 11.58 2.84
N GLY C 225 -24.70 12.83 2.54
CA GLY C 225 -24.00 13.99 3.08
C GLY C 225 -24.80 14.78 4.13
N VAL C 226 -25.90 14.22 4.60
CA VAL C 226 -26.77 14.91 5.55
C VAL C 226 -26.36 14.53 6.98
N LYS C 227 -26.40 15.51 7.89
CA LYS C 227 -26.20 15.27 9.31
C LYS C 227 -27.43 15.78 10.06
N SER C 228 -27.79 15.09 11.16
CA SER C 228 -29.03 15.36 11.88
C SER C 228 -28.96 14.94 13.35
N THR C 229 -29.92 15.44 14.15
CA THR C 229 -30.03 15.08 15.56
C THR C 229 -31.16 14.08 15.75
N LEU C 230 -31.21 13.42 16.92
CA LEU C 230 -32.28 12.46 17.11
C LEU C 230 -33.66 13.14 17.10
N PRO C 231 -33.86 14.30 17.76
CA PRO C 231 -35.14 14.99 17.70
C PRO C 231 -35.56 15.31 16.27
N ASP C 232 -34.63 15.79 15.45
CA ASP C 232 -34.94 16.17 14.08
C ASP C 232 -35.38 14.92 13.30
N MET C 233 -34.82 13.75 13.63
CA MET C 233 -35.08 12.56 12.83
C MET C 233 -36.44 11.98 13.22
N LEU C 234 -36.85 12.26 14.45
CA LEU C 234 -38.19 11.91 14.92
C LEU C 234 -39.21 12.86 14.31
N SER C 235 -38.88 14.15 14.22
CA SER C 235 -39.71 15.07 13.46
C SER C 235 -39.89 14.55 12.04
N PHE C 236 -38.83 13.98 11.47
CA PHE C 236 -38.89 13.46 10.11
C PHE C 236 -39.75 12.21 10.01
N ILE C 237 -39.62 11.29 10.98
CA ILE C 237 -40.42 10.07 10.91
C ILE C 237 -41.89 10.44 11.13
N HIS C 238 -42.12 11.39 12.03
CA HIS C 238 -43.45 11.92 12.30
C HIS C 238 -44.05 12.48 11.01
N ALA C 239 -43.25 13.28 10.28
CA ALA C 239 -43.68 13.90 9.04
C ALA C 239 -44.11 12.84 8.04
N ASN C 240 -43.46 11.66 8.12
CA ASN C 240 -43.69 10.54 7.22
C ASN C 240 -44.92 9.75 7.67
N LEU C 241 -45.16 9.69 8.98
CA LEU C 241 -46.30 8.96 9.53
C LEU C 241 -47.61 9.74 9.36
N ASN C 242 -47.55 11.08 9.44
CA ASN C 242 -48.76 11.91 9.37
C ASN C 242 -48.54 13.01 8.34
N PRO C 243 -48.49 12.69 7.02
CA PRO C 243 -48.17 13.69 5.99
C PRO C 243 -49.22 14.79 5.90
N GLN C 244 -50.45 14.45 6.31
CA GLN C 244 -51.62 15.30 6.18
C GLN C 244 -51.53 16.47 7.14
N LYS C 245 -50.78 16.30 8.25
CA LYS C 245 -50.65 17.33 9.26
C LYS C 245 -49.78 18.47 8.72
N TYR C 246 -49.17 18.27 7.55
CA TYR C 246 -48.21 19.23 7.03
C TYR C 246 -48.88 20.08 5.94
N PRO C 247 -48.33 21.28 5.62
CA PRO C 247 -48.82 22.09 4.49
C PRO C 247 -48.63 21.36 3.17
N THR C 248 -49.50 21.68 2.20
CA THR C 248 -49.72 20.92 0.98
C THR C 248 -48.42 20.54 0.27
N ASP C 249 -47.48 21.51 0.15
CA ASP C 249 -46.36 21.35 -0.76
C ASP C 249 -45.35 20.30 -0.28
N ILE C 250 -45.09 20.26 1.05
CA ILE C 250 -44.20 19.24 1.58
C ILE C 250 -45.00 17.94 1.82
N GLN C 251 -46.31 18.08 2.07
CA GLN C 251 -47.21 16.95 2.28
C GLN C 251 -47.23 16.01 1.07
N ARG C 252 -47.28 16.60 -0.13
CA ARG C 252 -47.23 15.88 -1.40
C ARG C 252 -45.83 15.28 -1.61
N ALA C 253 -44.78 16.07 -1.31
CA ALA C 253 -43.40 15.60 -1.39
C ALA C 253 -43.26 14.27 -0.65
N ILE C 254 -43.78 14.23 0.59
CA ILE C 254 -43.64 13.08 1.46
C ILE C 254 -44.38 11.87 0.87
N ASN C 255 -45.61 12.09 0.43
CA ASN C 255 -46.39 11.04 -0.20
C ASN C 255 -45.68 10.46 -1.42
N GLU C 256 -45.04 11.34 -2.22
CA GLU C 256 -44.29 10.95 -3.41
C GLU C 256 -43.22 9.89 -3.10
N THR C 257 -42.64 9.94 -1.89
CA THR C 257 -41.57 9.04 -1.49
C THR C 257 -42.11 7.70 -0.99
N HIS C 258 -43.43 7.61 -0.79
CA HIS C 258 -44.05 6.42 -0.22
C HIS C 258 -44.57 5.46 -1.28
N GLN C 259 -44.69 5.95 -2.53
CA GLN C 259 -45.23 5.17 -3.63
C GLN C 259 -44.19 4.14 -4.10
N GLY C 260 -44.59 2.85 -4.13
CA GLY C 260 -43.79 1.83 -4.80
C GLY C 260 -43.51 2.20 -6.26
N ARG C 261 -42.30 1.90 -6.73
CA ARG C 261 -41.92 2.15 -8.11
C ARG C 261 -41.79 0.82 -8.85
N TYR C 262 -41.03 -0.12 -8.27
CA TYR C 262 -40.85 -1.44 -8.84
C TYR C 262 -40.57 -2.44 -7.72
N GLN C 263 -40.38 -3.71 -8.10
CA GLN C 263 -40.24 -4.77 -7.13
C GLN C 263 -39.00 -5.60 -7.42
N VAL C 264 -38.31 -5.96 -6.33
CA VAL C 264 -37.17 -6.87 -6.36
C VAL C 264 -37.39 -7.92 -5.29
N ASN C 265 -38.25 -8.89 -5.62
CA ASN C 265 -38.70 -9.93 -4.70
C ASN C 265 -39.66 -9.32 -3.67
N THR C 266 -39.25 -9.31 -2.39
CA THR C 266 -40.11 -8.85 -1.29
C THR C 266 -39.89 -7.36 -1.02
N MET C 267 -38.94 -6.77 -1.76
CA MET C 267 -38.55 -5.39 -1.56
C MET C 267 -39.22 -4.53 -2.63
N TYR C 268 -39.91 -3.47 -2.19
CA TYR C 268 -40.48 -2.51 -3.11
C TYR C 268 -39.65 -1.23 -3.06
N GLN C 269 -39.05 -0.85 -4.20
CA GLN C 269 -38.26 0.37 -4.21
C GLN C 269 -39.20 1.56 -4.35
N ALA C 270 -39.28 2.39 -3.30
CA ALA C 270 -39.92 3.70 -3.39
C ALA C 270 -38.83 4.74 -3.62
N LEU C 271 -39.22 6.02 -3.74
CA LEU C 271 -38.26 7.10 -3.87
C LEU C 271 -37.50 7.24 -2.56
N GLY C 272 -36.25 6.75 -2.52
CA GLY C 272 -35.44 6.78 -1.30
C GLY C 272 -35.71 5.58 -0.42
N TRP C 273 -36.91 5.55 0.18
CA TRP C 273 -37.39 4.52 1.07
C TRP C 273 -37.44 3.16 0.36
N GLU C 274 -37.09 2.11 1.09
CA GLU C 274 -37.43 0.74 0.73
C GLU C 274 -38.75 0.39 1.40
N GLU C 275 -39.65 -0.25 0.65
CA GLU C 275 -41.02 -0.51 1.05
C GLU C 275 -41.27 -2.01 1.09
N PHE C 276 -42.04 -2.46 2.09
CA PHE C 276 -42.38 -3.86 2.21
C PHE C 276 -43.87 -4.02 2.54
N SER C 277 -44.38 -5.23 2.33
CA SER C 277 -45.71 -5.62 2.79
C SER C 277 -45.71 -5.76 4.30
N TYR C 278 -46.64 -5.05 4.96
CA TYR C 278 -46.80 -5.20 6.40
C TYR C 278 -47.97 -6.14 6.68
N PRO C 279 -47.87 -7.06 7.68
CA PRO C 279 -46.64 -7.27 8.45
C PRO C 279 -45.50 -7.94 7.68
N ALA C 280 -44.26 -7.55 8.04
CA ALA C 280 -43.04 -8.12 7.50
C ALA C 280 -42.35 -8.96 8.57
N THR C 281 -41.76 -10.07 8.12
CA THR C 281 -40.90 -10.90 8.96
C THR C 281 -39.54 -10.22 9.09
N LEU C 282 -38.76 -10.67 10.09
CA LEU C 282 -37.37 -10.30 10.27
C LEU C 282 -36.57 -10.63 9.00
N GLN C 283 -36.73 -11.87 8.52
CA GLN C 283 -35.91 -12.38 7.43
C GLN C 283 -36.04 -11.52 6.18
N THR C 284 -37.28 -11.10 5.87
CA THR C 284 -37.53 -10.27 4.71
C THR C 284 -36.89 -8.89 4.91
N LEU C 285 -36.89 -8.41 6.16
CA LEU C 285 -36.28 -7.12 6.44
C LEU C 285 -34.76 -7.26 6.33
N LEU C 286 -34.22 -8.38 6.82
CA LEU C 286 -32.81 -8.70 6.73
C LEU C 286 -32.35 -8.85 5.28
N ASP C 287 -33.24 -9.31 4.37
CA ASP C 287 -32.83 -9.66 3.01
C ASP C 287 -32.73 -8.40 2.16
N SER C 288 -33.45 -7.34 2.55
CA SER C 288 -33.46 -6.09 1.80
C SER C 288 -32.04 -5.60 1.58
N ASN C 289 -31.14 -5.91 2.54
CA ASN C 289 -29.83 -5.31 2.58
C ASN C 289 -28.74 -6.39 2.49
N SER C 290 -29.03 -7.46 1.73
CA SER C 290 -28.05 -8.48 1.41
C SER C 290 -27.03 -7.97 0.37
N GLU C 291 -25.82 -8.56 0.32
CA GLU C 291 -24.82 -8.22 -0.67
C GLU C 291 -25.44 -8.24 -2.07
N GLN C 292 -26.26 -9.25 -2.33
CA GLN C 292 -26.94 -9.43 -3.61
C GLN C 292 -27.69 -8.17 -4.04
N ILE C 293 -28.44 -7.54 -3.11
CA ILE C 293 -29.34 -6.44 -3.44
C ILE C 293 -28.54 -5.13 -3.45
N VAL C 294 -27.61 -5.00 -2.49
CA VAL C 294 -26.89 -3.76 -2.22
C VAL C 294 -25.77 -3.56 -3.24
N MET C 295 -25.04 -4.64 -3.52
CA MET C 295 -23.79 -4.58 -4.25
C MET C 295 -23.91 -5.11 -5.69
N LYS C 296 -24.97 -5.87 -6.02
CA LYS C 296 -25.04 -6.48 -7.35
C LYS C 296 -26.25 -5.95 -8.13
N PRO C 297 -26.22 -5.96 -9.49
CA PRO C 297 -27.38 -5.52 -10.27
C PRO C 297 -28.49 -6.57 -10.16
N ASN C 298 -29.75 -6.13 -10.35
CA ASN C 298 -30.92 -6.97 -10.13
C ASN C 298 -32.05 -6.53 -11.09
N LYS C 299 -32.59 -7.49 -11.89
CA LYS C 299 -33.69 -7.20 -12.80
C LYS C 299 -34.90 -6.75 -12.00
N VAL C 300 -35.65 -5.78 -12.51
CA VAL C 300 -36.77 -5.22 -11.76
C VAL C 300 -38.10 -5.76 -12.30
N THR C 301 -39.07 -5.84 -11.41
CA THR C 301 -40.42 -6.28 -11.73
C THR C 301 -41.38 -5.12 -11.53
N ALA C 302 -42.21 -4.84 -12.54
CA ALA C 302 -43.31 -3.90 -12.39
C ALA C 302 -44.20 -4.36 -11.24
N ILE C 303 -44.85 -3.39 -10.59
CA ILE C 303 -45.63 -3.62 -9.39
C ILE C 303 -46.77 -4.60 -9.69
N SER C 304 -46.60 -5.85 -9.22
CA SER C 304 -47.64 -6.85 -9.29
C SER C 304 -48.96 -6.26 -8.80
N LYS C 305 -48.95 -5.79 -7.54
CA LYS C 305 -50.04 -5.06 -6.90
C LYS C 305 -49.54 -4.51 -5.56
N GLU C 306 -49.50 -3.18 -5.44
CA GLU C 306 -49.03 -2.51 -4.23
C GLU C 306 -49.67 -3.15 -3.00
N PRO C 307 -48.88 -3.57 -1.99
CA PRO C 307 -49.43 -4.30 -0.85
C PRO C 307 -50.52 -3.50 -0.15
N SER C 308 -51.45 -4.21 0.49
CA SER C 308 -52.53 -3.61 1.25
C SER C 308 -51.94 -2.55 2.19
N VAL C 309 -51.24 -3.08 3.20
CA VAL C 309 -50.65 -2.30 4.27
C VAL C 309 -49.13 -2.38 4.10
N LYS C 310 -48.44 -1.24 4.28
CA LYS C 310 -47.04 -1.07 3.94
C LYS C 310 -46.24 -0.61 5.17
N MET C 311 -44.93 -0.90 5.13
CA MET C 311 -43.97 -0.33 6.08
C MET C 311 -42.68 -0.04 5.31
N TYR C 312 -41.80 0.76 5.91
CA TYR C 312 -40.67 1.31 5.17
C TYR C 312 -39.44 1.34 6.07
N HIS C 313 -38.25 1.24 5.47
CA HIS C 313 -37.03 1.53 6.23
C HIS C 313 -35.89 2.01 5.33
N LYS C 314 -34.82 2.51 5.99
CA LYS C 314 -33.56 2.77 5.31
C LYS C 314 -32.40 2.61 6.30
N THR C 315 -31.33 1.96 5.84
CA THR C 315 -30.04 1.95 6.51
C THR C 315 -29.16 3.05 5.93
N GLY C 316 -28.18 3.45 6.75
CA GLY C 316 -27.17 4.37 6.24
C GLY C 316 -25.87 4.16 6.98
N SER C 317 -24.74 4.33 6.28
CA SER C 317 -23.45 4.23 6.93
C SER C 317 -22.51 5.30 6.38
N THR C 318 -21.69 5.86 7.25
CA THR C 318 -20.47 6.52 6.80
C THR C 318 -19.30 5.77 7.41
N SER C 319 -18.07 6.26 7.16
CA SER C 319 -16.92 5.51 7.62
C SER C 319 -16.97 5.38 9.13
N GLY C 320 -17.63 6.32 9.82
CA GLY C 320 -17.60 6.34 11.26
C GLY C 320 -18.99 6.37 11.89
N PHE C 321 -20.08 6.24 11.10
CA PHE C 321 -21.41 6.30 11.68
C PHE C 321 -22.35 5.22 11.13
N GLY C 322 -23.23 4.71 12.01
CA GLY C 322 -24.33 3.85 11.56
C GLY C 322 -25.69 4.50 11.83
N THR C 323 -26.61 4.34 10.87
CA THR C 323 -27.97 4.87 10.95
C THR C 323 -28.93 3.74 10.57
N TYR C 324 -30.11 3.72 11.22
CA TYR C 324 -31.26 2.94 10.78
C TYR C 324 -32.55 3.72 11.07
N VAL C 325 -33.44 3.84 10.07
CA VAL C 325 -34.75 4.45 10.29
C VAL C 325 -35.84 3.53 9.73
N VAL C 326 -36.96 3.42 10.46
CA VAL C 326 -38.05 2.52 10.06
C VAL C 326 -39.37 3.10 10.56
N PHE C 327 -40.44 2.95 9.75
CA PHE C 327 -41.76 3.34 10.22
C PHE C 327 -42.86 2.42 9.68
N ILE C 328 -43.96 2.33 10.44
CA ILE C 328 -45.12 1.51 10.09
C ILE C 328 -46.39 2.35 10.24
N PRO C 329 -46.98 2.85 9.13
CA PRO C 329 -48.15 3.73 9.22
C PRO C 329 -49.34 3.09 9.94
N LYS C 330 -49.57 1.79 9.71
CA LYS C 330 -50.71 1.08 10.27
C LYS C 330 -50.71 1.17 11.79
N GLU C 331 -49.50 1.10 12.37
CA GLU C 331 -49.33 1.05 13.81
C GLU C 331 -48.98 2.44 14.35
N ASN C 332 -48.82 3.39 13.42
CA ASN C 332 -48.48 4.77 13.73
C ASN C 332 -47.29 4.80 14.69
N ILE C 333 -46.19 4.15 14.29
CA ILE C 333 -45.00 4.01 15.12
C ILE C 333 -43.77 4.13 14.21
N GLY C 334 -42.64 4.57 14.78
CA GLY C 334 -41.38 4.60 14.05
C GLY C 334 -40.19 4.62 15.00
N LEU C 335 -39.00 4.19 14.48
CA LEU C 335 -37.78 4.14 15.28
C LEU C 335 -36.61 4.76 14.50
N VAL C 336 -35.69 5.40 15.25
CA VAL C 336 -34.42 5.92 14.73
C VAL C 336 -33.29 5.41 15.62
N MET C 337 -32.22 4.89 14.98
CA MET C 337 -31.01 4.50 15.69
C MET C 337 -29.83 5.24 15.07
N LEU C 338 -29.03 5.94 15.90
CA LEU C 338 -27.84 6.59 15.39
C LEU C 338 -26.66 6.12 16.24
N THR C 339 -25.55 5.74 15.59
CA THR C 339 -24.34 5.37 16.30
C THR C 339 -23.12 6.09 15.71
N ASN C 340 -22.12 6.39 16.55
CA ASN C 340 -20.90 7.02 16.05
C ASN C 340 -19.79 5.97 15.86
N LYS C 341 -20.21 4.76 15.51
CA LYS C 341 -19.34 3.75 14.95
C LYS C 341 -20.22 2.82 14.13
N ARG C 342 -19.74 2.31 12.99
CA ARG C 342 -20.57 1.40 12.22
C ARG C 342 -20.77 0.12 13.02
N ILE C 343 -21.96 -0.48 12.91
CA ILE C 343 -22.26 -1.82 13.40
C ILE C 343 -22.97 -2.54 12.26
N PRO C 344 -22.92 -3.89 12.17
CA PRO C 344 -23.58 -4.59 11.06
C PRO C 344 -25.05 -4.22 10.98
N ASN C 345 -25.55 -4.09 9.74
CA ASN C 345 -26.94 -3.83 9.44
C ASN C 345 -27.87 -4.80 10.18
N GLU C 346 -27.49 -6.07 10.21
CA GLU C 346 -28.34 -7.10 10.78
C GLU C 346 -28.60 -6.80 12.26
N GLU C 347 -27.57 -6.31 12.99
CA GLU C 347 -27.71 -5.91 14.39
C GLU C 347 -28.69 -4.75 14.55
N ARG C 348 -28.70 -3.82 13.58
CA ARG C 348 -29.54 -2.63 13.67
C ARG C 348 -31.00 -3.02 13.43
N ILE C 349 -31.24 -3.79 12.37
CA ILE C 349 -32.57 -4.19 11.91
C ILE C 349 -33.26 -5.04 12.99
N LYS C 350 -32.59 -6.08 13.49
CA LYS C 350 -33.10 -7.00 14.49
C LYS C 350 -33.60 -6.22 15.71
N ALA C 351 -32.75 -5.33 16.23
CA ALA C 351 -33.03 -4.56 17.43
C ALA C 351 -34.24 -3.65 17.25
N ALA C 352 -34.42 -3.06 16.05
CA ALA C 352 -35.59 -2.24 15.79
C ALA C 352 -36.84 -3.12 15.77
N TYR C 353 -36.74 -4.26 15.07
CA TYR C 353 -37.84 -5.19 14.87
C TYR C 353 -38.43 -5.62 16.21
N VAL C 354 -37.57 -6.18 17.07
CA VAL C 354 -37.98 -6.58 18.41
C VAL C 354 -38.72 -5.44 19.11
N VAL C 355 -38.03 -4.31 19.30
CA VAL C 355 -38.56 -3.22 20.11
C VAL C 355 -39.92 -2.79 19.58
N LEU C 356 -40.04 -2.67 18.25
CA LEU C 356 -41.22 -2.11 17.61
C LEU C 356 -42.38 -3.11 17.66
N ASN C 357 -42.06 -4.41 17.71
CA ASN C 357 -43.10 -5.42 17.88
C ASN C 357 -43.62 -5.42 19.32
N ALA C 358 -42.72 -5.23 20.31
CA ALA C 358 -43.07 -5.31 21.73
C ALA C 358 -43.34 -3.92 22.34
N THR D 4 -24.31 -22.82 9.35
CA THR D 4 -23.12 -22.81 10.26
C THR D 4 -22.61 -24.24 10.51
N PRO D 5 -23.49 -25.26 10.70
CA PRO D 5 -23.03 -26.65 10.65
C PRO D 5 -22.68 -27.09 9.22
N LYS D 6 -23.16 -26.32 8.23
CA LYS D 6 -22.82 -26.52 6.84
C LYS D 6 -21.36 -26.11 6.61
N ASP D 7 -20.97 -24.93 7.12
CA ASP D 7 -19.60 -24.51 6.90
C ASP D 7 -18.60 -25.36 7.69
N GLN D 8 -19.05 -26.00 8.78
CA GLN D 8 -18.17 -26.91 9.50
C GLN D 8 -18.05 -28.21 8.72
N GLU D 9 -19.18 -28.71 8.19
CA GLU D 9 -19.19 -29.93 7.43
C GLU D 9 -18.26 -29.81 6.23
N ILE D 10 -18.33 -28.68 5.50
CA ILE D 10 -17.59 -28.52 4.26
C ILE D 10 -16.11 -28.28 4.57
N LYS D 11 -15.83 -27.35 5.48
CA LYS D 11 -14.47 -27.19 5.99
C LYS D 11 -13.85 -28.55 6.27
N LYS D 12 -14.59 -29.45 6.95
CA LYS D 12 -14.02 -30.72 7.37
C LYS D 12 -13.68 -31.61 6.17
N LEU D 13 -14.59 -31.72 5.19
CA LEU D 13 -14.33 -32.53 4.00
C LEU D 13 -13.12 -31.96 3.25
N VAL D 14 -13.05 -30.65 3.11
CA VAL D 14 -11.95 -30.06 2.36
C VAL D 14 -10.64 -30.32 3.10
N ASP D 15 -10.68 -30.13 4.43
CA ASP D 15 -9.53 -30.40 5.28
C ASP D 15 -9.10 -31.85 5.07
N GLN D 16 -10.09 -32.73 4.93
CA GLN D 16 -9.88 -34.16 4.87
C GLN D 16 -9.26 -34.59 3.54
N ASN D 17 -9.68 -33.95 2.42
CA ASN D 17 -9.31 -34.41 1.09
C ASN D 17 -8.35 -33.47 0.36
N PHE D 18 -8.32 -32.19 0.73
CA PHE D 18 -7.45 -31.27 -0.01
C PHE D 18 -6.16 -31.00 0.77
N LYS D 19 -6.29 -30.70 2.07
CA LYS D 19 -5.18 -30.30 2.94
C LYS D 19 -3.97 -31.25 2.88
N PRO D 20 -4.12 -32.59 2.97
CA PRO D 20 -2.99 -33.51 2.84
C PRO D 20 -2.12 -33.37 1.58
N LEU D 21 -2.69 -32.84 0.49
CA LEU D 21 -1.98 -32.64 -0.76
C LEU D 21 -0.84 -31.62 -0.58
N LEU D 22 -0.97 -30.72 0.40
CA LEU D 22 0.05 -29.71 0.69
C LEU D 22 1.35 -30.40 1.09
N GLU D 23 1.24 -31.28 2.08
CA GLU D 23 2.36 -32.04 2.62
C GLU D 23 2.90 -32.98 1.54
N LYS D 24 1.97 -33.62 0.82
CA LYS D 24 2.30 -34.71 -0.07
C LYS D 24 3.15 -34.20 -1.23
N TYR D 25 2.86 -32.98 -1.68
CA TYR D 25 3.54 -32.43 -2.85
C TYR D 25 4.32 -31.16 -2.51
N ASP D 26 4.43 -30.84 -1.21
CA ASP D 26 5.27 -29.72 -0.79
C ASP D 26 4.76 -28.45 -1.47
N VAL D 27 3.45 -28.19 -1.31
CA VAL D 27 2.74 -27.06 -1.90
C VAL D 27 2.71 -25.93 -0.89
N PRO D 28 3.30 -24.75 -1.20
CA PRO D 28 3.28 -23.67 -0.22
C PRO D 28 1.87 -23.23 0.15
N GLY D 29 1.00 -22.99 -0.83
CA GLY D 29 -0.29 -22.38 -0.52
C GLY D 29 -1.44 -22.96 -1.35
N MET D 30 -2.67 -22.86 -0.84
CA MET D 30 -3.82 -23.40 -1.56
C MET D 30 -5.07 -22.64 -1.11
N ALA D 31 -5.97 -22.39 -2.07
CA ALA D 31 -7.31 -21.91 -1.75
C ALA D 31 -8.32 -22.88 -2.38
N VAL D 32 -9.30 -23.32 -1.59
CA VAL D 32 -10.34 -24.21 -2.07
C VAL D 32 -11.69 -23.58 -1.72
N GLY D 33 -12.55 -23.44 -2.72
CA GLY D 33 -13.86 -22.88 -2.50
C GLY D 33 -14.95 -23.85 -2.97
N VAL D 34 -16.07 -23.85 -2.24
CA VAL D 34 -17.26 -24.58 -2.64
C VAL D 34 -18.41 -23.58 -2.69
N ILE D 35 -19.28 -23.73 -3.70
CA ILE D 35 -20.54 -23.03 -3.66
C ILE D 35 -21.64 -24.10 -3.76
N GLN D 36 -22.60 -24.06 -2.84
CA GLN D 36 -23.70 -25.01 -2.85
C GLN D 36 -24.96 -24.26 -2.45
N ASN D 37 -25.97 -24.30 -3.34
CA ASN D 37 -27.25 -23.60 -3.18
C ASN D 37 -27.02 -22.12 -2.88
N ASN D 38 -26.12 -21.50 -3.67
CA ASN D 38 -25.92 -20.06 -3.70
C ASN D 38 -25.21 -19.53 -2.45
N LYS D 39 -24.66 -20.44 -1.62
CA LYS D 39 -23.84 -20.03 -0.49
C LYS D 39 -22.39 -20.43 -0.75
N LYS D 40 -21.47 -19.53 -0.36
CA LYS D 40 -20.05 -19.71 -0.67
C LYS D 40 -19.27 -20.06 0.60
N TYR D 41 -18.27 -20.95 0.45
CA TYR D 41 -17.43 -21.41 1.55
C TYR D 41 -15.98 -21.42 1.07
N GLU D 42 -15.11 -20.69 1.78
CA GLU D 42 -13.73 -20.50 1.35
C GLU D 42 -12.78 -21.09 2.38
N MET D 43 -11.82 -21.89 1.92
CA MET D 43 -10.79 -22.49 2.77
C MET D 43 -9.41 -22.04 2.25
N TYR D 44 -8.57 -21.52 3.17
CA TYR D 44 -7.24 -21.04 2.77
C TYR D 44 -6.17 -21.76 3.58
N TYR D 45 -5.13 -22.25 2.88
CA TYR D 45 -4.06 -23.01 3.49
C TYR D 45 -2.70 -22.43 3.12
N GLY D 46 -1.82 -22.30 4.12
CA GLY D 46 -0.42 -22.06 3.83
C GLY D 46 -0.15 -20.66 3.26
N LEU D 47 0.84 -20.57 2.38
CA LEU D 47 1.53 -19.33 2.04
C LEU D 47 1.39 -18.96 0.56
N GLN D 48 1.05 -17.67 0.36
CA GLN D 48 0.99 -16.92 -0.88
C GLN D 48 2.41 -16.66 -1.41
N SER D 49 3.30 -16.33 -0.46
CA SER D 49 4.69 -16.01 -0.75
C SER D 49 5.56 -16.53 0.40
N VAL D 50 6.54 -17.37 0.08
CA VAL D 50 7.42 -17.89 1.11
C VAL D 50 8.42 -16.79 1.52
N GLN D 51 8.94 -16.09 0.51
CA GLN D 51 9.96 -15.06 0.76
C GLN D 51 9.37 -13.96 1.64
N ASP D 52 8.13 -13.53 1.34
CA ASP D 52 7.56 -12.42 2.09
C ASP D 52 6.70 -12.85 3.30
N LYS D 53 6.60 -14.17 3.51
CA LYS D 53 5.90 -14.79 4.63
C LYS D 53 4.44 -14.33 4.66
N LYS D 54 3.76 -14.29 3.50
CA LYS D 54 2.37 -13.91 3.41
C LYS D 54 1.49 -15.15 3.33
N ALA D 55 0.44 -15.19 4.16
CA ALA D 55 -0.50 -16.30 4.18
C ALA D 55 -1.47 -16.14 3.02
N VAL D 56 -1.85 -17.25 2.39
CA VAL D 56 -3.00 -17.29 1.45
C VAL D 56 -4.24 -16.75 2.15
N ASN D 57 -4.96 -15.85 1.47
CA ASN D 57 -6.16 -15.23 2.01
C ASN D 57 -7.14 -14.96 0.88
N SER D 58 -8.25 -14.29 1.19
CA SER D 58 -9.28 -14.07 0.20
C SER D 58 -8.84 -13.04 -0.82
N ASN D 59 -7.76 -12.27 -0.55
CA ASN D 59 -7.20 -11.31 -1.49
C ASN D 59 -6.12 -11.92 -2.39
N THR D 60 -5.71 -13.16 -2.13
CA THR D 60 -4.59 -13.72 -2.86
C THR D 60 -4.95 -13.96 -4.32
N ILE D 61 -4.09 -13.51 -5.24
CA ILE D 61 -4.28 -13.70 -6.66
C ILE D 61 -3.43 -14.88 -7.15
N PHE D 62 -4.07 -15.81 -7.87
CA PHE D 62 -3.40 -16.98 -8.38
C PHE D 62 -3.40 -16.92 -9.91
N GLU D 63 -2.41 -17.56 -10.55
CA GLU D 63 -2.46 -17.75 -12.00
C GLU D 63 -3.37 -18.92 -12.35
N LEU D 64 -4.33 -18.70 -13.27
CA LEU D 64 -5.34 -19.71 -13.58
C LEU D 64 -4.88 -20.69 -14.68
N GLY D 65 -3.83 -20.36 -15.42
CA GLY D 65 -3.37 -21.22 -16.51
C GLY D 65 -4.50 -21.40 -17.52
N SER D 66 -4.72 -22.65 -17.98
CA SER D 66 -5.74 -22.96 -19.00
C SER D 66 -7.19 -22.64 -18.61
N VAL D 67 -7.47 -22.48 -17.31
CA VAL D 67 -8.78 -22.02 -16.91
C VAL D 67 -9.09 -20.65 -17.54
N SER D 68 -8.04 -19.94 -18.02
CA SER D 68 -8.18 -18.69 -18.72
C SER D 68 -9.02 -18.89 -20.00
N LYS D 69 -8.88 -20.06 -20.62
CA LYS D 69 -9.61 -20.41 -21.84
C LYS D 69 -11.11 -20.26 -21.61
N LEU D 70 -11.55 -20.42 -20.35
CA LEU D 70 -12.96 -20.30 -20.03
C LEU D 70 -13.42 -18.84 -20.22
N PHE D 71 -12.56 -17.90 -19.86
CA PHE D 71 -12.88 -16.48 -20.00
C PHE D 71 -12.80 -16.11 -21.49
N THR D 72 -11.83 -16.73 -22.20
CA THR D 72 -11.72 -16.55 -23.64
C THR D 72 -13.03 -16.98 -24.30
N ALA D 73 -13.53 -18.16 -23.91
CA ALA D 73 -14.79 -18.70 -24.39
C ALA D 73 -15.95 -17.73 -24.17
N THR D 74 -16.12 -17.28 -22.91
CA THR D 74 -17.18 -16.37 -22.50
C THR D 74 -17.13 -15.07 -23.31
N ALA D 75 -15.90 -14.58 -23.57
CA ALA D 75 -15.72 -13.37 -24.36
C ALA D 75 -16.33 -13.58 -25.75
N GLY D 76 -15.90 -14.68 -26.40
CA GLY D 76 -16.37 -15.08 -27.72
C GLY D 76 -17.89 -15.16 -27.77
N GLY D 77 -18.49 -15.81 -26.77
CA GLY D 77 -19.93 -15.90 -26.60
C GLY D 77 -20.62 -14.54 -26.45
N TYR D 78 -19.99 -13.62 -25.71
CA TYR D 78 -20.50 -12.27 -25.56
C TYR D 78 -20.42 -11.52 -26.89
N ALA D 79 -19.33 -11.73 -27.65
CA ALA D 79 -19.15 -11.07 -28.92
C ALA D 79 -20.24 -11.50 -29.90
N LYS D 80 -20.48 -12.82 -29.96
CA LYS D 80 -21.42 -13.45 -30.87
C LYS D 80 -22.85 -12.99 -30.58
N ASN D 81 -23.26 -13.01 -29.31
CA ASN D 81 -24.64 -12.74 -28.97
C ASN D 81 -24.98 -11.26 -29.09
N LYS D 82 -23.96 -10.41 -29.16
CA LYS D 82 -24.16 -9.01 -29.52
C LYS D 82 -24.12 -8.88 -31.03
N GLY D 83 -23.36 -9.77 -31.68
CA GLY D 83 -23.25 -9.81 -33.13
C GLY D 83 -22.06 -8.98 -33.62
N LYS D 84 -20.93 -9.09 -32.92
CA LYS D 84 -19.69 -8.47 -33.36
C LYS D 84 -18.88 -9.51 -34.12
N ILE D 85 -19.32 -10.77 -34.03
CA ILE D 85 -18.72 -11.90 -34.74
C ILE D 85 -19.75 -13.01 -34.91
N SER D 86 -19.58 -13.82 -35.96
CA SER D 86 -20.29 -15.07 -36.16
C SER D 86 -19.31 -16.23 -36.16
N PHE D 87 -19.74 -17.37 -35.61
CA PHE D 87 -18.88 -18.53 -35.42
C PHE D 87 -18.51 -19.18 -36.75
N ASP D 88 -19.26 -18.85 -37.82
CA ASP D 88 -18.90 -19.34 -39.14
C ASP D 88 -17.89 -18.41 -39.81
N ASP D 89 -17.79 -17.16 -39.33
CA ASP D 89 -16.80 -16.22 -39.81
C ASP D 89 -15.42 -16.89 -39.85
N THR D 90 -14.52 -16.21 -40.54
CA THR D 90 -13.19 -16.70 -40.87
C THR D 90 -12.21 -15.71 -40.20
N PRO D 91 -10.96 -16.07 -39.84
CA PRO D 91 -10.12 -15.17 -39.03
C PRO D 91 -9.53 -13.98 -39.77
N GLY D 92 -9.10 -14.21 -41.02
CA GLY D 92 -8.58 -13.16 -41.88
C GLY D 92 -9.66 -12.14 -42.24
N LYS D 93 -10.92 -12.47 -41.93
CA LYS D 93 -12.00 -11.51 -42.04
C LYS D 93 -11.84 -10.42 -40.98
N TYR D 94 -11.13 -10.75 -39.89
CA TYR D 94 -10.87 -9.79 -38.84
C TYR D 94 -9.40 -9.41 -38.81
N TRP D 95 -8.50 -10.39 -38.85
CA TRP D 95 -7.09 -10.06 -38.98
C TRP D 95 -6.78 -9.84 -40.46
N LYS D 96 -6.93 -8.58 -40.90
CA LYS D 96 -6.96 -8.18 -42.29
C LYS D 96 -5.55 -8.18 -42.88
N GLU D 97 -4.80 -9.25 -42.58
CA GLU D 97 -3.50 -9.55 -43.17
C GLU D 97 -3.43 -11.05 -43.32
N LEU D 98 -4.38 -11.72 -42.65
CA LEU D 98 -4.56 -13.15 -42.77
C LEU D 98 -5.63 -13.40 -43.83
N LYS D 99 -6.14 -12.32 -44.44
CA LYS D 99 -7.04 -12.41 -45.57
C LYS D 99 -6.26 -12.96 -46.75
N ASN D 100 -6.84 -13.97 -47.42
CA ASN D 100 -6.29 -14.63 -48.60
C ASN D 100 -5.19 -15.62 -48.20
N THR D 101 -5.13 -15.95 -46.91
CA THR D 101 -4.14 -16.85 -46.33
C THR D 101 -4.75 -18.24 -46.23
N PRO D 102 -3.93 -19.32 -46.26
CA PRO D 102 -4.38 -20.68 -45.95
C PRO D 102 -5.11 -20.92 -44.62
N ILE D 103 -5.20 -19.88 -43.77
CA ILE D 103 -5.87 -20.00 -42.48
C ILE D 103 -7.20 -19.25 -42.52
N ASP D 104 -7.44 -18.46 -43.56
CA ASP D 104 -8.72 -17.78 -43.70
C ASP D 104 -9.80 -18.81 -44.06
N GLN D 105 -9.44 -20.10 -43.94
CA GLN D 105 -10.30 -21.24 -44.27
C GLN D 105 -10.81 -21.90 -42.99
N VAL D 106 -10.35 -21.43 -41.82
CA VAL D 106 -10.74 -22.02 -40.55
C VAL D 106 -11.69 -21.07 -39.85
N ASN D 107 -12.89 -21.54 -39.51
CA ASN D 107 -13.86 -20.63 -38.91
C ASN D 107 -13.54 -20.43 -37.43
N LEU D 108 -14.21 -19.46 -36.81
CA LEU D 108 -13.89 -19.03 -35.47
C LEU D 108 -14.15 -20.15 -34.46
N LEU D 109 -15.13 -21.01 -34.74
CA LEU D 109 -15.52 -22.06 -33.80
C LEU D 109 -14.48 -23.18 -33.81
N GLN D 110 -13.82 -23.38 -34.95
CA GLN D 110 -12.90 -24.50 -35.10
C GLN D 110 -11.60 -24.23 -34.36
N LEU D 111 -11.15 -22.96 -34.39
CA LEU D 111 -9.92 -22.62 -33.70
C LEU D 111 -10.14 -22.70 -32.19
N ALA D 112 -11.29 -22.18 -31.76
CA ALA D 112 -11.71 -22.17 -30.36
C ALA D 112 -11.82 -23.57 -29.78
N THR D 113 -12.11 -24.57 -30.63
CA THR D 113 -12.26 -25.94 -30.15
C THR D 113 -11.14 -26.85 -30.67
N TYR D 114 -10.06 -26.24 -31.17
CA TYR D 114 -8.78 -26.91 -31.32
C TYR D 114 -8.77 -27.90 -32.51
N THR D 115 -9.55 -27.58 -33.56
CA THR D 115 -9.70 -28.48 -34.70
C THR D 115 -9.29 -27.76 -35.98
N SER D 116 -8.11 -27.12 -35.94
CA SER D 116 -7.55 -26.41 -37.07
C SER D 116 -7.10 -27.42 -38.11
N GLY D 117 -6.50 -28.51 -37.62
CA GLY D 117 -5.85 -29.49 -38.48
C GLY D 117 -4.36 -29.59 -38.17
N ASN D 118 -3.72 -28.47 -37.84
CA ASN D 118 -2.27 -28.46 -37.68
C ASN D 118 -1.84 -27.37 -36.69
N LEU D 119 -2.04 -27.63 -35.39
CA LEU D 119 -1.59 -26.73 -34.33
C LEU D 119 -1.28 -27.52 -33.06
N ALA D 120 -0.09 -27.32 -32.52
CA ALA D 120 0.38 -28.02 -31.33
C ALA D 120 -0.03 -27.27 -30.07
N LEU D 121 0.18 -27.89 -28.90
CA LEU D 121 -0.03 -27.32 -27.58
C LEU D 121 0.55 -25.90 -27.53
N GLN D 122 1.82 -25.77 -27.93
CA GLN D 122 2.54 -24.51 -27.85
C GLN D 122 2.88 -24.00 -29.25
N PHE D 123 3.00 -22.66 -29.38
CA PHE D 123 3.68 -22.03 -30.51
C PHE D 123 5.10 -22.58 -30.54
N PRO D 124 5.80 -22.64 -31.70
CA PRO D 124 7.18 -23.11 -31.73
C PRO D 124 8.03 -22.06 -31.01
N ASP D 125 9.14 -22.51 -30.42
CA ASP D 125 9.95 -21.75 -29.47
C ASP D 125 10.37 -20.37 -30.02
N GLU D 126 10.67 -20.30 -31.33
CA GLU D 126 11.24 -19.11 -31.96
C GLU D 126 10.19 -18.03 -32.20
N VAL D 127 8.92 -18.32 -31.88
CA VAL D 127 7.82 -17.41 -32.15
C VAL D 127 7.48 -16.63 -30.89
N GLN D 128 7.69 -15.30 -30.93
CA GLN D 128 7.76 -14.49 -29.72
C GLN D 128 7.03 -13.17 -29.93
N THR D 129 7.58 -12.30 -30.78
CA THR D 129 7.03 -10.98 -31.03
C THR D 129 5.75 -11.09 -31.87
N ASP D 130 5.00 -9.99 -31.88
CA ASP D 130 3.72 -9.90 -32.57
C ASP D 130 3.87 -10.18 -34.06
N GLN D 131 5.04 -9.79 -34.62
CA GLN D 131 5.31 -9.94 -36.03
C GLN D 131 5.55 -11.41 -36.34
N GLN D 132 6.31 -12.09 -35.48
CA GLN D 132 6.68 -13.49 -35.68
C GLN D 132 5.45 -14.38 -35.54
N VAL D 133 4.50 -13.93 -34.70
CA VAL D 133 3.21 -14.57 -34.51
C VAL D 133 2.40 -14.44 -35.81
N LEU D 134 2.31 -13.19 -36.32
CA LEU D 134 1.53 -12.89 -37.52
C LEU D 134 2.11 -13.66 -38.70
N THR D 135 3.44 -13.76 -38.74
CA THR D 135 4.16 -14.48 -39.76
C THR D 135 3.90 -15.99 -39.60
N PHE D 136 3.58 -16.40 -38.37
CA PHE D 136 3.34 -17.81 -38.12
C PHE D 136 2.02 -18.22 -38.79
N PHE D 137 1.03 -17.32 -38.76
CA PHE D 137 -0.27 -17.64 -39.29
C PHE D 137 -0.32 -17.43 -40.80
N LYS D 138 0.63 -16.64 -41.33
CA LYS D 138 0.78 -16.48 -42.77
C LYS D 138 1.40 -17.74 -43.36
N ASP D 139 2.41 -18.28 -42.68
CA ASP D 139 3.18 -19.42 -43.17
C ASP D 139 2.50 -20.74 -42.83
N TRP D 140 1.30 -20.64 -42.23
CA TRP D 140 0.55 -21.81 -41.80
C TRP D 140 -0.13 -22.43 -43.02
N LYS D 141 0.15 -23.71 -43.22
CA LYS D 141 -0.48 -24.53 -44.24
C LYS D 141 -1.42 -25.52 -43.55
N PRO D 142 -2.59 -25.85 -44.15
CA PRO D 142 -3.45 -26.87 -43.55
C PRO D 142 -2.76 -28.22 -43.71
N LYS D 143 -2.93 -29.10 -42.73
CA LYS D 143 -2.37 -30.45 -42.79
C LYS D 143 -3.49 -31.48 -42.67
N ASN D 144 -3.64 -32.09 -41.48
CA ASN D 144 -4.66 -33.11 -41.25
C ASN D 144 -5.99 -32.59 -41.77
N PRO D 145 -6.83 -33.47 -42.35
CA PRO D 145 -8.19 -33.09 -42.76
C PRO D 145 -8.82 -32.15 -41.76
N ILE D 146 -9.23 -30.96 -42.24
CA ILE D 146 -9.56 -29.85 -41.38
C ILE D 146 -10.83 -30.13 -40.58
N GLY D 147 -10.82 -29.75 -39.29
CA GLY D 147 -12.03 -29.68 -38.49
C GLY D 147 -12.51 -31.04 -38.00
N GLU D 148 -11.67 -32.07 -38.17
CA GLU D 148 -12.05 -33.45 -37.89
C GLU D 148 -11.19 -34.00 -36.75
N TYR D 149 -10.06 -33.34 -36.48
CA TYR D 149 -9.17 -33.77 -35.42
C TYR D 149 -9.10 -32.69 -34.33
N ARG D 150 -9.09 -33.12 -33.07
CA ARG D 150 -8.89 -32.22 -31.94
C ARG D 150 -7.46 -32.33 -31.44
N GLN D 151 -6.73 -31.21 -31.50
CA GLN D 151 -5.40 -31.10 -30.94
C GLN D 151 -5.38 -29.89 -29.99
N TYR D 152 -5.38 -30.16 -28.68
CA TYR D 152 -5.40 -29.10 -27.67
C TYR D 152 -4.27 -28.12 -28.00
N SER D 153 -4.60 -26.84 -28.18
CA SER D 153 -3.62 -25.90 -28.69
C SER D 153 -3.86 -24.51 -28.12
N ASN D 154 -2.80 -23.92 -27.52
CA ASN D 154 -2.80 -22.54 -27.07
C ASN D 154 -2.85 -21.59 -28.26
N PRO D 155 -1.99 -21.77 -29.30
CA PRO D 155 -2.09 -20.95 -30.50
C PRO D 155 -3.50 -20.95 -31.09
N SER D 156 -4.19 -22.09 -31.01
CA SER D 156 -5.50 -22.22 -31.63
C SER D 156 -6.49 -21.25 -30.95
N ILE D 157 -6.70 -21.42 -29.65
CA ILE D 157 -7.62 -20.56 -28.93
C ILE D 157 -7.01 -19.16 -28.75
N GLY D 158 -5.69 -19.04 -28.84
CA GLY D 158 -5.06 -17.73 -28.86
C GLY D 158 -5.59 -16.88 -30.01
N LEU D 159 -5.51 -17.43 -31.24
CA LEU D 159 -5.94 -16.69 -32.42
C LEU D 159 -7.41 -16.32 -32.28
N PHE D 160 -8.22 -17.28 -31.79
CA PHE D 160 -9.63 -17.05 -31.59
C PHE D 160 -9.81 -15.84 -30.68
N GLY D 161 -9.07 -15.83 -29.57
CA GLY D 161 -9.10 -14.67 -28.69
C GLY D 161 -8.70 -13.39 -29.43
N LYS D 162 -7.56 -13.45 -30.13
CA LYS D 162 -7.05 -12.30 -30.88
C LYS D 162 -8.19 -11.71 -31.72
N VAL D 163 -8.95 -12.61 -32.36
CA VAL D 163 -10.02 -12.28 -33.29
C VAL D 163 -11.18 -11.60 -32.57
N VAL D 164 -11.67 -12.22 -31.48
CA VAL D 164 -12.77 -11.69 -30.69
C VAL D 164 -12.48 -10.24 -30.27
N ALA D 165 -11.21 -9.96 -29.89
CA ALA D 165 -10.81 -8.63 -29.45
C ALA D 165 -10.83 -7.65 -30.65
N LEU D 166 -10.18 -8.04 -31.76
CA LEU D 166 -10.26 -7.21 -32.96
C LEU D 166 -11.72 -6.86 -33.26
N SER D 167 -12.59 -7.86 -33.11
CA SER D 167 -14.02 -7.76 -33.38
C SER D 167 -14.67 -6.69 -32.52
N MET D 168 -14.13 -6.49 -31.31
CA MET D 168 -14.71 -5.55 -30.38
C MET D 168 -13.93 -4.24 -30.42
N ASN D 169 -12.84 -4.24 -31.21
CA ASN D 169 -11.95 -3.12 -31.45
C ASN D 169 -11.24 -2.69 -30.15
N LYS D 170 -11.03 -3.65 -29.24
CA LYS D 170 -10.26 -3.41 -28.03
C LYS D 170 -9.13 -4.43 -28.00
N PRO D 171 -7.97 -4.13 -27.36
CA PRO D 171 -7.00 -5.18 -27.05
C PRO D 171 -7.67 -6.24 -26.16
N PHE D 172 -7.12 -7.46 -26.18
CA PHE D 172 -7.79 -8.58 -25.55
C PHE D 172 -7.81 -8.42 -24.02
N ASP D 173 -6.84 -7.69 -23.45
CA ASP D 173 -6.80 -7.43 -22.02
C ASP D 173 -7.97 -6.55 -21.59
N GLN D 174 -8.36 -5.59 -22.46
CA GLN D 174 -9.47 -4.71 -22.12
C GLN D 174 -10.82 -5.40 -22.37
N VAL D 175 -10.86 -6.32 -23.32
CA VAL D 175 -12.06 -7.14 -23.53
C VAL D 175 -12.45 -7.78 -22.20
N LEU D 176 -11.46 -8.34 -21.48
CA LEU D 176 -11.75 -8.97 -20.22
C LEU D 176 -11.90 -7.93 -19.09
N GLU D 177 -10.92 -7.03 -18.98
CA GLU D 177 -10.84 -6.18 -17.79
C GLU D 177 -11.94 -5.11 -17.80
N LYS D 178 -12.39 -4.73 -19.00
CA LYS D 178 -13.35 -3.62 -19.07
C LYS D 178 -14.76 -4.13 -19.33
N THR D 179 -14.91 -5.27 -20.01
CA THR D 179 -16.25 -5.68 -20.43
C THR D 179 -16.72 -6.94 -19.70
N ILE D 180 -15.92 -8.01 -19.78
CA ILE D 180 -16.34 -9.33 -19.36
C ILE D 180 -16.30 -9.48 -17.83
N PHE D 181 -15.16 -9.17 -17.20
CA PHE D 181 -15.08 -9.27 -15.75
C PHE D 181 -16.17 -8.44 -15.09
N PRO D 182 -16.34 -7.13 -15.44
CA PRO D 182 -17.38 -6.32 -14.80
C PRO D 182 -18.77 -6.90 -15.01
N ALA D 183 -19.00 -7.49 -16.20
CA ALA D 183 -20.27 -8.12 -16.53
C ALA D 183 -20.59 -9.26 -15.54
N LEU D 184 -19.56 -10.05 -15.22
CA LEU D 184 -19.66 -11.21 -14.35
C LEU D 184 -19.55 -10.77 -12.89
N GLY D 185 -19.18 -9.49 -12.69
CA GLY D 185 -19.13 -8.83 -11.38
C GLY D 185 -17.86 -9.15 -10.60
N LEU D 186 -16.79 -9.47 -11.35
CA LEU D 186 -15.52 -9.90 -10.80
C LEU D 186 -14.66 -8.65 -10.60
N LYS D 187 -14.14 -8.45 -9.37
CA LYS D 187 -13.44 -7.22 -9.01
C LYS D 187 -11.93 -7.40 -8.88
N HIS D 188 -11.44 -8.65 -8.82
CA HIS D 188 -10.02 -8.87 -8.62
C HIS D 188 -9.52 -9.93 -9.59
N SER D 189 -10.00 -9.83 -10.85
CA SER D 189 -9.52 -10.66 -11.93
C SER D 189 -8.81 -9.80 -12.98
N TYR D 190 -7.67 -10.30 -13.50
CA TYR D 190 -6.73 -9.50 -14.29
C TYR D 190 -6.09 -10.34 -15.38
N VAL D 191 -5.77 -9.69 -16.51
CA VAL D 191 -4.80 -10.20 -17.45
C VAL D 191 -3.42 -9.64 -17.07
N ASN D 192 -3.41 -8.37 -16.68
CA ASN D 192 -2.22 -7.70 -16.19
C ASN D 192 -2.46 -7.26 -14.75
N VAL D 193 -1.72 -7.84 -13.80
CA VAL D 193 -1.95 -7.49 -12.42
C VAL D 193 -1.38 -6.09 -12.19
N PRO D 194 -2.18 -5.10 -11.75
CA PRO D 194 -1.68 -3.73 -11.54
C PRO D 194 -0.82 -3.59 -10.30
N LYS D 195 -0.14 -2.42 -10.23
CA LYS D 195 0.83 -2.08 -9.19
C LYS D 195 0.21 -2.27 -7.81
N THR D 196 -1.05 -1.84 -7.66
CA THR D 196 -1.74 -1.82 -6.39
C THR D 196 -2.14 -3.22 -5.94
N GLN D 197 -1.99 -4.21 -6.81
CA GLN D 197 -2.42 -5.57 -6.47
C GLN D 197 -1.22 -6.52 -6.43
N MET D 198 -0.01 -6.00 -6.69
CA MET D 198 1.17 -6.85 -6.74
C MET D 198 1.41 -7.47 -5.36
N GLN D 199 1.05 -6.78 -4.27
CA GLN D 199 1.22 -7.32 -2.92
C GLN D 199 0.29 -8.52 -2.67
N ASN D 200 -0.76 -8.69 -3.48
CA ASN D 200 -1.65 -9.83 -3.27
C ASN D 200 -1.39 -10.96 -4.26
N TYR D 201 -0.41 -10.75 -5.16
CA TYR D 201 -0.19 -11.70 -6.24
C TYR D 201 0.73 -12.77 -5.71
N ALA D 202 0.22 -13.99 -5.54
CA ALA D 202 1.07 -15.10 -5.13
C ALA D 202 2.24 -15.27 -6.10
N PHE D 203 3.37 -15.73 -5.54
CA PHE D 203 4.36 -16.41 -6.37
C PHE D 203 3.89 -17.84 -6.63
N GLY D 204 4.21 -18.35 -7.83
CA GLY D 204 4.16 -19.77 -8.10
C GLY D 204 5.47 -20.42 -7.66
N TYR D 205 5.48 -21.73 -7.47
CA TYR D 205 6.68 -22.44 -7.04
C TYR D 205 6.89 -23.63 -7.98
N ASN D 206 8.12 -23.78 -8.47
CA ASN D 206 8.43 -24.85 -9.40
C ASN D 206 8.76 -26.15 -8.68
N GLN D 207 9.36 -27.10 -9.41
CA GLN D 207 9.54 -28.42 -8.82
C GLN D 207 10.64 -28.36 -7.76
N GLU D 208 11.48 -27.33 -7.80
CA GLU D 208 12.45 -27.18 -6.73
C GLU D 208 12.00 -26.21 -5.64
N ASN D 209 10.68 -25.94 -5.57
CA ASN D 209 10.11 -25.04 -4.58
C ASN D 209 10.82 -23.69 -4.62
N GLN D 210 11.09 -23.18 -5.83
CA GLN D 210 11.63 -21.84 -6.03
C GLN D 210 10.63 -20.99 -6.79
N PRO D 211 10.55 -19.67 -6.47
CA PRO D 211 9.45 -18.83 -6.94
C PRO D 211 9.51 -18.54 -8.44
N ILE D 212 8.34 -18.47 -9.05
CA ILE D 212 8.22 -18.32 -10.50
C ILE D 212 6.88 -17.71 -10.84
N ARG D 213 6.87 -16.83 -11.86
CA ARG D 213 5.62 -16.27 -12.36
C ARG D 213 5.58 -16.53 -13.86
N VAL D 214 4.37 -16.47 -14.44
CA VAL D 214 4.21 -16.84 -15.84
C VAL D 214 4.91 -15.79 -16.70
N ASN D 215 5.65 -16.30 -17.67
CA ASN D 215 6.39 -15.51 -18.64
C ASN D 215 5.44 -14.90 -19.68
N PRO D 216 5.70 -13.65 -20.11
CA PRO D 216 5.02 -13.09 -21.29
C PRO D 216 5.28 -14.05 -22.45
N GLY D 217 4.23 -14.25 -23.26
CA GLY D 217 4.38 -15.09 -24.42
C GLY D 217 3.42 -14.69 -25.55
N PRO D 218 3.58 -15.30 -26.75
CA PRO D 218 2.64 -15.08 -27.85
C PRO D 218 1.19 -15.50 -27.61
N LEU D 219 0.29 -14.51 -27.63
CA LEU D 219 -1.16 -14.68 -27.43
C LEU D 219 -1.42 -15.40 -26.11
N ASP D 220 -0.60 -15.08 -25.11
CA ASP D 220 -0.61 -15.73 -23.81
C ASP D 220 -1.98 -15.55 -23.16
N ALA D 221 -2.49 -14.31 -23.22
CA ALA D 221 -3.63 -13.91 -22.40
C ALA D 221 -4.82 -14.82 -22.66
N PRO D 222 -5.29 -15.01 -23.91
CA PRO D 222 -6.48 -15.85 -24.14
C PRO D 222 -6.29 -17.33 -23.83
N ALA D 223 -5.03 -17.80 -23.86
CA ALA D 223 -4.73 -19.20 -23.63
C ALA D 223 -4.53 -19.54 -22.13
N TYR D 224 -3.76 -18.73 -21.40
CA TYR D 224 -3.36 -19.14 -20.07
C TYR D 224 -2.97 -17.96 -19.18
N GLY D 225 -3.54 -16.77 -19.44
CA GLY D 225 -2.93 -15.53 -19.00
C GLY D 225 -3.73 -14.79 -17.94
N VAL D 226 -4.83 -15.40 -17.45
CA VAL D 226 -5.68 -14.73 -16.48
C VAL D 226 -5.21 -15.10 -15.05
N LYS D 227 -5.44 -14.16 -14.14
CA LYS D 227 -5.16 -14.31 -12.72
C LYS D 227 -6.40 -13.85 -11.94
N SER D 228 -6.69 -14.55 -10.83
CA SER D 228 -7.94 -14.31 -10.13
C SER D 228 -7.82 -14.77 -8.68
N THR D 229 -8.81 -14.39 -7.86
CA THR D 229 -8.81 -14.78 -6.45
C THR D 229 -9.89 -15.86 -6.30
N LEU D 230 -9.93 -16.52 -5.14
CA LEU D 230 -10.90 -17.57 -4.90
C LEU D 230 -12.31 -16.97 -4.89
N PRO D 231 -12.55 -15.81 -4.23
CA PRO D 231 -13.88 -15.20 -4.22
C PRO D 231 -14.39 -14.87 -5.62
N ASP D 232 -13.48 -14.42 -6.50
CA ASP D 232 -13.91 -14.12 -7.86
C ASP D 232 -14.24 -15.42 -8.58
N MET D 233 -13.45 -16.46 -8.36
CA MET D 233 -13.64 -17.69 -9.08
C MET D 233 -14.92 -18.39 -8.64
N LEU D 234 -15.29 -18.22 -7.37
CA LEU D 234 -16.58 -18.69 -6.87
C LEU D 234 -17.73 -17.88 -7.47
N SER D 235 -17.54 -16.58 -7.70
CA SER D 235 -18.58 -15.79 -8.35
C SER D 235 -18.75 -16.25 -9.80
N PHE D 236 -17.63 -16.58 -10.43
CA PHE D 236 -17.63 -17.07 -11.79
C PHE D 236 -18.39 -18.40 -11.88
N ILE D 237 -18.14 -19.30 -10.91
CA ILE D 237 -18.88 -20.57 -10.86
C ILE D 237 -20.36 -20.31 -10.61
N HIS D 238 -20.65 -19.34 -9.73
CA HIS D 238 -22.02 -18.91 -9.51
C HIS D 238 -22.69 -18.50 -10.82
N ALA D 239 -22.04 -17.62 -11.60
CA ALA D 239 -22.59 -17.15 -12.87
C ALA D 239 -22.92 -18.34 -13.77
N ASN D 240 -21.96 -19.25 -13.91
CA ASN D 240 -22.12 -20.50 -14.64
C ASN D 240 -23.31 -21.32 -14.13
N LEU D 241 -23.52 -21.35 -12.80
CA LEU D 241 -24.61 -22.15 -12.27
C LEU D 241 -25.96 -21.43 -12.45
N ASN D 242 -25.95 -20.10 -12.48
CA ASN D 242 -27.19 -19.32 -12.46
C ASN D 242 -27.15 -18.18 -13.48
N PRO D 243 -26.98 -18.46 -14.79
CA PRO D 243 -26.78 -17.37 -15.74
C PRO D 243 -28.00 -16.46 -15.88
N GLN D 244 -29.18 -16.99 -15.56
CA GLN D 244 -30.42 -16.26 -15.75
C GLN D 244 -30.55 -15.14 -14.72
N LYS D 245 -29.80 -15.25 -13.62
CA LYS D 245 -29.83 -14.26 -12.56
C LYS D 245 -28.99 -13.04 -12.95
N TYR D 246 -28.51 -13.01 -14.21
CA TYR D 246 -27.60 -12.02 -14.74
C TYR D 246 -28.24 -11.32 -15.93
N PRO D 247 -27.75 -10.12 -16.34
CA PRO D 247 -28.24 -9.44 -17.54
C PRO D 247 -28.05 -10.25 -18.82
N THR D 248 -28.80 -9.87 -19.85
CA THR D 248 -28.98 -10.61 -21.09
C THR D 248 -27.65 -10.87 -21.80
N ASP D 249 -26.84 -9.82 -21.97
CA ASP D 249 -25.64 -9.90 -22.79
C ASP D 249 -24.68 -10.93 -22.20
N ILE D 250 -24.52 -10.92 -20.88
CA ILE D 250 -23.62 -11.89 -20.26
C ILE D 250 -24.35 -13.21 -20.01
N GLN D 251 -25.66 -13.16 -19.77
CA GLN D 251 -26.41 -14.41 -19.63
C GLN D 251 -26.20 -15.30 -20.86
N ARG D 252 -26.38 -14.75 -22.06
CA ARG D 252 -26.27 -15.54 -23.28
C ARG D 252 -24.83 -15.98 -23.51
N ALA D 253 -23.88 -15.10 -23.18
CA ALA D 253 -22.45 -15.41 -23.25
C ALA D 253 -22.16 -16.71 -22.51
N ILE D 254 -22.55 -16.78 -21.23
CA ILE D 254 -22.33 -17.95 -20.40
C ILE D 254 -22.96 -19.19 -21.05
N ASN D 255 -24.25 -19.09 -21.41
CA ASN D 255 -25.00 -20.21 -22.00
C ASN D 255 -24.28 -20.75 -23.24
N GLU D 256 -23.68 -19.86 -24.02
CA GLU D 256 -22.96 -20.26 -25.21
C GLU D 256 -21.81 -21.23 -24.89
N THR D 257 -21.17 -21.05 -23.72
CA THR D 257 -20.05 -21.89 -23.30
C THR D 257 -20.52 -23.27 -22.80
N HIS D 258 -21.83 -23.48 -22.63
CA HIS D 258 -22.27 -24.77 -22.10
C HIS D 258 -22.73 -25.73 -23.21
N GLN D 259 -22.81 -25.23 -24.44
CA GLN D 259 -23.32 -26.04 -25.54
C GLN D 259 -22.17 -26.90 -26.06
N GLY D 260 -22.42 -28.21 -26.13
CA GLY D 260 -21.47 -29.17 -26.67
C GLY D 260 -21.28 -28.99 -28.19
N ARG D 261 -20.04 -29.11 -28.65
CA ARG D 261 -19.72 -28.82 -30.05
C ARG D 261 -19.39 -30.11 -30.79
N TYR D 262 -18.74 -31.05 -30.10
CA TYR D 262 -18.48 -32.38 -30.62
C TYR D 262 -18.20 -33.32 -29.45
N GLN D 263 -18.02 -34.61 -29.78
CA GLN D 263 -17.73 -35.62 -28.78
C GLN D 263 -16.38 -36.25 -29.09
N VAL D 264 -15.67 -36.61 -28.01
CA VAL D 264 -14.48 -37.44 -27.97
C VAL D 264 -14.64 -38.40 -26.80
N ASN D 265 -15.09 -39.64 -27.09
CA ASN D 265 -15.32 -40.67 -26.09
C ASN D 265 -16.43 -40.20 -25.16
N THR D 266 -16.15 -40.20 -23.84
CA THR D 266 -17.11 -39.79 -22.82
C THR D 266 -17.09 -38.27 -22.61
N MET D 267 -16.23 -37.55 -23.35
CA MET D 267 -16.14 -36.10 -23.16
C MET D 267 -16.72 -35.34 -24.36
N TYR D 268 -17.60 -34.39 -24.05
CA TYR D 268 -18.13 -33.42 -24.99
C TYR D 268 -17.32 -32.12 -24.86
N GLN D 269 -16.91 -31.57 -26.00
CA GLN D 269 -16.13 -30.34 -25.97
C GLN D 269 -17.06 -29.14 -26.17
N ALA D 270 -17.18 -28.31 -25.13
CA ALA D 270 -17.91 -27.07 -25.30
C ALA D 270 -16.89 -25.95 -25.51
N LEU D 271 -17.35 -24.71 -25.40
CA LEU D 271 -16.49 -23.55 -25.58
C LEU D 271 -15.78 -23.34 -24.25
N GLY D 272 -14.49 -23.72 -24.24
CA GLY D 272 -13.63 -23.69 -23.05
C GLY D 272 -13.85 -24.94 -22.20
N TRP D 273 -15.06 -25.04 -21.66
CA TRP D 273 -15.51 -26.11 -20.78
C TRP D 273 -15.44 -27.46 -21.46
N GLU D 274 -15.03 -28.45 -20.68
CA GLU D 274 -15.28 -29.84 -21.02
C GLU D 274 -16.57 -30.26 -20.35
N GLU D 275 -17.33 -31.10 -21.06
CA GLU D 275 -18.70 -31.46 -20.71
C GLU D 275 -18.84 -32.98 -20.64
N PHE D 276 -19.69 -33.43 -19.72
CA PHE D 276 -19.91 -34.86 -19.47
C PHE D 276 -21.36 -35.09 -19.06
N SER D 277 -21.89 -36.25 -19.46
CA SER D 277 -23.15 -36.74 -18.90
C SER D 277 -23.01 -36.85 -17.39
N TYR D 278 -23.99 -36.33 -16.65
CA TYR D 278 -24.04 -36.47 -15.20
C TYR D 278 -25.12 -37.46 -14.81
N PRO D 279 -24.87 -38.46 -13.91
CA PRO D 279 -23.61 -38.57 -13.18
C PRO D 279 -22.41 -39.05 -13.98
N ALA D 280 -21.25 -38.42 -13.75
CA ALA D 280 -20.00 -38.90 -14.33
C ALA D 280 -19.20 -39.60 -13.25
N THR D 281 -18.61 -40.75 -13.60
CA THR D 281 -17.78 -41.48 -12.66
C THR D 281 -16.40 -40.83 -12.58
N LEU D 282 -15.66 -41.11 -11.50
CA LEU D 282 -14.31 -40.58 -11.38
C LEU D 282 -13.50 -40.92 -12.63
N GLN D 283 -13.64 -42.17 -13.10
CA GLN D 283 -12.87 -42.67 -14.23
C GLN D 283 -13.14 -41.83 -15.49
N THR D 284 -14.40 -41.41 -15.69
CA THR D 284 -14.73 -40.60 -16.85
C THR D 284 -13.93 -39.30 -16.79
N LEU D 285 -13.96 -38.64 -15.63
CA LEU D 285 -13.39 -37.30 -15.50
C LEU D 285 -11.86 -37.38 -15.56
N LEU D 286 -11.28 -38.44 -14.97
CA LEU D 286 -9.84 -38.66 -15.02
C LEU D 286 -9.41 -38.84 -16.48
N ASP D 287 -10.21 -39.58 -17.25
CA ASP D 287 -9.87 -39.91 -18.62
C ASP D 287 -9.84 -38.65 -19.49
N SER D 288 -10.67 -37.66 -19.16
CA SER D 288 -10.79 -36.44 -19.96
C SER D 288 -9.46 -35.70 -20.12
N ASN D 289 -8.47 -36.03 -19.27
CA ASN D 289 -7.23 -35.28 -19.24
C ASN D 289 -6.02 -36.20 -19.41
N SER D 290 -6.25 -37.40 -19.96
CA SER D 290 -5.18 -38.35 -20.19
C SER D 290 -4.18 -37.81 -21.22
N GLU D 291 -2.97 -38.37 -21.19
CA GLU D 291 -1.93 -38.07 -22.16
C GLU D 291 -2.52 -38.03 -23.57
N GLN D 292 -3.42 -38.99 -23.86
CA GLN D 292 -3.93 -39.25 -25.20
C GLN D 292 -4.82 -38.09 -25.69
N ILE D 293 -5.68 -37.57 -24.81
CA ILE D 293 -6.60 -36.52 -25.20
C ILE D 293 -5.91 -35.15 -25.15
N VAL D 294 -4.96 -34.99 -24.21
CA VAL D 294 -4.31 -33.69 -24.01
C VAL D 294 -3.20 -33.50 -25.04
N MET D 295 -2.32 -34.51 -25.18
CA MET D 295 -1.03 -34.32 -25.83
C MET D 295 -1.00 -34.87 -27.26
N LYS D 296 -2.03 -35.62 -27.66
CA LYS D 296 -2.08 -36.28 -28.97
C LYS D 296 -3.34 -35.85 -29.72
N PRO D 297 -3.42 -36.00 -31.07
CA PRO D 297 -4.63 -35.67 -31.83
C PRO D 297 -5.71 -36.77 -31.80
N ASN D 298 -6.96 -36.38 -32.03
CA ASN D 298 -8.09 -37.29 -31.89
C ASN D 298 -9.21 -36.93 -32.86
N LYS D 299 -9.70 -37.93 -33.60
CA LYS D 299 -10.84 -37.77 -34.47
C LYS D 299 -12.06 -37.44 -33.62
N VAL D 300 -12.86 -36.46 -34.07
CA VAL D 300 -14.05 -36.03 -33.36
C VAL D 300 -15.27 -36.75 -33.95
N THR D 301 -16.44 -36.57 -33.33
CA THR D 301 -17.68 -37.16 -33.80
C THR D 301 -18.83 -36.18 -33.56
N ALA D 302 -19.86 -36.22 -34.41
CA ALA D 302 -21.04 -35.38 -34.24
C ALA D 302 -21.81 -35.81 -33.00
N ILE D 303 -22.38 -34.84 -32.29
CA ILE D 303 -23.27 -35.15 -31.20
C ILE D 303 -24.61 -35.55 -31.80
N SER D 304 -25.04 -36.79 -31.53
CA SER D 304 -26.32 -37.30 -31.99
C SER D 304 -27.39 -37.11 -30.91
N LYS D 305 -26.95 -36.67 -29.72
CA LYS D 305 -27.78 -36.43 -28.56
C LYS D 305 -26.92 -35.78 -27.48
N GLU D 306 -27.22 -34.51 -27.17
CA GLU D 306 -26.63 -33.82 -26.03
C GLU D 306 -27.25 -34.39 -24.74
N PRO D 307 -26.44 -34.71 -23.70
CA PRO D 307 -26.97 -35.29 -22.46
C PRO D 307 -28.05 -34.41 -21.86
N SER D 308 -29.10 -35.05 -21.30
CA SER D 308 -30.17 -34.30 -20.66
C SER D 308 -29.64 -33.56 -19.42
N VAL D 309 -28.81 -34.23 -18.62
CA VAL D 309 -28.16 -33.63 -17.47
C VAL D 309 -26.64 -33.68 -17.68
N LYS D 310 -25.96 -32.55 -17.38
CA LYS D 310 -24.57 -32.36 -17.74
C LYS D 310 -23.79 -31.88 -16.50
N MET D 311 -22.47 -32.08 -16.53
CA MET D 311 -21.55 -31.39 -15.63
C MET D 311 -20.38 -30.90 -16.47
N TYR D 312 -19.55 -30.02 -15.89
CA TYR D 312 -18.45 -29.49 -16.68
C TYR D 312 -17.26 -29.27 -15.75
N HIS D 313 -16.06 -29.30 -16.34
CA HIS D 313 -14.86 -28.99 -15.59
C HIS D 313 -13.79 -28.39 -16.50
N LYS D 314 -12.70 -27.94 -15.88
CA LYS D 314 -11.53 -27.50 -16.62
C LYS D 314 -10.35 -27.48 -15.65
N THR D 315 -9.19 -27.95 -16.15
CA THR D 315 -7.92 -27.91 -15.44
C THR D 315 -7.09 -26.74 -15.98
N GLY D 316 -6.13 -26.28 -15.18
CA GLY D 316 -5.23 -25.26 -15.69
C GLY D 316 -3.91 -25.34 -14.92
N SER D 317 -2.81 -25.16 -15.67
CA SER D 317 -1.49 -25.12 -15.05
C SER D 317 -0.68 -23.97 -15.64
N THR D 318 0.19 -23.39 -14.82
CA THR D 318 1.32 -22.63 -15.34
C THR D 318 2.52 -23.25 -14.68
N SER D 319 3.73 -22.73 -14.95
CA SER D 319 4.89 -23.41 -14.41
C SER D 319 4.77 -23.56 -12.88
N GLY D 320 4.11 -22.60 -12.22
CA GLY D 320 4.13 -22.65 -10.77
C GLY D 320 2.75 -22.68 -10.12
N PHE D 321 1.69 -22.94 -10.91
CA PHE D 321 0.36 -22.92 -10.32
C PHE D 321 -0.49 -24.07 -10.89
N GLY D 322 -1.36 -24.62 -10.03
CA GLY D 322 -2.43 -25.54 -10.43
C GLY D 322 -3.84 -25.01 -10.19
N THR D 323 -4.78 -25.33 -11.11
CA THR D 323 -6.15 -24.86 -11.03
C THR D 323 -7.08 -26.02 -11.42
N TYR D 324 -8.21 -26.09 -10.74
CA TYR D 324 -9.30 -26.97 -11.15
C TYR D 324 -10.60 -26.28 -10.78
N VAL D 325 -11.53 -26.25 -11.75
CA VAL D 325 -12.87 -25.73 -11.51
C VAL D 325 -13.89 -26.74 -12.04
N VAL D 326 -15.03 -26.84 -11.35
CA VAL D 326 -16.01 -27.88 -11.70
C VAL D 326 -17.39 -27.42 -11.24
N PHE D 327 -18.43 -27.73 -12.03
CA PHE D 327 -19.76 -27.42 -11.54
C PHE D 327 -20.76 -28.45 -12.07
N ILE D 328 -21.86 -28.58 -11.34
CA ILE D 328 -22.89 -29.57 -11.66
C ILE D 328 -24.22 -28.85 -11.53
N PRO D 329 -24.82 -28.41 -12.66
CA PRO D 329 -26.05 -27.60 -12.61
C PRO D 329 -27.16 -28.21 -11.76
N LYS D 330 -27.45 -29.49 -11.99
CA LYS D 330 -28.55 -30.19 -11.33
C LYS D 330 -28.44 -30.12 -9.80
N GLU D 331 -27.21 -30.18 -9.29
CA GLU D 331 -26.94 -30.21 -7.86
C GLU D 331 -26.69 -28.79 -7.31
N ASN D 332 -26.75 -27.79 -8.19
CA ASN D 332 -26.47 -26.39 -7.86
C ASN D 332 -25.18 -26.28 -7.02
N ILE D 333 -24.10 -26.91 -7.49
CA ILE D 333 -22.88 -26.91 -6.71
C ILE D 333 -21.66 -26.82 -7.64
N GLY D 334 -20.55 -26.20 -7.19
CA GLY D 334 -19.32 -26.20 -7.98
C GLY D 334 -18.12 -26.11 -7.05
N LEU D 335 -16.91 -26.43 -7.54
CA LEU D 335 -15.74 -26.28 -6.68
C LEU D 335 -14.59 -25.58 -7.42
N VAL D 336 -13.78 -24.83 -6.68
CA VAL D 336 -12.56 -24.24 -7.22
C VAL D 336 -11.37 -24.62 -6.31
N MET D 337 -10.28 -25.11 -6.94
CA MET D 337 -8.99 -25.33 -6.29
C MET D 337 -7.94 -24.48 -7.00
N LEU D 338 -7.16 -23.72 -6.20
CA LEU D 338 -6.02 -22.95 -6.69
C LEU D 338 -4.81 -23.35 -5.83
N THR D 339 -3.72 -23.82 -6.47
CA THR D 339 -2.46 -24.00 -5.74
C THR D 339 -1.34 -23.12 -6.32
N ASN D 340 -0.38 -22.74 -5.48
CA ASN D 340 0.79 -22.06 -6.04
C ASN D 340 1.94 -23.07 -6.16
N LYS D 341 1.60 -24.34 -6.43
CA LYS D 341 2.54 -25.26 -7.08
C LYS D 341 1.68 -26.24 -7.87
N ARG D 342 2.19 -26.71 -9.02
CA ARG D 342 1.46 -27.74 -9.77
C ARG D 342 1.40 -29.01 -8.92
N ILE D 343 0.23 -29.68 -8.92
CA ILE D 343 0.05 -31.06 -8.50
C ILE D 343 -0.61 -31.84 -9.62
N PRO D 344 -0.46 -33.18 -9.71
CA PRO D 344 -1.02 -33.93 -10.85
C PRO D 344 -2.53 -33.65 -10.96
N ASN D 345 -3.04 -33.51 -12.19
CA ASN D 345 -4.47 -33.28 -12.42
C ASN D 345 -5.33 -34.35 -11.77
N GLU D 346 -4.90 -35.60 -11.86
CA GLU D 346 -5.66 -36.69 -11.28
C GLU D 346 -5.92 -36.41 -9.80
N GLU D 347 -4.97 -35.78 -9.09
CA GLU D 347 -5.19 -35.50 -7.68
C GLU D 347 -6.21 -34.36 -7.50
N ARG D 348 -6.24 -33.40 -8.44
CA ARG D 348 -7.20 -32.32 -8.32
C ARG D 348 -8.63 -32.86 -8.50
N ILE D 349 -8.83 -33.59 -9.61
CA ILE D 349 -10.12 -34.21 -9.96
C ILE D 349 -10.60 -35.13 -8.83
N LYS D 350 -9.82 -36.15 -8.46
CA LYS D 350 -10.21 -37.08 -7.40
C LYS D 350 -10.54 -36.35 -6.09
N ALA D 351 -9.79 -35.30 -5.75
CA ALA D 351 -10.05 -34.65 -4.47
C ALA D 351 -11.38 -33.89 -4.51
N ALA D 352 -11.62 -33.20 -5.62
CA ALA D 352 -12.89 -32.53 -5.86
C ALA D 352 -14.01 -33.58 -5.95
N TYR D 353 -13.75 -34.67 -6.67
CA TYR D 353 -14.77 -35.70 -6.85
C TYR D 353 -15.26 -36.20 -5.49
N VAL D 354 -14.32 -36.65 -4.65
CA VAL D 354 -14.63 -37.17 -3.34
C VAL D 354 -15.41 -36.13 -2.53
N VAL D 355 -14.98 -34.86 -2.53
CA VAL D 355 -15.68 -33.82 -1.77
C VAL D 355 -17.11 -33.62 -2.30
N LEU D 356 -17.28 -33.46 -3.62
CA LEU D 356 -18.58 -33.08 -4.14
C LEU D 356 -19.55 -34.27 -4.07
N ASN D 357 -19.02 -35.49 -3.98
CA ASN D 357 -19.86 -36.68 -3.85
C ASN D 357 -20.04 -37.05 -2.38
N ALA D 358 -19.89 -36.09 -1.46
CA ALA D 358 -19.93 -36.38 -0.02
C ALA D 358 -20.67 -35.30 0.75
N ILE D 359 -20.74 -34.08 0.19
CA ILE D 359 -21.53 -33.01 0.78
C ILE D 359 -23.00 -33.43 0.69
N LYS D 360 -23.87 -32.72 1.44
CA LYS D 360 -25.29 -32.98 1.66
C LYS D 360 -25.43 -33.82 2.93
F18 P1K E . 4.83 34.82 21.43
F18 P1K E . 2.09 33.22 18.88
C13 P1K E . 3.70 34.12 21.42
C13 P1K E . 1.76 33.89 19.96
F16 P1K E . 3.03 34.46 22.52
F16 P1K E . 1.78 33.06 21.00
F17 P1K E . 4.09 32.84 21.48
F17 P1K E . 0.51 34.29 19.76
C12 P1K E . 2.86 34.39 20.13
C12 P1K E . 2.69 35.12 20.20
S11 P1K E . 1.37 33.65 19.76
S11 P1K E . 4.19 34.96 20.95
O14 P1K E . 0.42 34.63 19.26
O14 P1K E . 5.14 35.83 20.29
O15 P1K E . 1.46 32.65 18.75
O15 P1K E . 4.08 35.36 22.34
N10 P1K E . 0.70 32.99 21.06
N10 P1K E . 4.80 33.46 20.91
C9 P1K E . 0.39 31.58 20.80
C9 P1K E . 4.87 32.77 22.22
C7 P1K E . 1.45 30.82 21.56
C7 P1K E . 4.03 31.51 22.17
N6 P1K E . 1.83 31.08 22.84
N6 P1K E . 2.67 31.47 22.03
N5 P1K E . 2.86 30.18 23.20
N5 P1K E . 2.26 30.11 22.00
C8 P1K E . 2.22 29.78 21.04
C8 P1K E . 4.49 30.19 22.23
N4 P1K E . 3.03 29.41 22.03
N4 P1K E . 3.43 29.37 22.12
C1 P1K E . 4.06 28.39 22.16
C1 P1K E . 3.25 27.90 22.14
B1 P1K E . 4.04 27.41 20.89
B1 P1K E . 3.83 27.10 20.87
O2 P1K E . 2.80 26.67 20.94
O2 P1K E . 2.98 25.97 20.54
O3 P1K E . 4.25 28.21 19.61
O3 P1K E . 3.89 28.02 19.66
P1 P1K E . 1.98 25.85 19.81
P1 P1K E . 1.73 25.77 19.50
O4 P1K E . 2.31 24.37 19.97
O4 P1K E . 1.81 26.74 18.33
O5 P1K E . 2.26 26.37 18.42
O5 P1K E . 0.41 25.95 20.23
O6 P1K E . 0.49 25.95 20.09
O6 P1K E . 1.72 24.36 18.94
F18 P1K F . 29.94 5.20 -2.29
C13 P1K F . 28.88 4.63 -1.65
F16 P1K F . 28.85 5.08 -0.41
F17 P1K F . 29.10 3.32 -1.49
C12 P1K F . 27.51 4.99 -2.35
S11 P1K F . 26.31 3.82 -2.71
O14 P1K F . 25.20 4.26 -3.52
O15 P1K F . 26.82 2.74 -3.52
N10 P1K F . 25.66 3.43 -1.31
C9 P1K F . 25.03 2.11 -1.38
C7 P1K F . 26.02 1.24 -0.63
N6 P1K F . 26.52 1.47 0.62
N5 P1K F . 27.42 0.42 0.94
C8 P1K F . 26.56 0.04 -1.14
N4 P1K F . 27.37 -0.41 -0.18
C1 P1K F . 28.18 -1.57 -0.04
B1 P1K F . 28.22 -2.50 -1.33
O2 P1K F . 27.00 -2.69 -2.04
O3 P1K F . 28.76 -1.74 -2.51
P1 P1K F . 25.80 -3.71 -2.17
O4 P1K F . 26.09 -5.01 -1.50
O5 P1K F . 25.40 -3.86 -3.65
O6 P1K F . 24.56 -3.03 -1.52
F18 P1K G . -19.50 6.80 2.12
C13 P1K G . -18.58 6.22 2.90
F16 P1K G . -17.96 7.12 3.67
F17 P1K G . -17.70 5.67 2.07
C12 P1K G . -19.36 5.23 3.83
S11 P1K G . -18.86 3.65 4.18
O14 P1K G . -17.41 3.58 4.16
O15 P1K G . -19.29 3.24 5.48
N10 P1K G . -19.59 2.58 3.19
C9 P1K G . -19.55 2.94 1.76
C7 P1K G . -20.84 3.61 1.31
N6 P1K G . -20.93 4.74 0.57
N5 P1K G . -22.28 5.04 0.37
C8 P1K G . -22.11 3.14 1.60
N4 P1K G . -22.95 4.00 1.04
C1 P1K G . -24.39 4.04 0.94
B1 P1K G . -25.24 4.41 2.25
O2 P1K G . -25.46 3.24 3.05
O3 P1K G . -24.57 5.32 3.26
P1 P1K G . -26.34 1.93 2.71
O4 P1K G . -26.66 1.36 4.08
O5 P1K G . -27.58 2.32 1.94
O6 P1K G . -25.52 0.99 1.85
F18 P1K H . 3.91 -21.85 -18.31
C13 P1K H . 3.52 -22.94 -19.00
F16 P1K H . 4.03 -22.93 -20.23
F17 P1K H . 2.19 -22.87 -19.19
C12 P1K H . 4.10 -24.19 -18.26
S11 P1K H . 3.12 -25.53 -17.90
O14 P1K H . 3.62 -26.26 -16.77
O15 P1K H . 1.80 -25.10 -17.51
N10 P1K H . 3.07 -26.55 -19.15
C9 P1K H . 1.79 -27.28 -19.24
C7 P1K H . 0.80 -26.49 -20.06
N6 P1K H . 1.06 -25.66 -21.13
N5 P1K H . -0.16 -25.09 -21.60
C8 P1K H . -0.57 -26.48 -19.84
N4 P1K H . -1.11 -25.66 -20.75
C1 P1K H . -2.45 -25.27 -21.06
B1 P1K H . -3.39 -25.12 -19.78
O2 P1K H . -3.49 -26.27 -18.91
O3 P1K H . -2.77 -24.15 -18.80
P1 P1K H . -4.09 -27.72 -19.25
O4 P1K H . -3.04 -28.62 -19.91
O5 P1K H . -5.27 -27.44 -20.11
O6 P1K H . -4.47 -28.41 -17.95
#